data_5XEZ
#
_entry.id   5XEZ
#
_cell.length_a   72.610
_cell.length_b   245.330
_cell.length_c   96.150
_cell.angle_alpha   90.00
_cell.angle_beta   90.01
_cell.angle_gamma   90.00
#
_symmetry.space_group_name_H-M   'P 1 21 1'
#
loop_
_entity.id
_entity.type
_entity.pdbx_description
1 polymer 'Glucagon receptor,Endolysin,Glucagon receptor'
2 polymer 'Antibody, mAb1, heavy chain'
3 polymer 'Antibody, mAb1, light chain'
4 branched 2-acetamido-2-deoxy-beta-D-glucopyranose-(1-4)-2-acetamido-2-deoxy-beta-D-glucopyranose
5 non-polymer 2-acetamido-2-deoxy-beta-D-glucopyranose
6 non-polymer 4-{[(4-cyclohexylphenyl){[3-(methylsulfonyl)phenyl]carbamoyl}amino]methyl}-N-(1H-tetrazol-5-yl)benzamide
#
loop_
_entity_poly.entity_id
_entity_poly.type
_entity_poly.pdbx_seq_one_letter_code
_entity_poly.pdbx_strand_id
1 'polypeptide(L)'
;GAPQVMDFLFEKWKLYGDQCHHNLSLLPPPTELVCNRTFDKYSCWPDTPANTTANISCPWYLPWHHKVQHRFVFKRCGPD
GQWVRGPRGQPWRDASQCQMDGEEIEVQKEVAKMYSSFQVMYTVGYSLSLGALLLALAILGGLSKLHCTRNAIHANLFAS
FVLKASSVLVIDGLLRTRYSQKIGDDLSVSTWLSDGAVAGCRVAAVFMQYGIVANYCWLLVEGLYLHNLLGLANIFEMLR
IDEGLRLKIYKDTEGYYTIGIGHLLTKSPSLNAAKSELDKAIGRNTNGVITKDEAEKLFNQDVDAAVRGILRNAKLKPVY
DSLDAVRRAALINMVFQMGETGVAGFTNSLRMLQQKRWDEAAVNLAKSRWYNQTPNRAKRVITTFRTGTWDAYERSFFSL
YLGIGWGAPMLFVVPWAVVKCLFENVQCWTSNDNMGFWWILRFPVFLAILINFFIFVRIVQLLVAKLRARQMHHTDYKFR
LAKSTLTLIPLLGVHEVVFAFVTDEHAQGTLRSAKLFFDLFLSSFQGLLVAVLYCFLNKEVQSELRRRWHRWRLGKVLWE
ERNTSNEFLEVLFQ
;
A,B
2 'polypeptide(L)'
;QVQLVESGGGVVQPGRSLRLSCAASGFTFSSYGMHWVRQAPGKGLEWVAVMYYDGSNKDYVDSVKGRFTISRDNSKNTLY
LQMNRLRAEDTAVYYCAREKDHYDILTGYNYYYGLDVWGQGTTVTVSSASTKGPSVFPLAPSSKSTSGGTAALGCLVKDY
FPEPVTVSWNSGALTSGVHTFPAVLQSSGLYSLSSVVTVPSSSLGTQTYICNVNHKPSNTKVDKKVEPKSC
;
C,H
3 'polypeptide(L)'
;DIQMTQSPSSLSASVGDRVTITCRASQGIRNDLGWYQQKPGKAPKRLIYAASSLESGVPSRFSGSGSGTEFTLTISSVQP
EDFVTYYCLQHNSNPLTFGGGTKVEIKRTVAAPSVFIFPPSDEQLKSGTASVVCLLNNFYPREAKVQWKVDNALQSGNSQ
ESVTEQDSKDSTYSLSSTLTLSKADYEKHKVYACEVTHQGLSSPVTKSFNRGEC
;
D,L
#
loop_
_chem_comp.id
_chem_comp.type
_chem_comp.name
_chem_comp.formula
97V non-polymer 4-{[(4-cyclohexylphenyl){[3-(methylsulfonyl)phenyl]carbamoyl}amino]methyl}-N-(1H-tetrazol-5-yl)benzamide 'C29 H31 N7 O4 S'
NAG D-saccharide, beta linking 2-acetamido-2-deoxy-beta-D-glucopyranose 'C8 H15 N O6'
#
# COMPACT_ATOMS: atom_id res chain seq x y z
N GLN A 4 -6.30 -48.67 21.90
CA GLN A 4 -7.05 -49.73 22.64
C GLN A 4 -7.73 -50.74 21.69
N VAL A 5 -8.91 -50.35 21.21
CA VAL A 5 -9.78 -51.15 20.34
C VAL A 5 -9.25 -51.02 18.90
N MET A 6 -8.83 -49.81 18.53
CA MET A 6 -8.14 -49.54 17.26
C MET A 6 -6.82 -50.32 17.09
N ASP A 7 -6.14 -50.57 18.21
CA ASP A 7 -4.88 -51.35 18.20
C ASP A 7 -5.07 -52.80 17.73
N PHE A 8 -6.17 -53.43 18.13
CA PHE A 8 -6.55 -54.76 17.63
C PHE A 8 -6.75 -54.74 16.12
N LEU A 9 -7.54 -53.78 15.64
CA LEU A 9 -7.82 -53.62 14.21
C LEU A 9 -6.56 -53.33 13.41
N PHE A 10 -5.69 -52.52 13.98
CA PHE A 10 -4.40 -52.20 13.38
C PHE A 10 -3.55 -53.47 13.12
N GLU A 11 -3.63 -54.44 14.03
CA GLU A 11 -2.83 -55.67 13.89
C GLU A 11 -3.41 -56.59 12.79
N LYS A 12 -4.73 -56.73 12.76
CA LYS A 12 -5.43 -57.44 11.67
C LYS A 12 -5.24 -56.77 10.31
N TRP A 13 -5.33 -55.44 10.28
CA TRP A 13 -5.09 -54.66 9.06
C TRP A 13 -3.69 -54.89 8.51
N LYS A 14 -2.71 -54.74 9.40
CA LYS A 14 -1.30 -55.03 9.10
C LYS A 14 -1.11 -56.48 8.61
N LEU A 15 -1.78 -57.42 9.28
CA LEU A 15 -1.69 -58.84 8.94
C LEU A 15 -2.21 -59.11 7.52
N TYR A 16 -3.42 -58.65 7.22
CA TYR A 16 -3.95 -58.62 5.83
C TYR A 16 -2.90 -58.07 4.86
N GLY A 17 -2.23 -56.99 5.28
CA GLY A 17 -1.16 -56.37 4.53
C GLY A 17 0.03 -57.26 4.23
N ASP A 18 0.46 -58.03 5.23
CA ASP A 18 1.56 -58.99 5.05
C ASP A 18 1.09 -60.19 4.22
N GLN A 19 -0.09 -60.70 4.59
CA GLN A 19 -0.79 -61.75 3.83
C GLN A 19 -0.95 -61.39 2.36
N CYS A 20 -1.22 -60.12 2.07
CA CYS A 20 -1.32 -59.63 0.71
C CYS A 20 0.05 -59.67 0.03
N HIS A 21 1.02 -58.95 0.60
CA HIS A 21 2.40 -58.89 0.06
C HIS A 21 3.01 -60.26 -0.18
N HIS A 22 2.74 -61.21 0.72
CA HIS A 22 3.21 -62.60 0.55
C HIS A 22 2.44 -63.33 -0.57
N ASN A 23 1.11 -63.20 -0.57
CA ASN A 23 0.26 -63.72 -1.66
C ASN A 23 0.69 -63.22 -3.03
N LEU A 24 0.99 -61.92 -3.11
CA LEU A 24 1.26 -61.25 -4.39
C LEU A 24 2.64 -61.57 -4.96
N SER A 25 3.57 -61.98 -4.08
CA SER A 25 4.93 -62.32 -4.50
C SER A 25 5.02 -63.59 -5.35
N LEU A 26 4.20 -64.59 -5.01
CA LEU A 26 4.23 -65.90 -5.70
C LEU A 26 3.59 -65.95 -7.09
N LEU A 27 2.87 -64.91 -7.50
CA LEU A 27 2.21 -64.88 -8.81
C LEU A 27 3.23 -64.59 -9.93
N PRO A 28 2.99 -65.10 -11.15
CA PRO A 28 3.97 -64.95 -12.23
C PRO A 28 4.00 -63.51 -12.78
N PRO A 29 5.13 -63.09 -13.40
CA PRO A 29 5.13 -61.76 -14.02
C PRO A 29 4.16 -61.67 -15.22
N PRO A 30 3.68 -60.45 -15.53
CA PRO A 30 2.65 -60.29 -16.57
C PRO A 30 3.24 -60.06 -17.95
N THR A 31 2.80 -60.85 -18.93
CA THR A 31 3.20 -60.67 -20.33
C THR A 31 2.67 -59.35 -20.92
N GLU A 32 1.48 -58.94 -20.48
CA GLU A 32 0.81 -57.73 -21.02
C GLU A 32 1.12 -56.49 -20.19
N LEU A 33 0.70 -55.34 -20.72
CA LEU A 33 0.71 -54.07 -19.99
C LEU A 33 -0.54 -53.99 -19.11
N VAL A 34 -0.34 -54.08 -17.80
CA VAL A 34 -1.43 -54.10 -16.82
C VAL A 34 -1.19 -53.04 -15.75
N CYS A 35 -2.23 -52.76 -14.97
CA CYS A 35 -2.05 -52.05 -13.70
C CYS A 35 -1.39 -53.03 -12.75
N ASN A 36 -0.14 -52.74 -12.41
CA ASN A 36 0.64 -53.57 -11.51
C ASN A 36 -0.13 -53.90 -10.23
N ARG A 37 -0.03 -55.16 -9.83
CA ARG A 37 -0.65 -55.64 -8.60
C ARG A 37 -0.18 -54.82 -7.41
N THR A 38 -1.09 -54.54 -6.48
CA THR A 38 -0.74 -53.77 -5.29
C THR A 38 -1.68 -54.03 -4.13
N PHE A 39 -1.14 -53.86 -2.93
CA PHE A 39 -1.93 -53.62 -1.73
C PHE A 39 -2.07 -52.11 -1.59
N ASP A 40 -3.25 -51.58 -1.91
CA ASP A 40 -3.46 -50.14 -1.91
C ASP A 40 -3.90 -49.59 -0.55
N LYS A 41 -3.36 -50.16 0.53
CA LYS A 41 -3.77 -49.86 1.91
C LYS A 41 -5.18 -50.37 2.32
N TYR A 42 -6.06 -50.68 1.37
CA TYR A 42 -7.42 -51.13 1.68
C TYR A 42 -7.61 -52.60 1.38
N SER A 43 -7.33 -53.00 0.13
CA SER A 43 -7.40 -54.42 -0.24
C SER A 43 -6.26 -54.86 -1.15
N CYS A 44 -6.20 -56.16 -1.38
CA CYS A 44 -5.19 -56.78 -2.21
C CYS A 44 -5.73 -56.83 -3.63
N TRP A 45 -4.91 -56.42 -4.59
CA TRP A 45 -5.35 -56.24 -5.96
C TRP A 45 -4.40 -56.94 -6.92
N PRO A 46 -4.95 -57.81 -7.80
CA PRO A 46 -4.08 -58.50 -8.75
C PRO A 46 -3.73 -57.58 -9.91
N ASP A 47 -2.81 -58.03 -10.75
CA ASP A 47 -2.59 -57.43 -12.07
C ASP A 47 -3.92 -57.30 -12.79
N THR A 48 -4.22 -56.11 -13.30
CA THR A 48 -5.47 -55.89 -14.03
C THR A 48 -5.19 -55.25 -15.39
N PRO A 49 -5.83 -55.76 -16.46
CA PRO A 49 -5.69 -55.12 -17.77
C PRO A 49 -6.24 -53.70 -17.76
N ALA A 50 -5.65 -52.82 -18.58
CA ALA A 50 -6.12 -51.44 -18.67
C ALA A 50 -7.56 -51.36 -19.19
N ASN A 51 -8.17 -50.18 -19.02
CA ASN A 51 -9.58 -49.94 -19.41
C ASN A 51 -10.60 -50.88 -18.76
N THR A 52 -10.36 -51.29 -17.51
CA THR A 52 -11.28 -52.16 -16.76
C THR A 52 -11.35 -51.86 -15.26
N THR A 53 -12.48 -52.25 -14.67
CA THR A 53 -12.75 -52.12 -13.25
C THR A 53 -12.62 -53.49 -12.60
N ALA A 54 -11.52 -53.70 -11.87
CA ALA A 54 -11.27 -54.93 -11.14
C ALA A 54 -12.17 -55.04 -9.91
N ASN A 55 -12.20 -56.23 -9.32
CA ASN A 55 -13.00 -56.46 -8.11
C ASN A 55 -12.34 -57.47 -7.18
N ILE A 56 -12.54 -57.25 -5.89
CA ILE A 56 -12.17 -58.21 -4.87
C ILE A 56 -13.16 -58.02 -3.72
N SER A 57 -13.51 -59.11 -3.03
CA SER A 57 -14.48 -59.07 -1.93
C SER A 57 -14.00 -58.15 -0.79
N CYS A 58 -14.94 -57.63 0.00
CA CYS A 58 -14.64 -56.68 1.06
C CYS A 58 -13.65 -57.26 2.10
N PRO A 59 -12.53 -56.56 2.35
CA PRO A 59 -11.45 -57.11 3.20
C PRO A 59 -11.91 -57.64 4.57
N TRP A 60 -11.34 -58.75 5.00
CA TRP A 60 -11.78 -59.45 6.22
C TRP A 60 -11.42 -58.77 7.56
N TYR A 61 -10.40 -57.92 7.58
CA TYR A 61 -10.03 -57.20 8.83
C TYR A 61 -11.13 -56.28 9.40
N LEU A 62 -12.07 -55.87 8.55
CA LEU A 62 -13.13 -54.96 8.94
C LEU A 62 -13.99 -55.55 10.06
N PRO A 63 -14.23 -54.77 11.15
CA PRO A 63 -15.06 -55.29 12.26
C PRO A 63 -16.43 -55.84 11.83
N TRP A 64 -16.98 -55.28 10.75
CA TRP A 64 -18.28 -55.68 10.20
C TRP A 64 -18.14 -56.58 8.96
N HIS A 65 -17.04 -57.33 8.86
CA HIS A 65 -16.79 -58.22 7.73
C HIS A 65 -17.97 -59.13 7.37
N HIS A 66 -18.56 -59.78 8.38
CA HIS A 66 -19.61 -60.79 8.17
C HIS A 66 -20.87 -60.23 7.52
N LYS A 67 -21.21 -58.98 7.85
CA LYS A 67 -22.36 -58.29 7.26
C LYS A 67 -22.15 -57.87 5.80
N VAL A 68 -20.89 -57.71 5.40
CA VAL A 68 -20.52 -57.26 4.05
C VAL A 68 -19.61 -58.24 3.30
N GLN A 69 -19.53 -59.48 3.75
CA GLN A 69 -18.67 -60.50 3.11
C GLN A 69 -19.15 -60.86 1.70
N HIS A 70 -20.46 -60.83 1.47
CA HIS A 70 -21.03 -61.03 0.14
C HIS A 70 -20.77 -59.84 -0.81
N ARG A 71 -20.55 -58.66 -0.26
CA ARG A 71 -20.34 -57.42 -1.03
C ARG A 71 -18.89 -57.31 -1.56
N PHE A 72 -18.69 -56.46 -2.57
CA PHE A 72 -17.38 -56.27 -3.24
C PHE A 72 -16.91 -54.80 -3.23
N VAL A 73 -15.58 -54.63 -3.24
CA VAL A 73 -14.93 -53.32 -3.53
C VAL A 73 -14.44 -53.34 -4.98
N PHE A 74 -14.48 -52.18 -5.63
CA PHE A 74 -14.02 -52.02 -7.03
C PHE A 74 -12.90 -51.00 -7.13
N LYS A 75 -12.17 -51.07 -8.24
CA LYS A 75 -11.03 -50.19 -8.48
C LYS A 75 -10.78 -50.11 -9.98
N ARG A 76 -10.80 -48.90 -10.53
CA ARG A 76 -10.61 -48.68 -11.96
C ARG A 76 -9.12 -48.69 -12.31
N CYS A 77 -8.76 -49.51 -13.29
CA CYS A 77 -7.42 -49.50 -13.88
C CYS A 77 -7.47 -48.63 -15.13
N GLY A 78 -6.69 -47.56 -15.15
CA GLY A 78 -6.84 -46.51 -16.15
C GLY A 78 -6.17 -46.80 -17.48
N PRO A 79 -6.58 -46.07 -18.56
CA PRO A 79 -6.05 -46.25 -19.91
C PRO A 79 -4.53 -46.28 -20.02
N ASP A 80 -3.89 -45.46 -19.19
CA ASP A 80 -2.44 -45.32 -19.14
C ASP A 80 -1.69 -46.64 -18.84
N GLY A 81 -2.35 -47.55 -18.11
CA GLY A 81 -1.69 -48.71 -17.50
C GLY A 81 -1.49 -48.50 -15.99
N GLN A 82 -1.67 -47.26 -15.53
CA GLN A 82 -1.62 -46.92 -14.10
C GLN A 82 -3.04 -46.94 -13.53
N TRP A 83 -3.16 -47.30 -12.26
CA TRP A 83 -4.46 -47.28 -11.56
C TRP A 83 -4.96 -45.85 -11.45
N VAL A 84 -6.27 -45.68 -11.23
CA VAL A 84 -6.85 -44.35 -11.04
C VAL A 84 -6.56 -43.86 -9.63
N ARG A 85 -6.02 -42.65 -9.53
CA ARG A 85 -5.67 -42.00 -8.27
C ARG A 85 -6.69 -40.93 -7.89
N GLY A 86 -6.68 -40.55 -6.61
CA GLY A 86 -7.45 -39.40 -6.10
C GLY A 86 -6.68 -38.10 -6.22
N PRO A 87 -7.19 -37.01 -5.61
CA PRO A 87 -6.64 -35.67 -5.87
C PRO A 87 -5.17 -35.49 -5.51
N ARG A 88 -4.74 -36.16 -4.44
CA ARG A 88 -3.33 -36.14 -4.00
C ARG A 88 -2.49 -37.31 -4.53
N GLY A 89 -2.96 -38.00 -5.58
CA GLY A 89 -2.29 -39.17 -6.11
C GLY A 89 -2.40 -40.43 -5.26
N GLN A 90 -3.24 -40.41 -4.23
CA GLN A 90 -3.42 -41.55 -3.33
C GLN A 90 -4.21 -42.62 -4.06
N PRO A 91 -4.21 -43.85 -3.52
CA PRO A 91 -5.03 -44.87 -4.17
C PRO A 91 -6.51 -44.53 -4.09
N TRP A 92 -7.21 -44.75 -5.19
CA TRP A 92 -8.64 -44.49 -5.26
C TRP A 92 -9.36 -45.81 -5.50
N ARG A 93 -10.50 -45.99 -4.83
CA ARG A 93 -11.37 -47.14 -5.04
C ARG A 93 -12.84 -46.80 -4.76
N ASP A 94 -13.73 -47.73 -5.10
CA ASP A 94 -15.13 -47.67 -4.68
C ASP A 94 -15.40 -48.82 -3.70
N ALA A 95 -15.23 -48.52 -2.41
CA ALA A 95 -15.68 -49.42 -1.33
C ALA A 95 -16.94 -48.84 -0.69
N SER A 96 -17.91 -48.45 -1.53
CA SER A 96 -19.20 -47.97 -1.06
C SER A 96 -19.97 -49.10 -0.39
N GLN A 97 -19.87 -50.28 -1.00
CA GLN A 97 -20.55 -51.47 -0.50
C GLN A 97 -20.00 -51.93 0.85
N CYS A 98 -18.68 -52.00 0.96
CA CYS A 98 -18.00 -52.41 2.20
C CYS A 98 -18.11 -51.40 3.35
N GLN A 99 -18.59 -50.18 3.08
CA GLN A 99 -18.62 -49.12 4.09
C GLN A 99 -19.51 -49.52 5.27
N MET A 100 -19.20 -49.00 6.44
CA MET A 100 -19.93 -49.33 7.67
C MET A 100 -21.39 -48.92 7.62
N ASP A 101 -22.17 -49.46 8.55
CA ASP A 101 -23.54 -49.01 8.80
C ASP A 101 -23.48 -48.13 10.05
N GLY A 102 -22.89 -46.95 9.87
CA GLY A 102 -22.64 -46.01 10.95
C GLY A 102 -22.08 -44.70 10.42
N GLU A 103 -21.59 -43.85 11.32
CA GLU A 103 -21.06 -42.54 10.95
C GLU A 103 -19.77 -42.23 11.70
N GLU A 104 -18.79 -41.66 11.00
CA GLU A 104 -17.64 -41.03 11.62
C GLU A 104 -18.16 -39.71 12.18
N ILE A 105 -18.45 -39.68 13.48
CA ILE A 105 -18.92 -38.47 14.14
C ILE A 105 -17.70 -37.72 14.70
N GLU A 106 -17.44 -36.56 14.12
CA GLU A 106 -16.29 -35.73 14.48
C GLU A 106 -16.60 -34.88 15.69
N VAL A 107 -15.74 -34.99 16.71
CA VAL A 107 -15.92 -34.30 17.98
C VAL A 107 -14.65 -33.47 18.27
N GLN A 108 -14.84 -32.15 18.40
CA GLN A 108 -13.75 -31.18 18.60
C GLN A 108 -12.85 -31.46 19.81
N LYS A 109 -11.57 -31.07 19.69
CA LYS A 109 -10.52 -31.37 20.69
C LYS A 109 -10.92 -30.99 22.13
N GLU A 110 -11.54 -29.82 22.29
CA GLU A 110 -11.87 -29.28 23.61
C GLU A 110 -13.22 -29.77 24.12
N VAL A 111 -14.16 -30.01 23.20
CA VAL A 111 -15.42 -30.68 23.53
C VAL A 111 -15.16 -32.15 23.83
N ALA A 112 -14.18 -32.75 23.13
CA ALA A 112 -13.82 -34.17 23.30
C ALA A 112 -13.15 -34.45 24.64
N LYS A 113 -12.16 -33.61 24.97
CA LYS A 113 -11.47 -33.70 26.26
C LYS A 113 -12.42 -33.43 27.44
N MET A 114 -13.38 -32.53 27.24
CA MET A 114 -14.41 -32.20 28.23
C MET A 114 -15.36 -33.35 28.52
N TYR A 115 -15.92 -33.97 27.47
CA TYR A 115 -16.80 -35.12 27.72
C TYR A 115 -16.05 -36.30 28.38
N SER A 116 -14.77 -36.50 28.03
CA SER A 116 -13.97 -37.58 28.64
C SER A 116 -13.61 -37.29 30.11
N SER A 117 -13.53 -36.01 30.48
CA SER A 117 -13.36 -35.58 31.88
C SER A 117 -14.66 -35.76 32.68
N PHE A 118 -15.76 -35.27 32.11
CA PHE A 118 -17.09 -35.32 32.74
C PHE A 118 -17.69 -36.75 32.73
N GLN A 119 -17.11 -37.63 31.90
CA GLN A 119 -17.39 -39.08 31.94
C GLN A 119 -16.82 -39.76 33.19
N VAL A 120 -15.59 -39.39 33.54
CA VAL A 120 -14.88 -39.94 34.72
C VAL A 120 -15.63 -39.57 36.02
N MET A 121 -16.22 -38.38 36.06
CA MET A 121 -17.03 -37.94 37.20
C MET A 121 -18.25 -38.84 37.46
N TYR A 122 -18.97 -39.20 36.39
CA TYR A 122 -20.20 -40.03 36.53
C TYR A 122 -19.89 -41.52 36.68
N THR A 123 -18.78 -41.98 36.09
CA THR A 123 -18.29 -43.37 36.26
C THR A 123 -17.91 -43.69 37.73
N VAL A 124 -17.34 -42.71 38.44
CA VAL A 124 -16.96 -42.89 39.85
C VAL A 124 -18.18 -42.78 40.77
N GLY A 125 -18.99 -41.74 40.58
CA GLY A 125 -20.22 -41.52 41.34
C GLY A 125 -21.09 -42.77 41.48
N TYR A 126 -21.29 -43.47 40.36
CA TYR A 126 -22.07 -44.72 40.34
C TYR A 126 -21.32 -45.89 40.99
N SER A 127 -20.02 -45.99 40.76
CA SER A 127 -19.18 -47.02 41.38
C SER A 127 -19.07 -46.84 42.91
N LEU A 128 -19.02 -45.59 43.34
CA LEU A 128 -19.03 -45.25 44.77
C LEU A 128 -20.41 -45.52 45.38
N SER A 129 -21.47 -45.31 44.60
CA SER A 129 -22.82 -45.74 44.96
C SER A 129 -23.00 -47.27 44.89
N LEU A 130 -22.21 -47.94 44.05
CA LEU A 130 -22.24 -49.41 43.94
C LEU A 130 -21.64 -50.07 45.18
N GLY A 131 -20.40 -49.70 45.51
CA GLY A 131 -19.71 -50.21 46.69
C GLY A 131 -20.43 -49.90 48.00
N ALA A 132 -20.99 -48.69 48.10
CA ALA A 132 -21.80 -48.29 49.25
C ALA A 132 -23.10 -49.11 49.39
N LEU A 133 -23.80 -49.34 48.27
CA LEU A 133 -25.00 -50.19 48.26
C LEU A 133 -24.70 -51.66 48.59
N LEU A 134 -23.66 -52.22 47.95
CA LEU A 134 -23.27 -53.61 48.19
C LEU A 134 -22.62 -53.84 49.56
N LEU A 135 -22.03 -52.79 50.15
CA LEU A 135 -21.61 -52.86 51.56
C LEU A 135 -22.84 -52.88 52.45
N ALA A 136 -23.74 -51.91 52.24
CA ALA A 136 -25.00 -51.82 52.98
C ALA A 136 -25.79 -53.13 52.98
N LEU A 137 -25.95 -53.76 51.81
CA LEU A 137 -26.56 -55.10 51.69
C LEU A 137 -25.78 -56.16 52.49
N ALA A 138 -24.46 -56.11 52.42
CA ALA A 138 -23.59 -56.99 53.22
C ALA A 138 -23.73 -56.72 54.73
N ILE A 139 -23.96 -55.45 55.09
CA ILE A 139 -24.29 -55.07 56.47
C ILE A 139 -25.66 -55.60 56.90
N LEU A 140 -26.69 -55.41 56.07
CA LEU A 140 -28.06 -55.80 56.42
C LEU A 140 -28.27 -57.32 56.35
N GLY A 141 -28.11 -57.90 55.16
CA GLY A 141 -28.40 -59.32 54.93
C GLY A 141 -27.51 -60.38 55.58
N GLY A 142 -26.23 -60.10 55.76
CA GLY A 142 -25.30 -61.05 56.39
C GLY A 142 -25.41 -61.23 57.90
N LEU A 143 -26.14 -60.32 58.57
CA LEU A 143 -25.99 -60.04 60.00
C LEU A 143 -27.24 -60.36 60.86
N SER A 144 -27.24 -59.91 62.13
CA SER A 144 -28.31 -60.20 63.09
C SER A 144 -29.62 -59.38 62.92
N LYS A 145 -29.76 -58.66 61.80
CA LYS A 145 -31.07 -58.22 61.31
C LYS A 145 -31.53 -59.18 60.19
N LEU A 146 -31.33 -60.48 60.45
CA LEU A 146 -31.45 -61.53 59.43
C LEU A 146 -32.86 -61.74 58.88
N HIS A 147 -33.87 -61.45 59.70
CA HIS A 147 -35.27 -61.68 59.37
C HIS A 147 -36.15 -60.46 59.75
N CYS A 148 -35.57 -59.26 59.69
CA CYS A 148 -36.28 -58.01 60.05
C CYS A 148 -37.10 -57.47 58.88
N THR A 149 -38.38 -57.19 59.14
CA THR A 149 -39.33 -56.71 58.12
C THR A 149 -39.10 -55.27 57.65
N ARG A 150 -38.66 -54.39 58.54
CA ARG A 150 -38.40 -52.99 58.19
C ARG A 150 -37.21 -52.86 57.22
N ASN A 151 -36.17 -53.65 57.45
CA ASN A 151 -34.98 -53.68 56.59
C ASN A 151 -35.23 -54.32 55.22
N ALA A 152 -36.13 -55.29 55.16
CA ALA A 152 -36.42 -56.00 53.90
C ALA A 152 -36.96 -55.09 52.80
N ILE A 153 -37.60 -53.97 53.16
CA ILE A 153 -37.99 -52.96 52.16
C ILE A 153 -36.77 -52.16 51.69
N HIS A 154 -35.91 -51.74 52.63
CA HIS A 154 -34.66 -51.04 52.31
C HIS A 154 -33.78 -51.87 51.39
N ALA A 155 -33.67 -53.17 51.71
CA ALA A 155 -32.83 -54.10 50.95
C ALA A 155 -33.20 -54.17 49.46
N ASN A 156 -34.50 -54.17 49.18
CA ASN A 156 -35.02 -54.22 47.79
C ASN A 156 -34.95 -52.90 47.05
N LEU A 157 -35.06 -51.79 47.79
CA LEU A 157 -34.77 -50.45 47.25
C LEU A 157 -33.31 -50.37 46.79
N PHE A 158 -32.40 -50.75 47.69
CA PHE A 158 -30.96 -50.75 47.40
C PHE A 158 -30.61 -51.60 46.18
N ALA A 159 -31.29 -52.75 46.05
CA ALA A 159 -31.12 -53.65 44.90
C ALA A 159 -31.54 -53.02 43.59
N SER A 160 -32.58 -52.18 43.61
CA SER A 160 -32.99 -51.41 42.43
C SER A 160 -31.93 -50.36 42.04
N PHE A 161 -31.39 -49.65 43.02
CA PHE A 161 -30.28 -48.72 42.79
C PHE A 161 -28.96 -49.41 42.40
N VAL A 162 -28.77 -50.65 42.87
CA VAL A 162 -27.66 -51.50 42.39
C VAL A 162 -27.91 -51.89 40.93
N LEU A 163 -29.15 -52.24 40.59
CA LEU A 163 -29.52 -52.56 39.20
C LEU A 163 -29.25 -51.38 38.26
N LYS A 164 -29.82 -50.21 38.57
CA LYS A 164 -29.60 -48.97 37.81
C LYS A 164 -28.10 -48.71 37.60
N ALA A 165 -27.36 -48.63 38.70
CA ALA A 165 -25.91 -48.35 38.68
C ALA A 165 -25.13 -49.36 37.83
N SER A 166 -25.38 -50.65 38.08
CA SER A 166 -24.80 -51.75 37.30
C SER A 166 -25.06 -51.64 35.80
N SER A 167 -26.26 -51.20 35.42
CA SER A 167 -26.64 -51.06 34.00
C SER A 167 -25.88 -49.95 33.25
N VAL A 168 -25.57 -48.87 33.95
CA VAL A 168 -24.86 -47.73 33.34
C VAL A 168 -23.38 -48.07 33.10
N LEU A 169 -22.75 -48.73 34.07
CA LEU A 169 -21.37 -49.23 33.92
C LEU A 169 -21.21 -50.19 32.73
N VAL A 170 -22.19 -51.09 32.55
CA VAL A 170 -22.22 -51.99 31.38
C VAL A 170 -22.28 -51.15 30.09
N ILE A 171 -23.21 -50.19 30.04
CA ILE A 171 -23.40 -49.33 28.86
C ILE A 171 -22.15 -48.54 28.47
N ASP A 172 -21.55 -47.86 29.45
CA ASP A 172 -20.29 -47.12 29.23
C ASP A 172 -19.19 -48.04 28.71
N GLY A 173 -18.96 -49.14 29.42
CA GLY A 173 -18.00 -50.17 29.02
C GLY A 173 -18.17 -50.68 27.59
N LEU A 174 -19.41 -50.73 27.12
CA LEU A 174 -19.72 -51.10 25.73
C LEU A 174 -19.53 -49.94 24.74
N LEU A 175 -19.90 -48.71 25.14
CA LEU A 175 -19.63 -47.52 24.31
C LEU A 175 -18.13 -47.13 24.23
N ARG A 176 -17.30 -47.62 25.16
CA ARG A 176 -15.83 -47.45 25.01
C ARG A 176 -15.23 -48.40 23.92
N THR A 177 -15.97 -49.45 23.53
CA THR A 177 -15.68 -50.32 22.33
C THR A 177 -15.57 -49.48 21.07
N ARG A 178 -16.44 -48.49 20.97
CA ARG A 178 -16.55 -47.67 19.77
C ARG A 178 -15.17 -47.23 19.28
N TYR A 179 -15.00 -47.29 17.95
CA TYR A 179 -13.69 -47.08 17.32
C TYR A 179 -13.45 -45.60 17.15
N SER A 180 -12.33 -45.11 17.66
CA SER A 180 -12.01 -43.69 17.63
C SER A 180 -10.56 -43.41 17.25
N GLN A 181 -10.34 -42.26 16.64
CA GLN A 181 -9.04 -41.90 16.06
C GLN A 181 -8.96 -40.39 15.90
N LYS A 182 -7.73 -39.89 15.82
CA LYS A 182 -7.48 -38.46 15.65
C LYS A 182 -7.44 -38.06 14.17
N ILE A 183 -8.52 -37.46 13.70
CA ILE A 183 -8.58 -36.89 12.35
C ILE A 183 -8.48 -35.37 12.48
N GLY A 184 -7.29 -34.84 12.17
CA GLY A 184 -6.99 -33.42 12.35
C GLY A 184 -6.88 -33.11 13.84
N ASP A 185 -7.41 -31.96 14.23
CA ASP A 185 -7.53 -31.59 15.66
C ASP A 185 -8.76 -32.24 16.30
N ASP A 186 -9.79 -32.45 15.49
CA ASP A 186 -10.99 -33.20 15.91
C ASP A 186 -10.67 -34.65 16.23
N LEU A 187 -11.46 -35.25 17.12
CA LEU A 187 -11.44 -36.69 17.37
C LEU A 187 -12.66 -37.29 16.69
N SER A 188 -12.44 -38.29 15.84
CA SER A 188 -13.54 -38.96 15.13
C SER A 188 -13.89 -40.24 15.85
N VAL A 189 -15.18 -40.42 16.18
CA VAL A 189 -15.66 -41.59 16.92
C VAL A 189 -16.73 -42.29 16.07
N SER A 190 -16.57 -43.61 15.89
CA SER A 190 -17.48 -44.39 15.05
C SER A 190 -18.73 -44.74 15.85
N THR A 191 -19.89 -44.60 15.22
CA THR A 191 -21.15 -45.04 15.83
C THR A 191 -21.31 -46.56 15.83
N TRP A 192 -20.66 -47.25 14.88
CA TRP A 192 -20.85 -48.70 14.72
C TRP A 192 -20.47 -49.50 15.99
N LEU A 193 -21.35 -50.43 16.36
CA LEU A 193 -21.11 -51.39 17.44
C LEU A 193 -21.40 -52.82 16.97
N SER A 194 -20.55 -53.76 17.40
CA SER A 194 -20.69 -55.19 17.08
C SER A 194 -21.97 -55.79 17.62
N ASP A 195 -22.46 -56.85 16.96
CA ASP A 195 -23.75 -57.48 17.30
C ASP A 195 -23.83 -57.94 18.77
N GLY A 196 -22.73 -58.49 19.29
CA GLY A 196 -22.61 -58.80 20.72
C GLY A 196 -22.75 -57.54 21.56
N ALA A 197 -22.00 -56.51 21.18
CA ALA A 197 -22.08 -55.20 21.82
C ALA A 197 -23.44 -54.50 21.66
N VAL A 198 -24.15 -54.74 20.56
CA VAL A 198 -25.50 -54.18 20.37
C VAL A 198 -26.45 -54.84 21.37
N ALA A 199 -26.50 -56.17 21.37
CA ALA A 199 -27.42 -56.92 22.23
C ALA A 199 -27.22 -56.59 23.72
N GLY A 200 -25.99 -56.79 24.21
CA GLY A 200 -25.64 -56.48 25.61
C GLY A 200 -26.16 -55.14 26.15
N CYS A 201 -25.84 -54.06 25.45
CA CYS A 201 -26.27 -52.71 25.85
C CYS A 201 -27.78 -52.46 25.74
N ARG A 202 -28.45 -53.19 24.84
CA ARG A 202 -29.93 -53.16 24.73
C ARG A 202 -30.57 -53.71 25.99
N VAL A 203 -30.12 -54.90 26.39
CA VAL A 203 -30.60 -55.56 27.60
C VAL A 203 -30.29 -54.63 28.78
N ALA A 204 -29.04 -54.20 28.88
CA ALA A 204 -28.62 -53.20 29.88
C ALA A 204 -29.56 -51.98 29.95
N ALA A 205 -29.96 -51.44 28.81
CA ALA A 205 -30.90 -50.31 28.75
C ALA A 205 -32.29 -50.64 29.31
N VAL A 206 -32.76 -51.88 29.06
CA VAL A 206 -34.03 -52.36 29.62
C VAL A 206 -33.93 -52.47 31.14
N PHE A 207 -32.87 -53.13 31.61
CA PHE A 207 -32.54 -53.24 33.05
C PHE A 207 -32.46 -51.85 33.72
N MET A 208 -31.82 -50.91 33.04
CA MET A 208 -31.68 -49.53 33.50
C MET A 208 -33.03 -48.81 33.60
N GLN A 209 -33.85 -48.95 32.56
CA GLN A 209 -35.19 -48.37 32.53
C GLN A 209 -36.12 -49.07 33.54
N TYR A 210 -35.91 -50.38 33.74
CA TYR A 210 -36.62 -51.16 34.77
C TYR A 210 -36.19 -50.76 36.18
N GLY A 211 -34.91 -50.42 36.35
CA GLY A 211 -34.38 -49.93 37.62
C GLY A 211 -34.93 -48.57 38.01
N ILE A 212 -35.01 -47.65 37.06
CA ILE A 212 -35.48 -46.28 37.32
C ILE A 212 -36.99 -46.27 37.68
N VAL A 213 -37.78 -47.15 37.09
CA VAL A 213 -39.19 -47.30 37.49
C VAL A 213 -39.27 -48.04 38.83
N ALA A 214 -38.43 -49.06 39.02
CA ALA A 214 -38.35 -49.80 40.29
C ALA A 214 -37.93 -48.91 41.47
N ASN A 215 -37.01 -47.97 41.24
CA ASN A 215 -36.58 -47.00 42.27
C ASN A 215 -37.77 -46.26 42.87
N TYR A 216 -38.58 -45.67 42.00
CA TYR A 216 -39.75 -44.88 42.41
C TYR A 216 -40.92 -45.74 42.87
N CYS A 217 -41.03 -46.94 42.34
CA CYS A 217 -41.96 -47.94 42.86
C CYS A 217 -41.54 -48.46 44.25
N TRP A 218 -40.23 -48.52 44.52
CA TRP A 218 -39.71 -48.89 45.85
C TRP A 218 -39.54 -47.72 46.84
N LEU A 219 -39.53 -46.48 46.33
CA LEU A 219 -39.63 -45.31 47.18
C LEU A 219 -41.11 -44.99 47.48
N LEU A 220 -42.02 -45.44 46.61
CA LEU A 220 -43.46 -45.45 46.90
C LEU A 220 -43.79 -46.42 48.04
N VAL A 221 -43.15 -47.59 48.02
CA VAL A 221 -43.31 -48.56 49.10
C VAL A 221 -42.77 -48.01 50.42
N GLU A 222 -41.59 -47.38 50.38
CA GLU A 222 -40.99 -46.73 51.56
C GLU A 222 -41.87 -45.64 52.20
N GLY A 223 -42.70 -45.00 51.37
CA GLY A 223 -43.64 -43.95 51.82
C GLY A 223 -44.96 -44.51 52.31
N LEU A 224 -45.51 -45.49 51.58
CA LEU A 224 -46.67 -46.26 52.05
C LEU A 224 -46.39 -46.94 53.39
N TYR A 225 -45.17 -47.44 53.55
CA TYR A 225 -44.72 -48.08 54.79
C TYR A 225 -44.96 -47.17 55.98
N LEU A 226 -44.36 -45.99 55.98
CA LEU A 226 -44.58 -45.03 57.07
C LEU A 226 -46.04 -44.63 57.23
N HIS A 227 -46.75 -44.41 56.11
CA HIS A 227 -48.17 -44.04 56.18
C HIS A 227 -48.99 -45.13 56.86
N ASN A 228 -48.82 -46.38 56.44
CA ASN A 228 -49.45 -47.55 57.13
C ASN A 228 -48.95 -47.70 58.57
N LEU A 229 -47.63 -47.74 58.73
CA LEU A 229 -46.95 -47.97 60.03
C LEU A 229 -47.31 -46.99 61.13
N LEU A 230 -47.66 -45.77 60.74
CA LEU A 230 -47.82 -44.62 61.62
C LEU A 230 -49.25 -44.04 61.68
N GLY A 231 -50.24 -44.80 61.18
CA GLY A 231 -51.64 -44.38 61.23
C GLY A 231 -52.15 -44.19 62.65
N LEU A 232 -51.90 -45.19 63.49
CA LEU A 232 -52.07 -45.09 64.96
C LEU A 232 -51.12 -46.02 65.76
N ALA A 233 -51.17 -47.36 65.62
CA ALA A 233 -52.14 -48.14 64.84
C ALA A 233 -53.21 -48.72 65.76
N ASN A 234 -54.37 -49.03 65.16
CA ASN A 234 -55.58 -49.29 65.89
C ASN A 234 -56.05 -50.75 65.76
N ILE A 235 -57.04 -51.06 66.59
CA ILE A 235 -57.72 -52.35 66.55
C ILE A 235 -58.57 -52.45 65.28
N PHE A 236 -59.11 -51.33 64.80
CA PHE A 236 -59.80 -51.29 63.51
C PHE A 236 -58.96 -51.96 62.43
N GLU A 237 -57.75 -51.44 62.22
CA GLU A 237 -56.89 -51.86 61.11
C GLU A 237 -56.47 -53.31 61.34
N MET A 238 -56.22 -53.67 62.59
CA MET A 238 -55.95 -55.07 62.93
C MET A 238 -57.05 -56.03 62.50
N LEU A 239 -58.28 -55.76 62.93
CA LEU A 239 -59.40 -56.62 62.55
C LEU A 239 -59.83 -56.43 61.10
N ARG A 240 -59.50 -55.28 60.51
CA ARG A 240 -59.65 -55.05 59.08
C ARG A 240 -58.74 -55.98 58.27
N ILE A 241 -57.48 -56.09 58.65
CA ILE A 241 -56.54 -56.98 57.95
C ILE A 241 -56.87 -58.46 58.23
N ASP A 242 -57.27 -58.77 59.47
CA ASP A 242 -57.69 -60.13 59.82
C ASP A 242 -58.97 -60.58 59.11
N GLU A 243 -59.92 -59.66 58.96
CA GLU A 243 -61.18 -59.96 58.30
C GLU A 243 -61.37 -59.12 57.04
N GLY A 244 -61.70 -57.84 57.20
CA GLY A 244 -61.93 -56.95 56.06
C GLY A 244 -63.20 -56.17 56.18
N LEU A 245 -63.33 -55.17 55.31
CA LEU A 245 -64.53 -54.36 55.20
C LEU A 245 -65.46 -54.97 54.15
N ARG A 246 -66.75 -54.75 54.35
CA ARG A 246 -67.77 -55.07 53.35
C ARG A 246 -69.01 -54.22 53.62
N LEU A 247 -69.96 -54.23 52.69
CA LEU A 247 -71.16 -53.39 52.76
C LEU A 247 -72.46 -54.15 52.47
N LYS A 248 -72.46 -55.02 51.46
CA LYS A 248 -73.54 -55.98 51.25
C LYS A 248 -73.23 -57.26 52.02
N ILE A 249 -74.28 -57.92 52.52
CA ILE A 249 -74.13 -59.14 53.32
C ILE A 249 -73.75 -60.36 52.48
N TYR A 250 -73.35 -61.43 53.17
CA TYR A 250 -72.92 -62.67 52.54
C TYR A 250 -72.84 -63.78 53.59
N LYS A 251 -73.04 -65.03 53.16
CA LYS A 251 -73.09 -66.17 54.08
C LYS A 251 -71.69 -66.60 54.53
N ASP A 252 -71.65 -67.21 55.72
CA ASP A 252 -70.39 -67.58 56.39
C ASP A 252 -70.37 -69.10 56.66
N THR A 253 -69.39 -69.57 57.44
CA THR A 253 -69.33 -70.97 57.85
C THR A 253 -70.62 -71.48 58.52
N GLU A 254 -71.25 -70.63 59.33
CA GLU A 254 -72.52 -70.97 60.01
C GLU A 254 -73.80 -70.65 59.22
N GLY A 255 -73.70 -69.79 58.20
CA GLY A 255 -74.84 -69.40 57.37
C GLY A 255 -75.69 -68.32 58.02
N TYR A 256 -75.12 -67.12 58.13
CA TYR A 256 -75.76 -65.95 58.74
C TYR A 256 -75.49 -64.70 57.89
N TYR A 257 -76.18 -63.60 58.22
CA TYR A 257 -75.99 -62.32 57.56
C TYR A 257 -74.79 -61.57 58.16
N THR A 258 -73.59 -62.01 57.78
CA THR A 258 -72.34 -61.39 58.24
C THR A 258 -72.07 -60.12 57.44
N ILE A 259 -71.75 -59.02 58.14
CA ILE A 259 -71.63 -57.69 57.52
C ILE A 259 -70.62 -56.80 58.27
N GLY A 260 -70.09 -55.79 57.58
CA GLY A 260 -69.20 -54.81 58.18
C GLY A 260 -67.83 -55.40 58.45
N ILE A 261 -67.53 -55.67 59.71
CA ILE A 261 -66.37 -56.46 60.11
C ILE A 261 -66.85 -57.49 61.13
N GLY A 262 -67.04 -58.74 60.69
CA GLY A 262 -67.44 -59.86 61.56
C GLY A 262 -68.64 -59.68 62.46
N HIS A 263 -69.61 -58.88 62.01
CA HIS A 263 -70.84 -58.59 62.76
C HIS A 263 -72.00 -59.41 62.15
N LEU A 264 -73.07 -59.61 62.93
CA LEU A 264 -74.26 -60.35 62.46
C LEU A 264 -75.54 -59.52 62.66
N LEU A 265 -76.44 -59.54 61.67
CA LEU A 265 -77.64 -58.68 61.64
C LEU A 265 -78.93 -59.35 62.16
N THR A 266 -79.11 -60.63 61.85
CA THR A 266 -80.33 -61.39 62.21
C THR A 266 -79.97 -62.83 62.62
N LYS A 267 -80.95 -63.55 63.17
CA LYS A 267 -80.72 -64.90 63.73
C LYS A 267 -81.22 -66.07 62.86
N SER A 268 -82.24 -65.85 62.03
CA SER A 268 -82.70 -66.83 61.03
C SER A 268 -82.32 -66.34 59.60
N PRO A 269 -82.16 -67.27 58.63
CA PRO A 269 -81.61 -66.87 57.32
C PRO A 269 -82.60 -66.02 56.48
N SER A 270 -82.52 -64.70 56.66
CA SER A 270 -83.46 -63.75 56.06
C SER A 270 -82.78 -62.41 55.71
N LEU A 271 -83.32 -61.73 54.69
CA LEU A 271 -82.73 -60.48 54.17
C LEU A 271 -83.44 -59.21 54.69
N ASN A 272 -84.76 -59.14 54.55
CA ASN A 272 -85.52 -57.97 55.04
C ASN A 272 -85.67 -57.95 56.57
N ALA A 273 -85.45 -59.09 57.23
CA ALA A 273 -85.36 -59.16 58.70
C ALA A 273 -83.96 -58.77 59.22
N ALA A 274 -82.93 -58.95 58.39
CA ALA A 274 -81.59 -58.41 58.67
C ALA A 274 -81.55 -56.87 58.68
N LYS A 275 -82.51 -56.25 58.00
CA LYS A 275 -82.70 -54.78 58.03
C LYS A 275 -82.99 -54.22 59.44
N SER A 276 -83.58 -55.06 60.31
CA SER A 276 -83.93 -54.68 61.69
C SER A 276 -82.84 -53.96 62.49
N GLU A 277 -81.61 -54.48 62.43
CA GLU A 277 -80.46 -53.87 63.13
C GLU A 277 -79.71 -52.83 62.29
N LEU A 278 -79.77 -52.95 60.96
CA LEU A 278 -79.04 -52.03 60.05
C LEU A 278 -79.66 -50.63 59.99
N ASP A 279 -80.99 -50.54 60.02
CA ASP A 279 -81.70 -49.25 60.15
C ASP A 279 -81.48 -48.61 61.52
N LYS A 280 -81.37 -49.44 62.56
CA LYS A 280 -81.29 -48.98 63.95
C LYS A 280 -79.98 -48.28 64.29
N ALA A 281 -78.86 -48.97 64.06
CA ALA A 281 -77.52 -48.48 64.44
C ALA A 281 -77.12 -47.17 63.74
N ILE A 282 -77.69 -46.91 62.56
CA ILE A 282 -77.61 -45.61 61.89
C ILE A 282 -78.75 -44.70 62.36
N GLY A 283 -79.98 -45.25 62.39
CA GLY A 283 -81.15 -44.55 62.93
C GLY A 283 -81.82 -43.54 62.01
N ARG A 284 -81.60 -43.68 60.70
CA ARG A 284 -82.08 -42.75 59.69
C ARG A 284 -82.37 -43.49 58.38
N ASN A 285 -82.50 -42.75 57.27
CA ASN A 285 -82.48 -43.33 55.92
C ASN A 285 -81.29 -42.81 55.13
N ILE A 290 -73.96 -47.61 55.15
CA ILE A 290 -72.99 -48.50 54.54
C ILE A 290 -71.80 -47.71 53.98
N THR A 291 -70.84 -47.43 54.85
CA THR A 291 -69.62 -46.68 54.51
C THR A 291 -68.57 -46.79 55.62
N LYS A 292 -67.42 -46.11 55.43
CA LYS A 292 -66.41 -45.96 56.50
C LYS A 292 -66.79 -44.79 57.44
N ASP A 293 -67.61 -43.87 56.93
CA ASP A 293 -68.25 -42.82 57.75
C ASP A 293 -69.49 -43.32 58.54
N GLU A 294 -70.18 -44.35 58.02
CA GLU A 294 -71.45 -44.85 58.60
C GLU A 294 -71.29 -46.17 59.38
N ALA A 295 -70.74 -47.19 58.73
CA ALA A 295 -70.80 -48.58 59.22
C ALA A 295 -69.64 -49.01 60.14
N GLU A 296 -68.75 -48.07 60.49
CA GLU A 296 -67.83 -48.26 61.62
C GLU A 296 -68.58 -48.25 62.95
N LYS A 297 -69.74 -47.59 62.99
CA LYS A 297 -70.65 -47.62 64.15
C LYS A 297 -71.06 -49.03 64.60
N LEU A 298 -71.11 -49.98 63.65
CA LEU A 298 -71.31 -51.40 63.96
C LEU A 298 -70.07 -52.00 64.64
N PHE A 299 -68.90 -51.71 64.09
CA PHE A 299 -67.62 -52.23 64.61
C PHE A 299 -67.31 -51.62 65.96
N ASN A 300 -67.62 -50.34 66.13
CA ASN A 300 -67.33 -49.63 67.40
C ASN A 300 -68.25 -50.02 68.58
N GLN A 301 -69.37 -50.68 68.27
CA GLN A 301 -70.20 -51.31 69.31
C GLN A 301 -69.58 -52.67 69.66
N ASP A 302 -69.17 -53.41 68.64
CA ASP A 302 -68.72 -54.80 68.78
C ASP A 302 -67.43 -54.94 69.59
N VAL A 303 -66.52 -53.99 69.41
CA VAL A 303 -65.30 -53.89 70.21
C VAL A 303 -65.63 -53.61 71.69
N ASP A 304 -66.48 -52.62 71.95
CA ASP A 304 -66.85 -52.26 73.33
C ASP A 304 -67.65 -53.38 74.00
N ALA A 305 -68.51 -54.04 73.21
CA ALA A 305 -69.24 -55.22 73.67
C ALA A 305 -68.28 -56.36 74.02
N ALA A 306 -67.30 -56.59 73.15
CA ALA A 306 -66.27 -57.61 73.39
C ALA A 306 -65.40 -57.25 74.59
N VAL A 307 -65.04 -55.98 74.73
CA VAL A 307 -64.31 -55.46 75.89
C VAL A 307 -65.15 -55.58 77.17
N ARG A 308 -66.45 -55.29 77.10
CA ARG A 308 -67.35 -55.43 78.26
C ARG A 308 -67.44 -56.88 78.74
N GLY A 309 -67.69 -57.79 77.81
CA GLY A 309 -67.79 -59.22 78.10
C GLY A 309 -66.56 -59.82 78.74
N ILE A 310 -65.38 -59.39 78.28
CA ILE A 310 -64.09 -59.82 78.85
C ILE A 310 -63.95 -59.43 80.34
N LEU A 311 -64.48 -58.28 80.74
CA LEU A 311 -64.39 -57.82 82.13
C LEU A 311 -65.36 -58.55 83.06
N ARG A 312 -66.50 -59.00 82.51
CA ARG A 312 -67.45 -59.86 83.24
C ARG A 312 -67.05 -61.34 83.30
N ASN A 313 -66.11 -61.77 82.45
CA ASN A 313 -65.57 -63.14 82.47
C ASN A 313 -64.38 -63.23 83.42
N ALA A 314 -64.48 -64.08 84.42
CA ALA A 314 -63.48 -64.16 85.50
C ALA A 314 -62.13 -64.74 85.08
N LYS A 315 -62.13 -65.69 84.15
CA LYS A 315 -60.88 -66.25 83.61
C LYS A 315 -60.12 -65.24 82.73
N LEU A 316 -60.86 -64.36 82.04
CA LEU A 316 -60.29 -63.44 81.03
C LEU A 316 -59.93 -62.02 81.52
N LYS A 317 -60.62 -61.54 82.57
CA LYS A 317 -60.42 -60.16 83.07
C LYS A 317 -59.01 -59.85 83.61
N PRO A 318 -58.48 -60.68 84.54
CA PRO A 318 -57.14 -60.39 85.08
C PRO A 318 -55.99 -60.59 84.07
N VAL A 319 -56.26 -61.27 82.96
CA VAL A 319 -55.31 -61.40 81.86
C VAL A 319 -55.37 -60.10 81.07
N TYR A 320 -56.59 -59.67 80.72
CA TYR A 320 -56.81 -58.37 80.08
C TYR A 320 -56.17 -57.22 80.88
N ASP A 321 -56.49 -57.18 82.18
CA ASP A 321 -55.92 -56.19 83.11
C ASP A 321 -54.39 -56.18 83.06
N SER A 322 -53.79 -57.36 83.20
CA SER A 322 -52.33 -57.50 83.27
C SER A 322 -51.59 -57.13 81.97
N LEU A 323 -52.29 -57.17 80.84
CA LEU A 323 -51.64 -56.96 79.53
C LEU A 323 -51.58 -55.48 79.12
N ASP A 324 -50.52 -55.15 78.38
CA ASP A 324 -50.35 -53.85 77.73
C ASP A 324 -51.42 -53.61 76.67
N ALA A 325 -51.50 -52.37 76.18
CA ALA A 325 -52.56 -51.93 75.25
C ALA A 325 -52.58 -52.70 73.93
N VAL A 326 -51.40 -53.03 73.41
CA VAL A 326 -51.27 -53.66 72.09
C VAL A 326 -51.61 -55.16 72.12
N ARG A 327 -51.16 -55.87 73.16
CA ARG A 327 -51.55 -57.28 73.35
C ARG A 327 -53.03 -57.43 73.76
N ARG A 328 -53.58 -56.47 74.50
CA ARG A 328 -55.02 -56.40 74.76
C ARG A 328 -55.85 -56.43 73.48
N ALA A 329 -55.39 -55.70 72.46
CA ALA A 329 -56.05 -55.69 71.15
C ALA A 329 -56.00 -57.07 70.49
N ALA A 330 -54.95 -57.84 70.76
CA ALA A 330 -54.83 -59.23 70.31
C ALA A 330 -55.80 -60.20 71.00
N LEU A 331 -56.07 -60.00 72.28
CA LEU A 331 -57.04 -60.80 73.03
C LEU A 331 -58.47 -60.48 72.55
N ILE A 332 -58.74 -59.19 72.36
CA ILE A 332 -60.03 -58.70 71.85
C ILE A 332 -60.30 -59.33 70.49
N ASN A 333 -59.28 -59.33 69.63
CA ASN A 333 -59.31 -60.05 68.35
C ASN A 333 -59.80 -61.49 68.53
N MET A 334 -59.11 -62.25 69.39
CA MET A 334 -59.43 -63.66 69.65
C MET A 334 -60.89 -63.88 70.04
N VAL A 335 -61.45 -62.94 70.82
CA VAL A 335 -62.85 -63.01 71.25
C VAL A 335 -63.77 -62.73 70.06
N PHE A 336 -63.50 -61.64 69.35
CA PHE A 336 -64.14 -61.31 68.07
C PHE A 336 -64.32 -62.52 67.14
N GLN A 337 -63.27 -63.34 67.05
CA GLN A 337 -63.29 -64.56 66.23
C GLN A 337 -64.13 -65.65 66.90
N MET A 338 -63.77 -65.99 68.13
CA MET A 338 -64.37 -67.11 68.86
C MET A 338 -65.46 -66.62 69.80
N GLY A 339 -65.05 -65.93 70.86
CA GLY A 339 -65.96 -65.40 71.87
C GLY A 339 -65.38 -65.57 73.26
N GLU A 340 -66.07 -64.99 74.24
CA GLU A 340 -65.70 -65.10 75.64
C GLU A 340 -65.44 -66.55 76.10
N THR A 341 -66.36 -67.46 75.79
CA THR A 341 -66.28 -68.86 76.22
C THR A 341 -65.13 -69.62 75.57
N GLY A 342 -65.02 -69.50 74.25
CA GLY A 342 -63.94 -70.16 73.49
C GLY A 342 -62.55 -69.77 73.95
N VAL A 343 -62.28 -68.46 73.98
CA VAL A 343 -60.98 -67.94 74.43
C VAL A 343 -60.69 -68.34 75.88
N ALA A 344 -61.70 -68.18 76.75
CA ALA A 344 -61.61 -68.57 78.16
C ALA A 344 -61.07 -69.99 78.41
N GLY A 345 -61.35 -70.90 77.47
CA GLY A 345 -60.82 -72.27 77.52
C GLY A 345 -59.39 -72.49 77.04
N PHE A 346 -58.63 -71.41 76.79
CA PHE A 346 -57.18 -71.49 76.58
C PHE A 346 -56.49 -71.31 77.92
N THR A 347 -56.85 -72.14 78.90
CA THR A 347 -56.55 -71.90 80.31
C THR A 347 -55.04 -71.82 80.60
N ASN A 348 -54.26 -72.71 79.99
CA ASN A 348 -52.79 -72.70 80.13
C ASN A 348 -52.11 -71.61 79.28
N SER A 349 -52.65 -71.33 78.10
CA SER A 349 -52.14 -70.23 77.25
C SER A 349 -52.39 -68.88 77.91
N LEU A 350 -53.56 -68.73 78.53
CA LEU A 350 -53.93 -67.52 79.28
C LEU A 350 -53.01 -67.27 80.47
N ARG A 351 -52.81 -68.32 81.28
CA ARG A 351 -51.90 -68.30 82.44
C ARG A 351 -50.52 -67.75 82.08
N MET A 352 -50.00 -68.15 80.92
CA MET A 352 -48.69 -67.72 80.45
C MET A 352 -48.63 -66.24 80.08
N LEU A 353 -49.68 -65.73 79.43
CA LEU A 353 -49.76 -64.31 79.05
C LEU A 353 -49.91 -63.41 80.28
N GLN A 354 -50.66 -63.89 81.27
CA GLN A 354 -50.75 -63.22 82.57
C GLN A 354 -49.41 -63.22 83.32
N GLN A 355 -48.65 -64.31 83.18
CA GLN A 355 -47.28 -64.42 83.74
C GLN A 355 -46.18 -63.73 82.90
N LYS A 356 -46.55 -63.10 81.79
CA LYS A 356 -45.60 -62.50 80.84
C LYS A 356 -44.63 -63.51 80.21
N ARG A 357 -45.08 -64.76 80.07
CA ARG A 357 -44.33 -65.83 79.39
C ARG A 357 -44.86 -65.93 77.95
N TRP A 358 -44.33 -65.11 77.06
CA TRP A 358 -44.90 -64.94 75.72
C TRP A 358 -44.51 -66.06 74.75
N ASP A 359 -43.24 -66.46 74.79
CA ASP A 359 -42.72 -67.55 73.93
C ASP A 359 -43.28 -68.93 74.28
N GLU A 360 -43.74 -69.10 75.51
CA GLU A 360 -44.30 -70.35 75.99
C GLU A 360 -45.79 -70.41 75.61
N ALA A 361 -46.50 -69.31 75.87
CA ALA A 361 -47.87 -69.06 75.35
C ALA A 361 -47.98 -69.32 73.84
N ALA A 362 -47.04 -68.74 73.09
CA ALA A 362 -47.01 -68.84 71.63
C ALA A 362 -46.94 -70.28 71.12
N VAL A 363 -46.09 -71.09 71.75
CA VAL A 363 -45.96 -72.51 71.41
C VAL A 363 -47.19 -73.30 71.91
N ASN A 364 -47.78 -72.86 73.03
CA ASN A 364 -49.02 -73.46 73.53
C ASN A 364 -50.24 -73.16 72.65
N LEU A 365 -50.32 -71.93 72.14
CA LEU A 365 -51.43 -71.49 71.28
C LEU A 365 -51.39 -72.18 69.91
N ALA A 366 -50.18 -72.37 69.37
CA ALA A 366 -49.98 -73.07 68.10
C ALA A 366 -50.32 -74.56 68.16
N LYS A 367 -50.20 -75.16 69.34
CA LYS A 367 -50.56 -76.58 69.55
C LYS A 367 -52.08 -76.86 69.51
N SER A 368 -52.90 -75.84 69.74
CA SER A 368 -54.36 -76.01 69.77
C SER A 368 -54.95 -76.21 68.37
N ARG A 369 -56.23 -76.59 68.33
CA ARG A 369 -57.00 -76.72 67.08
C ARG A 369 -57.64 -75.39 66.61
N TRP A 370 -57.13 -74.26 67.11
CA TRP A 370 -57.40 -72.94 66.57
C TRP A 370 -56.39 -72.61 65.47
N TYR A 371 -55.10 -72.81 65.78
CA TYR A 371 -54.01 -72.59 64.83
C TYR A 371 -54.07 -73.55 63.62
N ASN A 372 -54.65 -74.73 63.82
CA ASN A 372 -54.91 -75.65 62.70
C ASN A 372 -56.03 -75.13 61.78
N GLN A 373 -57.15 -74.70 62.38
CA GLN A 373 -58.32 -74.21 61.62
C GLN A 373 -58.10 -72.87 60.88
N THR A 374 -57.16 -72.06 61.38
CA THR A 374 -56.78 -70.79 60.73
C THR A 374 -55.29 -70.51 61.02
N PRO A 375 -54.39 -71.12 60.21
CA PRO A 375 -52.95 -70.93 60.46
C PRO A 375 -52.44 -69.51 60.17
N ASN A 376 -53.19 -68.71 59.41
CA ASN A 376 -52.74 -67.39 59.01
C ASN A 376 -53.09 -66.33 60.04
N ARG A 377 -54.35 -66.31 60.48
CA ARG A 377 -54.82 -65.34 61.47
C ARG A 377 -54.22 -65.60 62.85
N ALA A 378 -54.30 -66.85 63.29
CA ALA A 378 -53.68 -67.28 64.54
C ALA A 378 -52.18 -66.99 64.60
N LYS A 379 -51.51 -67.02 63.45
CA LYS A 379 -50.08 -66.74 63.39
C LYS A 379 -49.76 -65.26 63.64
N ARG A 380 -50.58 -64.37 63.09
CA ARG A 380 -50.42 -62.92 63.29
C ARG A 380 -50.81 -62.52 64.71
N VAL A 381 -51.88 -63.12 65.23
CA VAL A 381 -52.31 -62.90 66.62
C VAL A 381 -51.26 -63.38 67.61
N ILE A 382 -50.74 -64.60 67.41
CA ILE A 382 -49.71 -65.17 68.29
C ILE A 382 -48.44 -64.30 68.28
N THR A 383 -48.06 -63.81 67.10
CA THR A 383 -46.92 -62.91 66.99
C THR A 383 -47.15 -61.66 67.85
N THR A 384 -48.33 -61.05 67.71
CA THR A 384 -48.73 -59.89 68.52
C THR A 384 -48.56 -60.14 70.02
N PHE A 385 -48.88 -61.36 70.47
CA PHE A 385 -48.60 -61.75 71.86
C PHE A 385 -47.10 -61.98 72.07
N ARG A 386 -46.47 -62.71 71.15
CA ARG A 386 -45.03 -62.99 71.19
C ARG A 386 -44.20 -61.73 71.41
N THR A 387 -44.38 -60.75 70.53
CA THR A 387 -43.54 -59.54 70.51
C THR A 387 -44.19 -58.33 71.21
N GLY A 388 -45.49 -58.10 70.98
CA GLY A 388 -46.21 -56.96 71.58
C GLY A 388 -46.31 -55.72 70.70
N THR A 389 -45.91 -55.83 69.43
CA THR A 389 -46.08 -54.78 68.43
C THR A 389 -46.99 -55.25 67.31
N TRP A 390 -47.34 -54.32 66.41
CA TRP A 390 -48.24 -54.58 65.29
C TRP A 390 -47.48 -55.14 64.06
N ASP A 391 -46.43 -55.92 64.31
CA ASP A 391 -45.45 -56.28 63.29
C ASP A 391 -45.99 -57.28 62.27
N ALA A 392 -46.78 -58.25 62.73
CA ALA A 392 -47.38 -59.25 61.84
C ALA A 392 -48.32 -58.67 60.78
N TYR A 393 -48.93 -57.53 61.11
CA TYR A 393 -49.92 -56.85 60.26
C TYR A 393 -49.29 -55.84 59.30
N GLU A 394 -48.16 -55.27 59.72
CA GLU A 394 -47.27 -54.55 58.79
C GLU A 394 -46.70 -55.56 57.75
N ARG A 395 -46.22 -56.71 58.24
CA ARG A 395 -45.68 -57.81 57.41
C ARG A 395 -46.64 -58.40 56.37
N SER A 396 -47.93 -58.40 56.70
CA SER A 396 -48.97 -58.90 55.80
C SER A 396 -48.98 -58.09 54.51
N PHE A 397 -48.87 -56.77 54.64
CA PHE A 397 -48.76 -55.89 53.47
C PHE A 397 -47.46 -56.05 52.64
N PHE A 398 -46.40 -56.66 53.16
CA PHE A 398 -45.15 -56.84 52.39
C PHE A 398 -45.27 -57.53 51.02
N SER A 399 -45.93 -58.68 50.97
CA SER A 399 -46.04 -59.43 49.70
C SER A 399 -46.77 -58.61 48.61
N LEU A 400 -47.67 -57.71 49.02
CA LEU A 400 -48.23 -56.69 48.10
C LEU A 400 -47.14 -55.74 47.64
N TYR A 401 -46.36 -55.21 48.58
CA TYR A 401 -45.30 -54.23 48.28
C TYR A 401 -44.17 -54.83 47.41
N LEU A 402 -44.02 -56.15 47.38
CA LEU A 402 -43.03 -56.75 46.47
C LEU A 402 -43.50 -56.54 45.01
N GLY A 403 -44.76 -56.84 44.77
CA GLY A 403 -45.42 -56.71 43.47
C GLY A 403 -45.91 -55.33 43.03
N ILE A 404 -45.77 -54.33 43.90
CA ILE A 404 -45.91 -52.90 43.58
C ILE A 404 -44.52 -52.22 43.57
N GLY A 405 -43.48 -52.98 43.91
CA GLY A 405 -42.09 -52.57 43.78
C GLY A 405 -41.39 -53.18 42.56
N TRP A 406 -41.67 -54.45 42.29
CA TRP A 406 -41.04 -55.19 41.17
C TRP A 406 -41.94 -55.38 39.96
N GLY A 407 -43.16 -55.86 40.21
CA GLY A 407 -44.11 -56.20 39.14
C GLY A 407 -44.76 -55.03 38.43
N ALA A 408 -44.98 -53.93 39.15
CA ALA A 408 -45.58 -52.72 38.54
C ALA A 408 -44.68 -52.05 37.50
N PRO A 409 -43.36 -51.95 37.77
CA PRO A 409 -42.41 -51.56 36.71
C PRO A 409 -42.41 -52.52 35.51
N MET A 410 -42.37 -53.83 35.80
CA MET A 410 -42.40 -54.87 34.75
C MET A 410 -43.67 -54.85 33.88
N LEU A 411 -44.79 -54.39 34.45
CA LEU A 411 -46.04 -54.24 33.69
C LEU A 411 -45.91 -53.18 32.60
N PHE A 412 -45.17 -52.10 32.88
CA PHE A 412 -44.96 -51.01 31.92
C PHE A 412 -43.78 -51.24 30.97
N VAL A 413 -42.63 -51.60 31.53
CA VAL A 413 -41.34 -51.59 30.80
C VAL A 413 -41.16 -52.79 29.87
N VAL A 414 -41.50 -54.00 30.32
CA VAL A 414 -41.32 -55.21 29.48
C VAL A 414 -42.10 -55.11 28.16
N PRO A 415 -43.35 -54.61 28.20
CA PRO A 415 -44.04 -54.29 26.94
C PRO A 415 -43.41 -53.10 26.16
N TRP A 416 -42.89 -52.09 26.87
CA TRP A 416 -41.99 -51.07 26.26
C TRP A 416 -40.72 -51.65 25.59
N ALA A 417 -40.16 -52.74 26.14
CA ALA A 417 -39.00 -53.41 25.54
C ALA A 417 -39.41 -54.15 24.27
N VAL A 418 -40.61 -54.73 24.31
CA VAL A 418 -41.23 -55.37 23.13
C VAL A 418 -41.57 -54.32 22.05
N VAL A 419 -42.12 -53.18 22.49
CA VAL A 419 -42.44 -52.06 21.59
C VAL A 419 -41.21 -51.55 20.85
N LYS A 420 -40.14 -51.28 21.60
CA LYS A 420 -38.88 -50.76 21.05
C LYS A 420 -38.34 -51.70 19.99
N CYS A 421 -38.15 -52.96 20.35
CA CYS A 421 -37.73 -54.03 19.43
C CYS A 421 -38.36 -53.94 18.04
N LEU A 422 -39.69 -53.92 18.01
CA LEU A 422 -40.47 -54.08 16.77
C LEU A 422 -40.63 -52.82 15.92
N PHE A 423 -40.50 -51.63 16.53
CA PHE A 423 -40.59 -50.36 15.79
C PHE A 423 -39.22 -49.71 15.57
N GLU A 424 -38.59 -49.27 16.65
CA GLU A 424 -37.39 -48.40 16.56
C GLU A 424 -36.16 -49.01 17.26
N ASN A 425 -35.35 -49.69 16.47
CA ASN A 425 -34.37 -50.63 16.98
C ASN A 425 -32.93 -50.06 16.79
N VAL A 426 -32.59 -49.09 17.65
CA VAL A 426 -31.25 -48.46 17.67
C VAL A 426 -30.33 -49.41 18.43
N GLN A 427 -29.03 -49.27 18.22
CA GLN A 427 -28.01 -50.04 18.97
C GLN A 427 -28.16 -50.04 20.51
N CYS A 428 -28.07 -48.87 21.14
CA CYS A 428 -28.22 -48.77 22.61
C CYS A 428 -29.21 -47.65 22.90
N TRP A 429 -30.35 -47.98 23.52
CA TRP A 429 -31.52 -47.10 23.50
C TRP A 429 -31.48 -46.01 24.57
N THR A 430 -31.00 -44.85 24.15
CA THR A 430 -31.11 -43.61 24.91
C THR A 430 -31.62 -42.54 23.94
N SER A 431 -32.76 -42.84 23.32
CA SER A 431 -33.29 -42.05 22.21
C SER A 431 -34.06 -40.82 22.65
N ASN A 432 -34.04 -39.80 21.80
CA ASN A 432 -34.75 -38.54 22.03
C ASN A 432 -36.09 -38.42 21.27
N ASP A 433 -36.71 -39.56 20.94
CA ASP A 433 -37.95 -39.60 20.14
C ASP A 433 -39.21 -39.03 20.85
N ASN A 434 -39.37 -39.36 22.14
CA ASN A 434 -40.47 -38.84 22.99
C ASN A 434 -41.86 -39.46 22.77
N MET A 435 -41.98 -40.44 21.86
CA MET A 435 -43.24 -41.15 21.64
C MET A 435 -43.55 -42.18 22.73
N GLY A 436 -42.49 -42.80 23.26
CA GLY A 436 -42.60 -43.89 24.25
C GLY A 436 -41.76 -43.74 25.51
N PHE A 437 -40.84 -42.77 25.55
CA PHE A 437 -40.19 -42.33 26.78
C PHE A 437 -40.98 -41.25 27.56
N TRP A 438 -42.15 -40.85 27.04
CA TRP A 438 -43.12 -40.03 27.79
C TRP A 438 -44.19 -40.97 28.37
N TRP A 439 -44.92 -41.66 27.50
CA TRP A 439 -46.08 -42.48 27.94
C TRP A 439 -45.69 -43.77 28.65
N ILE A 440 -44.68 -44.48 28.14
CA ILE A 440 -44.33 -45.80 28.68
C ILE A 440 -43.52 -45.71 29.98
N LEU A 441 -42.36 -45.06 29.91
CA LEU A 441 -41.39 -45.06 31.01
C LEU A 441 -41.47 -43.88 31.98
N ARG A 442 -42.01 -42.74 31.53
CA ARG A 442 -42.12 -41.54 32.39
C ARG A 442 -43.48 -41.42 33.12
N PHE A 443 -44.54 -41.98 32.54
CA PHE A 443 -45.90 -41.96 33.15
C PHE A 443 -45.93 -42.64 34.53
N PRO A 444 -45.34 -43.86 34.65
CA PRO A 444 -45.34 -44.55 35.95
C PRO A 444 -44.49 -43.88 37.05
N VAL A 445 -43.42 -43.20 36.65
CA VAL A 445 -42.60 -42.42 37.58
C VAL A 445 -43.32 -41.13 37.98
N PHE A 446 -44.12 -40.57 37.07
CA PHE A 446 -44.98 -39.43 37.37
C PHE A 446 -46.18 -39.81 38.26
N LEU A 447 -46.82 -40.94 37.93
CA LEU A 447 -47.94 -41.47 38.72
C LEU A 447 -47.51 -41.90 40.13
N ALA A 448 -46.28 -42.40 40.25
CA ALA A 448 -45.69 -42.75 41.55
C ALA A 448 -45.42 -41.50 42.40
N ILE A 449 -44.77 -40.50 41.81
CA ILE A 449 -44.48 -39.22 42.49
C ILE A 449 -45.79 -38.51 42.90
N LEU A 450 -46.81 -38.60 42.04
CA LEU A 450 -48.14 -38.07 42.33
C LEU A 450 -48.73 -38.66 43.63
N ILE A 451 -48.66 -39.98 43.75
CA ILE A 451 -49.13 -40.69 44.96
C ILE A 451 -48.19 -40.46 46.16
N ASN A 452 -46.88 -40.41 45.91
CA ASN A 452 -45.90 -40.02 46.94
C ASN A 452 -46.08 -38.61 47.51
N PHE A 453 -46.78 -37.72 46.78
CA PHE A 453 -47.09 -36.36 47.26
C PHE A 453 -48.37 -36.29 48.06
N PHE A 454 -49.39 -37.02 47.61
CA PHE A 454 -50.64 -37.16 48.36
C PHE A 454 -50.38 -37.82 49.73
N ILE A 455 -49.42 -38.75 49.76
CA ILE A 455 -48.95 -39.38 51.00
C ILE A 455 -48.14 -38.40 51.85
N PHE A 456 -47.12 -37.77 51.26
CA PHE A 456 -46.20 -36.85 51.96
C PHE A 456 -46.91 -35.90 52.93
N VAL A 457 -48.01 -35.30 52.46
CA VAL A 457 -48.85 -34.42 53.30
C VAL A 457 -49.64 -35.22 54.35
N ARG A 458 -50.17 -36.38 53.95
CA ARG A 458 -50.84 -37.30 54.87
C ARG A 458 -49.92 -37.91 55.96
N ILE A 459 -48.61 -37.87 55.74
CA ILE A 459 -47.61 -38.26 56.75
C ILE A 459 -47.38 -37.13 57.78
N VAL A 460 -47.38 -35.87 57.31
CA VAL A 460 -47.16 -34.71 58.19
C VAL A 460 -48.35 -34.49 59.14
N GLN A 461 -49.58 -34.66 58.63
CA GLN A 461 -50.78 -34.66 59.49
C GLN A 461 -50.82 -35.87 60.43
N LEU A 462 -50.19 -36.97 60.02
CA LEU A 462 -50.06 -38.20 60.82
C LEU A 462 -48.94 -38.10 61.88
N LEU A 463 -47.93 -37.27 61.62
CA LEU A 463 -46.79 -37.07 62.51
C LEU A 463 -47.04 -35.96 63.54
N VAL A 464 -47.81 -34.91 63.18
CA VAL A 464 -48.25 -33.92 64.18
C VAL A 464 -49.15 -34.58 65.23
N ALA A 465 -50.11 -35.39 64.78
CA ALA A 465 -51.03 -36.13 65.66
C ALA A 465 -50.29 -37.13 66.57
N LYS A 466 -49.23 -37.74 66.04
CA LYS A 466 -48.37 -38.63 66.82
C LYS A 466 -47.61 -37.83 67.88
N LEU A 467 -46.93 -36.76 67.43
CA LEU A 467 -46.06 -35.94 68.29
C LEU A 467 -46.82 -35.08 69.32
N ARG A 468 -48.08 -34.72 69.04
CA ARG A 468 -48.91 -34.02 70.04
C ARG A 468 -49.46 -34.96 71.12
N ALA A 469 -49.86 -36.18 70.74
CA ALA A 469 -50.25 -37.24 71.71
C ALA A 469 -49.04 -37.74 72.52
N ARG A 470 -49.24 -38.74 73.38
CA ARG A 470 -48.14 -39.36 74.15
C ARG A 470 -47.41 -40.52 73.44
N GLN A 471 -47.36 -40.46 72.10
CA GLN A 471 -46.68 -41.49 71.30
C GLN A 471 -45.44 -40.91 70.62
N MET A 472 -44.76 -40.01 71.34
CA MET A 472 -44.13 -38.85 70.73
C MET A 472 -42.61 -38.64 70.69
N HIS A 473 -41.77 -39.37 71.42
CA HIS A 473 -40.43 -38.78 71.63
C HIS A 473 -39.47 -38.79 70.42
N HIS A 474 -38.48 -37.89 70.47
CA HIS A 474 -37.72 -37.49 69.27
C HIS A 474 -36.67 -38.52 68.90
N THR A 475 -36.07 -39.15 69.92
CA THR A 475 -35.13 -40.26 69.72
C THR A 475 -35.81 -41.61 69.41
N ASP A 476 -37.14 -41.61 69.25
CA ASP A 476 -37.88 -42.81 68.86
C ASP A 476 -37.66 -43.13 67.38
N TYR A 477 -37.16 -44.35 67.12
CA TYR A 477 -36.93 -44.91 65.78
C TYR A 477 -38.00 -44.63 64.68
N LYS A 478 -39.27 -44.58 65.08
CA LYS A 478 -40.36 -44.21 64.12
C LYS A 478 -40.21 -42.79 63.57
N PHE A 479 -39.80 -41.84 64.42
CA PHE A 479 -39.47 -40.48 63.99
C PHE A 479 -38.13 -40.45 63.24
N ARG A 480 -37.14 -41.19 63.76
CA ARG A 480 -35.82 -41.31 63.13
C ARG A 480 -35.91 -41.75 61.65
N LEU A 481 -36.71 -42.77 61.39
CA LEU A 481 -36.90 -43.30 60.02
C LEU A 481 -37.56 -42.30 59.07
N ALA A 482 -38.42 -41.42 59.60
CA ALA A 482 -39.04 -40.36 58.80
C ALA A 482 -38.04 -39.29 58.34
N LYS A 483 -36.91 -39.15 59.04
CA LYS A 483 -35.84 -38.25 58.61
C LYS A 483 -35.17 -38.70 57.30
N SER A 484 -35.18 -40.00 57.03
CA SER A 484 -34.67 -40.54 55.77
C SER A 484 -35.70 -40.45 54.65
N THR A 485 -36.85 -41.09 54.84
CA THR A 485 -37.92 -41.14 53.83
C THR A 485 -38.43 -39.75 53.41
N LEU A 486 -38.68 -38.86 54.37
CA LEU A 486 -39.23 -37.53 54.08
C LEU A 486 -38.26 -36.58 53.38
N THR A 487 -36.97 -36.92 53.35
CA THR A 487 -36.00 -36.16 52.56
C THR A 487 -35.94 -36.60 51.11
N LEU A 488 -36.02 -37.91 50.87
CA LEU A 488 -35.86 -38.48 49.53
C LEU A 488 -37.00 -38.12 48.58
N ILE A 489 -38.24 -38.14 49.07
CA ILE A 489 -39.42 -37.91 48.23
C ILE A 489 -39.47 -36.47 47.66
N PRO A 490 -39.08 -35.44 48.44
CA PRO A 490 -38.82 -34.10 47.90
C PRO A 490 -37.53 -33.94 47.07
N LEU A 491 -36.46 -34.67 47.42
CA LEU A 491 -35.19 -34.61 46.67
C LEU A 491 -35.31 -35.26 45.29
N LEU A 492 -35.84 -36.47 45.26
CA LEU A 492 -36.01 -37.24 44.01
C LEU A 492 -37.22 -36.77 43.20
N GLY A 493 -38.31 -36.43 43.89
CA GLY A 493 -39.54 -35.96 43.24
C GLY A 493 -39.38 -34.65 42.47
N VAL A 494 -38.54 -33.75 42.98
CA VAL A 494 -38.19 -32.50 42.28
C VAL A 494 -37.23 -32.80 41.13
N HIS A 495 -36.11 -33.43 41.47
CA HIS A 495 -34.98 -33.70 40.55
C HIS A 495 -35.35 -34.46 39.26
N GLU A 496 -36.38 -35.31 39.29
CA GLU A 496 -36.80 -36.10 38.11
C GLU A 496 -38.03 -35.58 37.36
N VAL A 497 -38.76 -34.63 37.95
CA VAL A 497 -39.83 -33.93 37.23
C VAL A 497 -39.32 -32.62 36.60
N VAL A 498 -38.43 -31.90 37.29
CA VAL A 498 -37.84 -30.66 36.74
C VAL A 498 -36.89 -31.01 35.58
N PHE A 499 -36.25 -32.17 35.66
CA PHE A 499 -35.45 -32.73 34.58
C PHE A 499 -36.31 -32.99 33.33
N ALA A 500 -37.35 -33.81 33.46
CA ALA A 500 -38.18 -34.21 32.32
C ALA A 500 -39.05 -33.07 31.76
N PHE A 501 -39.58 -32.24 32.66
CA PHE A 501 -40.25 -30.97 32.28
C PHE A 501 -39.36 -30.12 31.36
N VAL A 502 -38.14 -29.82 31.83
CA VAL A 502 -37.12 -29.17 30.99
C VAL A 502 -36.03 -30.16 30.53
N THR A 503 -36.36 -31.12 29.65
CA THR A 503 -35.35 -31.96 28.94
C THR A 503 -35.49 -31.99 27.41
N ASP A 504 -36.37 -31.15 26.87
CA ASP A 504 -36.59 -31.02 25.42
C ASP A 504 -36.34 -29.58 24.92
N GLU A 505 -35.69 -28.77 25.75
CA GLU A 505 -35.60 -27.32 25.53
C GLU A 505 -34.42 -26.89 24.67
N HIS A 506 -33.25 -27.49 24.87
CA HIS A 506 -32.06 -27.20 24.07
C HIS A 506 -31.76 -28.37 23.13
N ALA A 507 -31.10 -28.05 22.01
CA ALA A 507 -30.86 -29.02 20.94
C ALA A 507 -29.82 -30.10 21.26
N GLN A 508 -28.86 -29.80 22.15
CA GLN A 508 -27.78 -30.74 22.51
C GLN A 508 -27.32 -30.63 23.98
N GLY A 509 -26.66 -29.56 24.43
CA GLY A 509 -26.20 -28.36 23.69
C GLY A 509 -24.87 -27.89 24.29
N THR A 510 -24.62 -26.58 24.40
CA THR A 510 -23.53 -26.04 25.25
C THR A 510 -23.99 -25.74 26.68
N LEU A 511 -25.21 -25.19 26.79
CA LEU A 511 -25.87 -24.97 28.10
C LEU A 511 -26.69 -26.21 28.52
N ARG A 512 -27.28 -26.91 27.54
CA ARG A 512 -28.00 -28.17 27.78
C ARG A 512 -27.07 -29.32 28.20
N SER A 513 -25.85 -29.35 27.65
CA SER A 513 -24.85 -30.36 27.99
C SER A 513 -24.16 -29.97 29.30
N ALA A 514 -24.13 -28.67 29.58
CA ALA A 514 -23.74 -28.16 30.90
C ALA A 514 -24.80 -28.47 31.96
N LYS A 515 -26.07 -28.44 31.56
CA LYS A 515 -27.19 -28.86 32.41
C LYS A 515 -27.14 -30.37 32.65
N LEU A 516 -26.98 -31.14 31.57
CA LEU A 516 -26.77 -32.59 31.59
C LEU A 516 -25.80 -33.08 32.69
N PHE A 517 -24.61 -32.46 32.78
CA PHE A 517 -23.58 -32.88 33.73
C PHE A 517 -23.84 -32.50 35.19
N PHE A 518 -24.47 -31.35 35.42
CA PHE A 518 -24.88 -30.94 36.77
C PHE A 518 -25.99 -31.83 37.34
N ASP A 519 -26.81 -32.41 36.47
CA ASP A 519 -27.90 -33.32 36.87
C ASP A 519 -27.43 -34.78 37.03
N LEU A 520 -26.75 -35.30 36.01
CA LEU A 520 -26.28 -36.70 36.03
C LEU A 520 -25.19 -36.99 37.08
N PHE A 521 -24.47 -35.96 37.51
CA PHE A 521 -23.51 -36.08 38.62
C PHE A 521 -24.23 -36.18 39.97
N LEU A 522 -25.34 -35.46 40.13
CA LEU A 522 -26.24 -35.64 41.29
C LEU A 522 -26.94 -37.01 41.26
N SER A 523 -27.35 -37.45 40.07
CA SER A 523 -27.98 -38.76 39.87
C SER A 523 -27.04 -39.95 40.12
N SER A 524 -25.74 -39.75 39.92
CA SER A 524 -24.73 -40.80 40.16
C SER A 524 -24.52 -41.08 41.66
N PHE A 525 -24.53 -40.02 42.47
CA PHE A 525 -24.42 -40.13 43.94
C PHE A 525 -25.76 -40.46 44.64
N GLN A 526 -26.84 -40.42 43.87
CA GLN A 526 -28.21 -40.78 44.32
C GLN A 526 -28.30 -42.15 45.02
N GLY A 527 -27.57 -43.13 44.51
CA GLY A 527 -27.52 -44.49 45.09
C GLY A 527 -26.70 -44.65 46.38
N LEU A 528 -25.86 -43.66 46.70
CA LEU A 528 -25.11 -43.63 47.97
C LEU A 528 -25.85 -42.83 49.03
N LEU A 529 -26.47 -41.71 48.62
CA LEU A 529 -27.33 -40.91 49.51
C LEU A 529 -28.35 -41.79 50.22
N VAL A 530 -29.06 -42.60 49.43
CA VAL A 530 -30.03 -43.59 49.93
C VAL A 530 -29.37 -44.62 50.85
N ALA A 531 -28.25 -45.19 50.39
CA ALA A 531 -27.46 -46.11 51.21
C ALA A 531 -27.05 -45.49 52.56
N VAL A 532 -26.66 -44.23 52.55
CA VAL A 532 -26.23 -43.52 53.77
C VAL A 532 -27.37 -43.25 54.76
N LEU A 533 -28.40 -42.50 54.34
CA LEU A 533 -29.45 -42.05 55.29
C LEU A 533 -30.30 -43.19 55.86
N TYR A 534 -30.55 -44.25 55.08
CA TYR A 534 -31.25 -45.44 55.59
C TYR A 534 -30.30 -46.35 56.39
N CYS A 535 -29.37 -47.02 55.71
CA CYS A 535 -28.51 -48.01 56.36
C CYS A 535 -27.45 -47.42 57.29
N PHE A 536 -26.54 -46.63 56.74
CA PHE A 536 -25.34 -46.17 57.48
C PHE A 536 -25.60 -45.13 58.59
N LEU A 537 -26.69 -44.36 58.51
CA LEU A 537 -27.02 -43.35 59.53
C LEU A 537 -28.05 -43.83 60.57
N ASN A 538 -28.52 -45.07 60.45
CA ASN A 538 -29.49 -45.64 61.40
C ASN A 538 -28.82 -45.85 62.75
N LYS A 539 -29.48 -45.41 63.83
CA LYS A 539 -29.00 -45.66 65.19
C LYS A 539 -28.84 -47.16 65.46
N GLU A 540 -29.95 -47.90 65.35
CA GLU A 540 -30.00 -49.37 65.54
C GLU A 540 -28.87 -50.15 64.84
N VAL A 541 -28.59 -49.79 63.60
CA VAL A 541 -27.54 -50.44 62.80
C VAL A 541 -26.15 -50.01 63.29
N GLN A 542 -26.00 -48.73 63.62
CA GLN A 542 -24.76 -48.20 64.21
C GLN A 542 -24.40 -48.89 65.53
N SER A 543 -25.40 -49.19 66.36
CA SER A 543 -25.20 -49.91 67.63
C SER A 543 -24.78 -51.37 67.43
N GLU A 544 -25.38 -52.04 66.42
CA GLU A 544 -25.03 -53.44 66.10
C GLU A 544 -23.62 -53.60 65.51
N LEU A 545 -23.12 -52.57 64.82
CA LEU A 545 -21.71 -52.49 64.44
C LEU A 545 -20.83 -52.29 65.68
N ARG A 546 -21.27 -51.46 66.62
CA ARG A 546 -20.59 -51.26 67.90
C ARG A 546 -20.69 -52.49 68.85
N ARG A 547 -21.52 -53.48 68.51
CA ARG A 547 -21.59 -54.76 69.25
C ARG A 547 -20.74 -55.84 68.58
N ARG A 548 -20.87 -55.95 67.25
CA ARG A 548 -20.06 -56.89 66.45
C ARG A 548 -18.58 -56.52 66.45
N TRP A 549 -18.29 -55.22 66.31
CA TRP A 549 -16.89 -54.75 66.31
C TRP A 549 -16.24 -54.66 67.70
N HIS A 550 -17.04 -54.74 68.77
CA HIS A 550 -16.55 -54.62 70.15
C HIS A 550 -16.45 -55.96 70.88
N ARG A 551 -17.10 -57.00 70.35
CA ARG A 551 -16.72 -58.40 70.70
C ARG A 551 -15.26 -58.67 70.34
N TRP A 552 -14.74 -57.97 69.33
CA TRP A 552 -13.30 -57.94 69.03
C TRP A 552 -12.59 -57.01 70.00
N GLY B 1 1.99 39.10 -34.63
CA GLY B 1 1.99 37.62 -34.83
C GLY B 1 2.37 37.21 -36.26
N ALA B 2 2.21 35.93 -36.63
CA ALA B 2 1.68 34.86 -35.75
C ALA B 2 2.27 33.51 -36.18
N PRO B 3 2.97 32.80 -35.26
CA PRO B 3 3.47 31.47 -35.60
C PRO B 3 2.35 30.42 -35.58
N GLN B 4 1.86 30.05 -36.77
CA GLN B 4 0.74 29.12 -36.90
C GLN B 4 1.04 27.69 -36.43
N VAL B 5 2.27 27.32 -36.09
CA VAL B 5 2.59 25.90 -35.92
C VAL B 5 1.88 25.28 -34.70
N MET B 6 2.15 25.81 -33.51
CA MET B 6 1.40 25.48 -32.29
C MET B 6 -0.09 25.80 -32.38
N ASP B 7 -0.43 26.84 -33.14
CA ASP B 7 -1.83 27.25 -33.35
C ASP B 7 -2.66 26.18 -34.08
N PHE B 8 -2.07 25.51 -35.07
CA PHE B 8 -2.70 24.36 -35.74
C PHE B 8 -2.98 23.24 -34.75
N LEU B 9 -1.96 22.88 -33.96
CA LEU B 9 -2.08 21.82 -32.94
C LEU B 9 -3.11 22.17 -31.88
N PHE B 10 -3.15 23.44 -31.49
CA PHE B 10 -4.14 23.95 -30.52
C PHE B 10 -5.56 23.69 -30.99
N GLU B 11 -5.81 23.82 -32.30
CA GLU B 11 -7.15 23.67 -32.84
C GLU B 11 -7.57 22.19 -32.86
N LYS B 12 -6.65 21.31 -33.29
CA LYS B 12 -6.85 19.86 -33.21
C LYS B 12 -7.01 19.35 -31.77
N TRP B 13 -6.17 19.85 -30.86
CA TRP B 13 -6.26 19.52 -29.44
C TRP B 13 -7.61 19.90 -28.85
N LYS B 14 -8.02 21.13 -29.10
CA LYS B 14 -9.33 21.65 -28.73
C LYS B 14 -10.45 20.80 -29.33
N LEU B 15 -10.30 20.43 -30.61
CA LEU B 15 -11.29 19.63 -31.34
C LEU B 15 -11.48 18.25 -30.71
N TYR B 16 -10.37 17.52 -30.50
CA TYR B 16 -10.35 16.30 -29.65
C TYR B 16 -11.11 16.52 -28.34
N GLY B 17 -10.86 17.67 -27.72
CA GLY B 17 -11.54 18.09 -26.50
C GLY B 17 -13.06 18.20 -26.61
N ASP B 18 -13.54 18.78 -27.71
CA ASP B 18 -14.98 18.92 -27.97
C ASP B 18 -15.57 17.55 -28.34
N GLN B 19 -14.86 16.86 -29.25
CA GLN B 19 -15.17 15.49 -29.63
C GLN B 19 -15.27 14.56 -28.41
N CYS B 20 -14.40 14.77 -27.42
CA CYS B 20 -14.45 14.01 -26.17
C CYS B 20 -15.71 14.37 -25.37
N HIS B 21 -15.85 15.65 -25.03
CA HIS B 21 -17.02 16.12 -24.27
C HIS B 21 -18.37 15.73 -24.89
N HIS B 22 -18.44 15.75 -26.22
CA HIS B 22 -19.65 15.30 -26.92
C HIS B 22 -19.83 13.79 -26.87
N ASN B 23 -18.74 13.04 -27.13
CA ASN B 23 -18.71 11.56 -26.95
C ASN B 23 -19.16 11.14 -25.55
N LEU B 24 -18.66 11.83 -24.55
CA LEU B 24 -18.85 11.44 -23.14
C LEU B 24 -20.25 11.74 -22.62
N SER B 25 -20.93 12.71 -23.24
CA SER B 25 -22.28 13.09 -22.84
C SER B 25 -23.34 12.01 -23.11
N LEU B 26 -23.20 11.30 -24.23
CA LEU B 26 -24.19 10.29 -24.67
C LEU B 26 -24.14 8.94 -23.92
N LEU B 27 -23.10 8.71 -23.12
CA LEU B 27 -22.98 7.44 -22.38
C LEU B 27 -23.90 7.42 -21.16
N PRO B 28 -24.38 6.23 -20.75
CA PRO B 28 -25.36 6.14 -19.66
C PRO B 28 -24.71 6.42 -18.30
N PRO B 29 -25.51 6.85 -17.29
CA PRO B 29 -24.92 7.00 -15.96
C PRO B 29 -24.48 5.66 -15.34
N PRO B 30 -23.49 5.68 -14.41
CA PRO B 30 -22.92 4.45 -13.89
C PRO B 30 -23.64 3.96 -12.63
N THR B 31 -24.06 2.69 -12.64
CA THR B 31 -24.65 2.04 -11.45
C THR B 31 -23.65 1.90 -10.29
N GLU B 32 -22.38 1.69 -10.63
CA GLU B 32 -21.30 1.41 -9.68
C GLU B 32 -20.59 2.72 -9.25
N LEU B 33 -19.79 2.63 -8.19
CA LEU B 33 -18.85 3.69 -7.81
C LEU B 33 -17.59 3.57 -8.67
N VAL B 34 -17.40 4.54 -9.56
CA VAL B 34 -16.30 4.55 -10.52
C VAL B 34 -15.55 5.88 -10.46
N CYS B 35 -14.37 5.92 -11.06
CA CYS B 35 -13.73 7.18 -11.39
C CYS B 35 -14.51 7.80 -12.52
N ASN B 36 -15.20 8.89 -12.22
CA ASN B 36 -16.00 9.61 -13.20
C ASN B 36 -15.24 9.89 -14.49
N ARG B 37 -15.92 9.67 -15.61
CA ARG B 37 -15.37 9.91 -16.93
C ARG B 37 -14.90 11.35 -17.04
N THR B 38 -13.77 11.56 -17.71
CA THR B 38 -13.24 12.91 -17.90
C THR B 38 -12.34 13.00 -19.13
N PHE B 39 -12.30 14.21 -19.70
CA PHE B 39 -11.20 14.66 -20.55
C PHE B 39 -10.18 15.33 -19.63
N ASP B 40 -9.08 14.64 -19.36
CA ASP B 40 -8.06 15.15 -18.42
C ASP B 40 -7.01 16.05 -19.08
N LYS B 41 -7.42 16.83 -20.08
CA LYS B 41 -6.52 17.64 -20.92
C LYS B 41 -5.63 16.86 -21.90
N TYR B 42 -5.44 15.56 -21.70
CA TYR B 42 -4.57 14.76 -22.58
C TYR B 42 -5.38 13.81 -23.44
N SER B 43 -6.19 12.96 -22.81
CA SER B 43 -7.07 12.05 -23.54
C SER B 43 -8.47 11.93 -22.92
N CYS B 44 -9.34 11.23 -23.65
CA CYS B 44 -10.70 11.00 -23.25
C CYS B 44 -10.73 9.71 -22.45
N TRP B 45 -11.42 9.73 -21.31
CA TRP B 45 -11.37 8.63 -20.36
C TRP B 45 -12.77 8.25 -19.95
N PRO B 46 -13.14 6.96 -20.10
CA PRO B 46 -14.47 6.52 -19.71
C PRO B 46 -14.54 6.35 -18.20
N ASP B 47 -15.76 6.14 -17.69
CA ASP B 47 -15.97 5.65 -16.34
C ASP B 47 -15.09 4.42 -16.12
N THR B 48 -14.32 4.41 -15.02
CA THR B 48 -13.46 3.27 -14.72
C THR B 48 -13.70 2.79 -13.28
N PRO B 49 -13.84 1.46 -13.09
CA PRO B 49 -13.94 0.93 -11.73
C PRO B 49 -12.69 1.23 -10.90
N ALA B 50 -12.87 1.40 -9.59
CA ALA B 50 -11.75 1.64 -8.69
C ALA B 50 -10.76 0.46 -8.66
N ASN B 51 -9.57 0.71 -8.12
CA ASN B 51 -8.47 -0.29 -8.07
C ASN B 51 -8.05 -0.84 -9.44
N THR B 52 -8.10 0.00 -10.49
CA THR B 52 -7.69 -0.43 -11.85
C THR B 52 -7.01 0.68 -12.67
N THR B 53 -6.20 0.23 -13.63
CA THR B 53 -5.50 1.10 -14.56
C THR B 53 -6.21 1.02 -15.91
N ALA B 54 -6.94 2.08 -16.24
CA ALA B 54 -7.64 2.18 -17.53
C ALA B 54 -6.65 2.41 -18.67
N ASN B 55 -7.14 2.24 -19.89
CA ASN B 55 -6.33 2.48 -21.08
C ASN B 55 -7.12 3.05 -22.24
N ILE B 56 -6.46 3.92 -23.00
CA ILE B 56 -7.01 4.41 -24.26
C ILE B 56 -5.80 4.70 -25.17
N SER B 57 -5.95 4.47 -26.47
CA SER B 57 -4.87 4.65 -27.44
C SER B 57 -4.37 6.09 -27.46
N CYS B 58 -3.12 6.29 -27.88
CA CYS B 58 -2.48 7.61 -27.86
C CYS B 58 -3.26 8.63 -28.70
N PRO B 59 -3.64 9.79 -28.11
CA PRO B 59 -4.54 10.75 -28.78
C PRO B 59 -4.08 11.15 -30.18
N TRP B 60 -5.04 11.29 -31.10
CA TRP B 60 -4.75 11.53 -32.53
C TRP B 60 -4.24 12.93 -32.88
N TYR B 61 -4.51 13.93 -32.04
CA TYR B 61 -4.03 15.31 -32.31
C TYR B 61 -2.49 15.45 -32.36
N LEU B 62 -1.79 14.50 -31.73
CA LEU B 62 -0.33 14.53 -31.65
C LEU B 62 0.32 14.51 -33.04
N PRO B 63 1.27 15.44 -33.31
CA PRO B 63 1.93 15.48 -34.63
C PRO B 63 2.55 14.14 -35.07
N TRP B 64 2.97 13.33 -34.09
CA TRP B 64 3.57 12.00 -34.34
C TRP B 64 2.58 10.87 -34.07
N HIS B 65 1.28 11.13 -34.24
CA HIS B 65 0.24 10.11 -34.01
C HIS B 65 0.52 8.77 -34.70
N HIS B 66 0.88 8.83 -35.98
CA HIS B 66 1.03 7.62 -36.81
C HIS B 66 2.13 6.68 -36.30
N LYS B 67 3.20 7.23 -35.75
CA LYS B 67 4.30 6.46 -35.17
C LYS B 67 3.95 5.79 -33.84
N VAL B 68 2.96 6.34 -33.13
CA VAL B 68 2.54 5.86 -31.81
C VAL B 68 1.06 5.46 -31.73
N GLN B 69 0.42 5.27 -32.88
CA GLN B 69 -1.01 4.89 -32.92
C GLN B 69 -1.29 3.50 -32.33
N HIS B 70 -0.33 2.58 -32.50
CA HIS B 70 -0.40 1.26 -31.87
C HIS B 70 -0.19 1.29 -30.35
N ARG B 71 0.49 2.33 -29.85
CA ARG B 71 0.81 2.49 -28.41
C ARG B 71 -0.39 3.03 -27.61
N PHE B 72 -0.33 2.85 -26.29
CA PHE B 72 -1.41 3.27 -25.37
C PHE B 72 -0.93 4.21 -24.24
N VAL B 73 -1.84 5.06 -23.76
CA VAL B 73 -1.68 5.83 -22.51
C VAL B 73 -2.50 5.14 -21.42
N PHE B 74 -1.99 5.18 -20.18
CA PHE B 74 -2.66 4.60 -19.03
C PHE B 74 -2.93 5.63 -17.95
N LYS B 75 -3.86 5.29 -17.06
CA LYS B 75 -4.29 6.18 -16.00
C LYS B 75 -4.87 5.36 -14.87
N ARG B 76 -4.30 5.50 -13.67
CA ARG B 76 -4.75 4.74 -12.50
C ARG B 76 -5.99 5.39 -11.88
N CYS B 77 -7.04 4.59 -11.69
CA CYS B 77 -8.23 4.98 -10.92
C CYS B 77 -8.05 4.47 -9.49
N GLY B 78 -8.01 5.37 -8.53
CA GLY B 78 -7.58 5.06 -7.18
C GLY B 78 -8.65 4.41 -6.31
N PRO B 79 -8.24 3.74 -5.21
CA PRO B 79 -9.16 3.06 -4.26
C PRO B 79 -10.34 3.90 -3.81
N ASP B 80 -10.10 5.19 -3.62
CA ASP B 80 -11.11 6.17 -3.19
C ASP B 80 -12.34 6.25 -4.10
N GLY B 81 -12.17 5.96 -5.39
CA GLY B 81 -13.16 6.27 -6.43
C GLY B 81 -12.75 7.48 -7.24
N GLN B 82 -11.75 8.23 -6.75
CA GLN B 82 -11.18 9.38 -7.45
C GLN B 82 -9.95 8.92 -8.24
N TRP B 83 -9.70 9.55 -9.39
CA TRP B 83 -8.50 9.27 -10.18
C TRP B 83 -7.26 9.69 -9.41
N VAL B 84 -6.10 9.13 -9.78
CA VAL B 84 -4.83 9.49 -9.14
C VAL B 84 -4.35 10.84 -9.69
N ARG B 85 -4.04 11.77 -8.77
CA ARG B 85 -3.55 13.11 -9.11
C ARG B 85 -2.06 13.24 -8.87
N GLY B 86 -1.46 14.27 -9.47
CA GLY B 86 -0.05 14.64 -9.22
C GLY B 86 0.07 15.60 -8.04
N PRO B 87 1.27 16.17 -7.82
CA PRO B 87 1.54 16.90 -6.57
C PRO B 87 0.64 18.11 -6.33
N ARG B 88 0.26 18.80 -7.40
CA ARG B 88 -0.66 19.94 -7.33
C ARG B 88 -2.14 19.59 -7.58
N GLY B 89 -2.49 18.30 -7.46
CA GLY B 89 -3.85 17.83 -7.75
C GLY B 89 -4.22 17.79 -9.21
N GLN B 90 -3.26 18.01 -10.11
CA GLN B 90 -3.51 17.98 -11.55
C GLN B 90 -3.76 16.57 -12.01
N PRO B 91 -4.33 16.38 -13.21
CA PRO B 91 -4.48 15.02 -13.69
C PRO B 91 -3.13 14.34 -13.89
N TRP B 92 -3.05 13.08 -13.47
CA TRP B 92 -1.84 12.30 -13.63
C TRP B 92 -2.14 11.12 -14.57
N ARG B 93 -1.17 10.81 -15.43
CA ARG B 93 -1.25 9.65 -16.31
C ARG B 93 0.14 9.12 -16.65
N ASP B 94 0.17 7.95 -17.30
CA ASP B 94 1.40 7.41 -17.91
C ASP B 94 1.24 7.41 -19.43
N ALA B 95 1.66 8.51 -20.05
CA ALA B 95 1.80 8.58 -21.51
C ALA B 95 3.28 8.52 -21.87
N SER B 96 4.00 7.55 -21.28
CA SER B 96 5.40 7.31 -21.60
C SER B 96 5.54 6.79 -23.03
N GLN B 97 4.60 5.93 -23.41
CA GLN B 97 4.57 5.33 -24.74
C GLN B 97 4.28 6.36 -25.84
N CYS B 98 3.26 7.19 -25.63
CA CYS B 98 2.88 8.24 -26.57
C CYS B 98 3.88 9.41 -26.69
N GLN B 99 4.86 9.48 -25.79
CA GLN B 99 5.80 10.61 -25.75
C GLN B 99 6.59 10.69 -27.04
N MET B 100 7.00 11.90 -27.40
CA MET B 100 7.73 12.14 -28.65
C MET B 100 9.07 11.42 -28.70
N ASP B 101 9.62 11.34 -29.90
CA ASP B 101 10.99 10.91 -30.10
C ASP B 101 11.82 12.18 -30.34
N GLY B 102 12.00 12.93 -29.25
CA GLY B 102 12.67 14.23 -29.29
C GLY B 102 12.86 14.78 -27.89
N GLU B 103 13.28 16.05 -27.79
CA GLU B 103 13.55 16.70 -26.51
C GLU B 103 12.96 18.09 -26.47
N GLU B 104 12.35 18.42 -25.34
CA GLU B 104 12.00 19.79 -25.03
C GLU B 104 13.31 20.48 -24.66
N ILE B 105 13.90 21.21 -25.61
CA ILE B 105 15.15 21.94 -25.37
C ILE B 105 14.80 23.35 -24.92
N GLU B 106 15.12 23.62 -23.65
CA GLU B 106 14.80 24.89 -23.03
C GLU B 106 15.86 25.95 -23.35
N VAL B 107 15.41 27.08 -23.87
CA VAL B 107 16.27 28.17 -24.32
C VAL B 107 15.86 29.45 -23.58
N GLN B 108 16.80 30.04 -22.85
CA GLN B 108 16.58 31.23 -22.00
C GLN B 108 16.00 32.43 -22.72
N LYS B 109 15.22 33.24 -21.99
CA LYS B 109 14.47 34.38 -22.55
C LYS B 109 15.33 35.35 -23.38
N GLU B 110 16.52 35.66 -22.88
CA GLU B 110 17.37 36.69 -23.48
C GLU B 110 18.29 36.08 -24.57
N VAL B 111 18.66 34.80 -24.41
CA VAL B 111 19.33 34.04 -25.48
C VAL B 111 18.33 33.73 -26.61
N ALA B 112 17.07 33.48 -26.24
CA ALA B 112 16.01 33.14 -27.20
C ALA B 112 15.61 34.33 -28.06
N LYS B 113 15.38 35.47 -27.41
CA LYS B 113 15.02 36.73 -28.09
C LYS B 113 16.15 37.19 -29.00
N MET B 114 17.40 36.94 -28.59
CA MET B 114 18.58 37.27 -29.38
C MET B 114 18.69 36.42 -30.65
N TYR B 115 18.54 35.08 -30.52
CA TYR B 115 18.41 34.12 -31.65
C TYR B 115 17.40 34.59 -32.69
N SER B 116 16.22 34.97 -32.20
CA SER B 116 15.08 35.34 -33.06
C SER B 116 15.31 36.66 -33.80
N SER B 117 16.03 37.58 -33.16
CA SER B 117 16.41 38.86 -33.79
C SER B 117 17.50 38.64 -34.83
N PHE B 118 18.54 37.91 -34.43
CA PHE B 118 19.68 37.63 -35.31
C PHE B 118 19.35 36.63 -36.42
N GLN B 119 18.24 35.90 -36.28
CA GLN B 119 17.68 35.06 -37.35
C GLN B 119 17.11 35.90 -38.48
N VAL B 120 16.39 36.96 -38.13
CA VAL B 120 15.77 37.88 -39.12
C VAL B 120 16.84 38.59 -39.98
N MET B 121 17.96 38.93 -39.34
CA MET B 121 19.12 39.54 -40.04
C MET B 121 19.67 38.62 -41.13
N TYR B 122 19.78 37.35 -40.79
CA TYR B 122 20.42 36.33 -41.61
C TYR B 122 19.48 35.81 -42.72
N THR B 123 18.18 35.75 -42.42
CA THR B 123 17.14 35.43 -43.41
C THR B 123 17.03 36.46 -44.55
N VAL B 124 17.21 37.75 -44.23
CA VAL B 124 17.16 38.83 -45.24
C VAL B 124 18.46 38.88 -46.05
N GLY B 125 19.60 38.86 -45.34
CA GLY B 125 20.92 38.87 -45.98
C GLY B 125 21.08 37.88 -47.12
N TYR B 126 20.63 36.65 -46.89
CA TYR B 126 20.66 35.60 -47.93
C TYR B 126 19.62 35.82 -49.04
N SER B 127 18.43 36.27 -48.68
CA SER B 127 17.38 36.61 -49.66
C SER B 127 17.76 37.81 -50.55
N LEU B 128 18.44 38.77 -49.94
CA LEU B 128 18.99 39.93 -50.67
C LEU B 128 20.16 39.51 -51.57
N SER B 129 20.95 38.54 -51.11
CA SER B 129 21.96 37.88 -51.94
C SER B 129 21.35 36.96 -53.00
N LEU B 130 20.15 36.43 -52.75
CA LEU B 130 19.44 35.58 -53.71
C LEU B 130 18.95 36.41 -54.91
N GLY B 131 18.16 37.44 -54.62
CA GLY B 131 17.64 38.36 -55.65
C GLY B 131 18.73 39.05 -56.46
N ALA B 132 19.80 39.45 -55.78
CA ALA B 132 20.97 40.05 -56.43
C ALA B 132 21.69 39.06 -57.37
N LEU B 133 21.88 37.83 -56.93
CA LEU B 133 22.48 36.78 -57.78
C LEU B 133 21.60 36.38 -58.96
N LEU B 134 20.30 36.18 -58.71
CA LEU B 134 19.36 35.83 -59.79
C LEU B 134 19.06 36.98 -60.75
N LEU B 135 19.22 38.23 -60.29
CA LEU B 135 19.20 39.37 -61.21
C LEU B 135 20.45 39.35 -62.07
N ALA B 136 21.62 39.26 -61.42
CA ALA B 136 22.92 39.18 -62.11
C ALA B 136 22.95 38.10 -63.20
N LEU B 137 22.47 36.89 -62.87
CA LEU B 137 22.33 35.81 -63.88
C LEU B 137 21.37 36.19 -65.01
N ALA B 138 20.25 36.84 -64.66
CA ALA B 138 19.32 37.37 -65.66
C ALA B 138 19.95 38.49 -66.52
N ILE B 139 20.84 39.28 -65.92
CA ILE B 139 21.65 40.26 -66.65
C ILE B 139 22.67 39.59 -67.58
N LEU B 140 23.41 38.60 -67.08
CA LEU B 140 24.47 37.95 -67.86
C LEU B 140 23.91 37.00 -68.93
N GLY B 141 23.21 35.96 -68.49
CA GLY B 141 22.69 34.93 -69.39
C GLY B 141 21.46 35.45 -70.12
N GLY B 142 21.44 35.25 -71.44
CA GLY B 142 20.35 35.70 -72.30
C GLY B 142 20.51 37.08 -72.93
N LEU B 143 21.40 37.92 -72.39
CA LEU B 143 21.65 39.26 -72.95
C LEU B 143 22.76 39.07 -73.99
N SER B 144 23.31 40.17 -74.51
CA SER B 144 24.32 40.13 -75.58
C SER B 144 25.75 39.77 -75.14
N LYS B 145 25.92 39.30 -73.90
CA LYS B 145 27.11 38.52 -73.51
C LYS B 145 26.76 37.03 -73.54
N LEU B 146 26.03 36.62 -74.58
CA LEU B 146 25.35 35.31 -74.67
C LEU B 146 26.30 34.12 -74.70
N HIS B 147 27.50 34.31 -75.25
CA HIS B 147 28.49 33.24 -75.41
C HIS B 147 29.90 33.71 -75.01
N CYS B 148 29.97 34.60 -74.02
CA CYS B 148 31.25 35.15 -73.54
C CYS B 148 31.91 34.21 -72.51
N THR B 149 33.17 33.89 -72.75
CA THR B 149 33.93 32.94 -71.90
C THR B 149 34.30 33.49 -70.51
N ARG B 150 34.58 34.79 -70.41
CA ARG B 150 34.92 35.41 -69.12
C ARG B 150 33.75 35.41 -68.15
N ASN B 151 32.55 35.69 -68.66
CA ASN B 151 31.32 35.66 -67.86
C ASN B 151 30.87 34.27 -67.44
N ALA B 152 31.14 33.27 -68.28
CA ALA B 152 30.73 31.89 -67.99
C ALA B 152 31.32 31.31 -66.71
N ILE B 153 32.50 31.80 -66.28
CA ILE B 153 33.05 31.42 -64.98
C ILE B 153 32.33 32.16 -63.83
N HIS B 154 32.03 33.46 -64.01
CA HIS B 154 31.23 34.23 -63.05
C HIS B 154 29.84 33.62 -62.84
N ALA B 155 29.20 33.22 -63.96
CA ALA B 155 27.86 32.65 -63.94
C ALA B 155 27.74 31.39 -63.06
N ASN B 156 28.76 30.53 -63.12
CA ASN B 156 28.79 29.29 -62.33
C ASN B 156 29.19 29.49 -60.87
N LEU B 157 30.01 30.52 -60.61
CA LEU B 157 30.28 30.99 -59.24
C LEU B 157 28.98 31.43 -58.58
N PHE B 158 28.26 32.32 -59.26
CA PHE B 158 26.97 32.86 -58.79
C PHE B 158 25.96 31.76 -58.50
N ALA B 159 25.95 30.73 -59.36
CA ALA B 159 25.08 29.56 -59.19
C ALA B 159 25.39 28.76 -57.92
N SER B 160 26.68 28.68 -57.57
CA SER B 160 27.10 28.05 -56.30
C SER B 160 26.61 28.84 -55.09
N PHE B 161 26.75 30.18 -55.14
CA PHE B 161 26.21 31.06 -54.09
C PHE B 161 24.68 31.10 -54.06
N VAL B 162 24.03 30.88 -55.21
CA VAL B 162 22.58 30.67 -55.27
C VAL B 162 22.22 29.35 -54.60
N LEU B 163 23.00 28.29 -54.87
CA LEU B 163 22.80 26.99 -54.23
C LEU B 163 22.91 27.07 -52.71
N LYS B 164 24.04 27.59 -52.22
CA LYS B 164 24.25 27.83 -50.77
C LYS B 164 23.07 28.58 -50.14
N ALA B 165 22.76 29.76 -50.68
CA ALA B 165 21.69 30.63 -50.17
C ALA B 165 20.33 29.93 -50.15
N SER B 166 19.98 29.32 -51.28
CA SER B 166 18.76 28.50 -51.41
C SER B 166 18.65 27.38 -50.37
N SER B 167 19.77 26.73 -50.06
CA SER B 167 19.80 25.64 -49.07
C SER B 167 19.52 26.07 -47.63
N VAL B 168 19.96 27.29 -47.27
CA VAL B 168 19.78 27.81 -45.91
C VAL B 168 18.31 28.23 -45.68
N LEU B 169 17.71 28.88 -46.68
CA LEU B 169 16.28 29.23 -46.63
C LEU B 169 15.38 28.00 -46.46
N VAL B 170 15.71 26.91 -47.18
CA VAL B 170 15.00 25.64 -47.01
C VAL B 170 15.12 25.17 -45.56
N ILE B 171 16.35 25.16 -45.04
CA ILE B 171 16.64 24.66 -43.68
C ILE B 171 15.90 25.46 -42.61
N ASP B 172 15.98 26.79 -42.67
CA ASP B 172 15.24 27.67 -41.74
C ASP B 172 13.74 27.41 -41.80
N GLY B 173 13.18 27.46 -43.01
CA GLY B 173 11.78 27.16 -43.26
C GLY B 173 11.29 25.85 -42.68
N LEU B 174 12.18 24.84 -42.66
CA LEU B 174 11.89 23.55 -42.04
C LEU B 174 12.07 23.57 -40.52
N LEU B 175 13.08 24.27 -40.01
CA LEU B 175 13.26 24.45 -38.55
C LEU B 175 12.20 25.36 -37.91
N ARG B 176 11.51 26.16 -38.72
CA ARG B 176 10.37 26.96 -38.28
C ARG B 176 9.16 26.10 -37.93
N THR B 177 9.07 24.93 -38.56
CA THR B 177 7.98 24.00 -38.27
C THR B 177 8.14 23.32 -36.89
N ARG B 178 9.33 23.42 -36.27
CA ARG B 178 9.56 23.00 -34.86
C ARG B 178 8.60 23.68 -33.88
N TYR B 179 8.09 22.88 -32.94
CA TYR B 179 7.04 23.30 -32.03
C TYR B 179 7.67 23.99 -30.83
N SER B 180 7.22 25.21 -30.53
CA SER B 180 7.77 25.99 -29.43
C SER B 180 6.71 26.69 -28.59
N GLN B 181 7.03 26.87 -27.32
CA GLN B 181 6.07 27.37 -26.33
C GLN B 181 6.83 27.97 -25.16
N LYS B 182 6.15 28.83 -24.40
CA LYS B 182 6.73 29.47 -23.22
C LYS B 182 6.52 28.63 -21.96
N ILE B 183 7.59 27.96 -21.52
CA ILE B 183 7.61 27.26 -20.25
C ILE B 183 8.45 28.08 -19.27
N GLY B 184 7.76 28.78 -18.37
CA GLY B 184 8.39 29.70 -17.43
C GLY B 184 8.89 30.93 -18.16
N ASP B 185 10.08 31.40 -17.77
CA ASP B 185 10.76 32.49 -18.48
C ASP B 185 11.48 31.96 -19.71
N ASP B 186 11.95 30.70 -19.62
CA ASP B 186 12.56 30.01 -20.75
C ASP B 186 11.55 29.75 -21.88
N LEU B 187 12.05 29.66 -23.11
CA LEU B 187 11.26 29.22 -24.26
C LEU B 187 11.68 27.78 -24.56
N SER B 188 10.71 26.87 -24.63
CA SER B 188 11.00 25.48 -24.92
C SER B 188 10.72 25.19 -26.39
N VAL B 189 11.71 24.62 -27.07
CA VAL B 189 11.60 24.32 -28.51
C VAL B 189 11.78 22.82 -28.69
N SER B 190 10.85 22.21 -29.43
CA SER B 190 10.85 20.76 -29.62
C SER B 190 11.83 20.41 -30.72
N THR B 191 12.62 19.37 -30.50
CA THR B 191 13.51 18.85 -31.53
C THR B 191 12.77 18.08 -32.61
N TRP B 192 11.61 17.50 -32.28
CA TRP B 192 10.88 16.64 -33.23
C TRP B 192 10.58 17.34 -34.54
N LEU B 193 10.96 16.67 -35.63
CA LEU B 193 10.59 17.04 -36.98
C LEU B 193 10.01 15.82 -37.71
N SER B 194 8.97 16.07 -38.50
CA SER B 194 8.31 15.03 -39.32
C SER B 194 9.26 14.43 -40.36
N ASP B 195 8.99 13.18 -40.75
CA ASP B 195 9.84 12.42 -41.68
C ASP B 195 10.10 13.14 -43.01
N GLY B 196 9.06 13.79 -43.55
CA GLY B 196 9.21 14.66 -44.71
C GLY B 196 10.17 15.80 -44.41
N ALA B 197 9.93 16.47 -43.28
CA ALA B 197 10.80 17.54 -42.80
C ALA B 197 12.23 17.08 -42.46
N VAL B 198 12.40 15.83 -41.99
CA VAL B 198 13.74 15.29 -41.73
C VAL B 198 14.50 15.14 -43.06
N ALA B 199 13.89 14.43 -44.01
CA ALA B 199 14.54 14.16 -45.31
C ALA B 199 14.92 15.45 -46.05
N GLY B 200 13.94 16.33 -46.29
CA GLY B 200 14.16 17.61 -46.95
C GLY B 200 15.38 18.41 -46.48
N CYS B 201 15.46 18.64 -45.18
CA CYS B 201 16.58 19.39 -44.58
C CYS B 201 17.94 18.66 -44.64
N ARG B 202 17.91 17.33 -44.67
CA ARG B 202 19.12 16.53 -44.87
C ARG B 202 19.72 16.77 -46.25
N VAL B 203 18.87 16.65 -47.27
CA VAL B 203 19.27 16.89 -48.66
C VAL B 203 19.77 18.33 -48.75
N ALA B 204 18.96 19.28 -48.26
CA ALA B 204 19.35 20.68 -48.16
C ALA B 204 20.75 20.88 -47.55
N ALA B 205 21.05 20.16 -46.47
CA ALA B 205 22.38 20.22 -45.83
C ALA B 205 23.52 19.73 -46.73
N VAL B 206 23.26 18.69 -47.52
CA VAL B 206 24.23 18.17 -48.50
C VAL B 206 24.48 19.21 -49.59
N PHE B 207 23.40 19.74 -50.16
CA PHE B 207 23.44 20.83 -51.14
C PHE B 207 24.21 22.05 -50.62
N MET B 208 23.96 22.39 -49.36
CA MET B 208 24.63 23.50 -48.67
C MET B 208 26.12 23.25 -48.51
N GLN B 209 26.48 22.03 -48.09
CA GLN B 209 27.89 21.65 -47.95
C GLN B 209 28.58 21.52 -49.31
N TYR B 210 27.82 21.07 -50.31
CA TYR B 210 28.29 21.02 -51.70
C TYR B 210 28.48 22.41 -52.29
N GLY B 211 27.62 23.35 -51.89
CA GLY B 211 27.74 24.75 -52.30
C GLY B 211 28.96 25.45 -51.71
N ILE B 212 29.23 25.22 -50.43
CA ILE B 212 30.36 25.87 -49.73
C ILE B 212 31.72 25.36 -50.28
N VAL B 213 31.80 24.09 -50.66
CA VAL B 213 33.01 23.58 -51.33
C VAL B 213 33.06 24.10 -52.78
N ALA B 214 31.92 24.13 -53.46
CA ALA B 214 31.81 24.68 -54.82
C ALA B 214 32.19 26.16 -54.90
N ASN B 215 31.82 26.95 -53.89
CA ASN B 215 32.19 28.37 -53.81
C ASN B 215 33.71 28.57 -53.93
N TYR B 216 34.44 27.85 -53.09
CA TYR B 216 35.91 27.96 -53.04
C TYR B 216 36.60 27.26 -54.21
N CYS B 217 35.97 26.21 -54.72
CA CYS B 217 36.40 25.59 -55.98
C CYS B 217 36.16 26.49 -57.20
N TRP B 218 35.10 27.32 -57.15
CA TRP B 218 34.82 28.32 -58.21
C TRP B 218 35.50 29.67 -57.99
N LEU B 219 35.95 29.96 -56.77
CA LEU B 219 36.83 31.12 -56.53
C LEU B 219 38.29 30.73 -56.80
N LEU B 220 38.61 29.44 -56.73
CA LEU B 220 39.89 28.91 -57.23
C LEU B 220 39.99 29.04 -58.74
N VAL B 221 38.89 28.75 -59.44
CA VAL B 221 38.82 28.92 -60.90
C VAL B 221 38.98 30.40 -61.27
N GLU B 222 38.28 31.29 -60.55
CA GLU B 222 38.40 32.75 -60.76
C GLU B 222 39.82 33.30 -60.59
N GLY B 223 40.62 32.65 -59.73
CA GLY B 223 42.01 33.03 -59.50
C GLY B 223 42.99 32.41 -60.48
N LEU B 224 42.79 31.12 -60.81
CA LEU B 224 43.52 30.46 -61.91
C LEU B 224 43.30 31.19 -63.23
N TYR B 225 42.06 31.67 -63.44
CA TYR B 225 41.69 32.44 -64.63
C TYR B 225 42.64 33.60 -64.86
N LEU B 226 42.70 34.51 -63.90
CA LEU B 226 43.62 35.64 -63.98
C LEU B 226 45.08 35.20 -64.09
N HIS B 227 45.50 34.21 -63.33
CA HIS B 227 46.89 33.73 -63.39
C HIS B 227 47.28 33.19 -64.75
N ASN B 228 46.52 32.20 -65.21
CA ASN B 228 46.93 31.41 -66.33
C ASN B 228 46.81 32.24 -67.60
N LEU B 229 45.68 32.93 -67.74
CA LEU B 229 45.43 33.81 -68.89
C LEU B 229 46.17 35.17 -68.88
N LEU B 230 46.31 35.82 -67.73
CA LEU B 230 47.06 37.10 -67.69
C LEU B 230 48.56 36.81 -67.74
N GLY B 231 48.99 35.68 -67.18
CA GLY B 231 50.37 35.21 -67.30
C GLY B 231 50.77 35.01 -68.75
N LEU B 232 49.92 34.29 -69.47
CA LEU B 232 50.08 34.07 -70.91
C LEU B 232 49.67 35.31 -71.71
N ALA B 233 50.41 35.63 -72.76
CA ALA B 233 49.90 36.56 -73.78
C ALA B 233 48.71 35.95 -74.58
N ASN B 234 48.87 35.03 -75.55
CA ASN B 234 50.17 34.58 -76.12
C ASN B 234 50.03 33.94 -77.50
N ILE B 235 50.89 34.32 -78.45
CA ILE B 235 50.87 33.73 -79.80
C ILE B 235 51.25 32.24 -79.71
N PHE B 236 52.30 31.96 -78.94
CA PHE B 236 52.74 30.59 -78.69
C PHE B 236 51.55 29.73 -78.31
N GLU B 237 50.85 30.12 -77.25
CA GLU B 237 49.76 29.31 -76.68
C GLU B 237 48.58 29.05 -77.62
N MET B 238 48.15 30.08 -78.36
CA MET B 238 47.07 29.91 -79.34
C MET B 238 47.54 28.94 -80.43
N LEU B 239 48.77 29.10 -80.90
CA LEU B 239 49.37 28.22 -81.90
C LEU B 239 49.86 26.89 -81.30
N ARG B 240 50.15 26.89 -80.00
CA ARG B 240 50.53 25.66 -79.27
C ARG B 240 49.34 24.71 -79.16
N ILE B 241 48.14 25.28 -78.94
CA ILE B 241 46.89 24.53 -78.97
C ILE B 241 46.53 24.06 -80.39
N ASP B 242 46.90 24.85 -81.40
CA ASP B 242 46.79 24.45 -82.81
C ASP B 242 48.11 23.82 -83.31
N GLU B 243 48.45 22.67 -82.71
CA GLU B 243 49.69 21.92 -83.01
C GLU B 243 50.99 22.69 -82.67
N LEU B 298 64.30 29.97 -80.87
CA LEU B 298 63.97 28.99 -81.92
C LEU B 298 62.48 28.94 -82.22
N PHE B 299 61.71 28.69 -81.17
CA PHE B 299 60.26 28.53 -81.27
C PHE B 299 59.59 29.90 -81.58
N ASN B 300 60.14 30.97 -81.00
CA ASN B 300 59.63 32.33 -81.17
C ASN B 300 60.19 33.12 -82.37
N GLN B 301 61.05 32.51 -83.21
CA GLN B 301 61.57 33.12 -84.46
C GLN B 301 60.91 32.68 -85.77
N ASP B 302 60.30 31.50 -85.76
CA ASP B 302 59.33 31.13 -86.82
C ASP B 302 58.20 32.19 -86.86
N VAL B 303 57.87 32.74 -85.68
CA VAL B 303 56.97 33.90 -85.56
C VAL B 303 57.55 35.14 -86.25
N ASP B 304 58.80 35.48 -85.95
CA ASP B 304 59.47 36.67 -86.49
C ASP B 304 59.73 36.51 -88.01
N ALA B 305 60.01 35.28 -88.45
CA ALA B 305 60.05 34.93 -89.89
C ALA B 305 58.68 35.09 -90.57
N ALA B 306 57.63 34.60 -89.92
CA ALA B 306 56.25 34.76 -90.42
C ALA B 306 55.82 36.24 -90.44
N VAL B 307 56.20 36.98 -89.39
CA VAL B 307 55.97 38.44 -89.33
C VAL B 307 56.76 39.18 -90.42
N ARG B 308 58.01 38.77 -90.66
CA ARG B 308 58.81 39.37 -91.73
C ARG B 308 58.20 39.17 -93.12
N GLY B 309 57.83 37.93 -93.41
CA GLY B 309 57.22 37.57 -94.69
C GLY B 309 55.93 38.32 -95.01
N ILE B 310 55.11 38.52 -93.97
CA ILE B 310 53.86 39.29 -94.08
C ILE B 310 54.09 40.75 -94.51
N LEU B 311 55.20 41.36 -94.06
CA LEU B 311 55.50 42.76 -94.39
C LEU B 311 56.05 42.91 -95.82
N ARG B 312 56.71 41.85 -96.32
CA ARG B 312 57.16 41.80 -97.72
C ARG B 312 56.05 41.41 -98.72
N ASN B 313 54.94 40.86 -98.22
CA ASN B 313 53.78 40.52 -99.05
C ASN B 313 52.82 41.71 -99.15
N ALA B 314 52.57 42.20 -100.36
CA ALA B 314 51.80 43.43 -100.57
C ALA B 314 50.31 43.32 -100.25
N LYS B 315 49.72 42.15 -100.48
CA LYS B 315 48.31 41.90 -100.13
C LYS B 315 48.08 41.83 -98.60
N LEU B 316 49.09 41.34 -97.87
CA LEU B 316 48.97 41.05 -96.43
C LEU B 316 49.48 42.16 -95.47
N LYS B 317 50.41 42.99 -95.93
CA LYS B 317 51.02 44.04 -95.08
C LYS B 317 50.06 45.13 -94.56
N PRO B 318 49.27 45.76 -95.45
CA PRO B 318 48.36 46.81 -94.99
C PRO B 318 47.18 46.30 -94.15
N VAL B 319 46.92 44.99 -94.20
CA VAL B 319 45.93 44.35 -93.33
C VAL B 319 46.58 44.17 -91.96
N TYR B 320 47.79 43.61 -91.95
CA TYR B 320 48.59 43.50 -90.73
C TYR B 320 48.75 44.85 -90.02
N ASP B 321 49.18 45.86 -90.79
CA ASP B 321 49.33 47.24 -90.29
C ASP B 321 48.03 47.75 -89.65
N SER B 322 46.93 47.62 -90.38
CA SER B 322 45.63 48.15 -89.92
C SER B 322 45.05 47.46 -88.67
N LEU B 323 45.48 46.22 -88.39
CA LEU B 323 44.92 45.43 -87.30
C LEU B 323 45.58 45.69 -85.95
N ASP B 324 44.79 45.57 -84.89
CA ASP B 324 45.27 45.58 -83.50
C ASP B 324 46.19 44.39 -83.20
N ALA B 325 46.85 44.44 -82.05
CA ALA B 325 47.87 43.45 -81.66
C ALA B 325 47.35 42.02 -81.56
N VAL B 326 46.12 41.85 -81.05
CA VAL B 326 45.54 40.53 -80.80
C VAL B 326 45.04 39.85 -82.08
N ARG B 327 44.41 40.61 -82.97
CA ARG B 327 44.01 40.08 -84.29
C ARG B 327 45.20 39.83 -85.22
N ARG B 328 46.25 40.66 -85.09
CA ARG B 328 47.53 40.40 -85.77
C ARG B 328 48.08 39.00 -85.47
N ALA B 329 47.96 38.59 -84.20
CA ALA B 329 48.37 37.25 -83.78
C ALA B 329 47.53 36.15 -84.45
N ALA B 330 46.27 36.45 -84.75
CA ALA B 330 45.38 35.56 -85.51
C ALA B 330 45.77 35.42 -86.99
N LEU B 331 46.27 36.49 -87.61
CA LEU B 331 46.76 36.40 -89.00
C LEU B 331 48.04 35.60 -89.06
N ILE B 332 48.93 35.90 -88.11
CA ILE B 332 50.22 35.22 -88.01
C ILE B 332 49.98 33.72 -87.88
N ASN B 333 49.02 33.35 -87.03
CA ASN B 333 48.51 31.98 -86.91
C ASN B 333 48.18 31.40 -88.28
N MET B 334 47.30 32.07 -89.02
CA MET B 334 46.87 31.62 -90.35
C MET B 334 48.03 31.36 -91.31
N VAL B 335 49.08 32.18 -91.22
CA VAL B 335 50.28 32.03 -92.05
C VAL B 335 51.07 30.79 -91.59
N PHE B 336 51.34 30.73 -90.30
CA PHE B 336 51.90 29.53 -89.65
C PHE B 336 51.31 28.21 -90.15
N GLN B 337 49.99 28.18 -90.30
CA GLN B 337 49.26 27.00 -90.81
C GLN B 337 49.47 26.83 -92.31
N MET B 338 49.14 27.88 -93.07
CA MET B 338 49.13 27.85 -94.53
C MET B 338 50.43 28.44 -95.08
N GLY B 339 50.56 29.76 -94.95
CA GLY B 339 51.72 30.50 -95.43
C GLY B 339 51.29 31.81 -96.04
N GLU B 340 52.29 32.62 -96.39
CA GLU B 340 52.07 33.92 -97.06
C GLU B 340 51.15 33.83 -98.29
N THR B 341 51.42 32.89 -99.19
CA THR B 341 50.66 32.73 -100.43
C THR B 341 49.21 32.29 -100.21
N GLY B 342 49.03 31.24 -99.38
CA GLY B 342 47.70 30.73 -99.06
C GLY B 342 46.78 31.76 -98.43
N VAL B 343 47.24 32.40 -97.36
CA VAL B 343 46.46 33.45 -96.66
C VAL B 343 46.17 34.61 -97.62
N ALA B 344 47.20 35.06 -98.34
CA ALA B 344 47.08 36.14 -99.34
C ALA B 344 45.90 35.98 -100.32
N GLY B 345 45.55 34.73 -100.64
CA GLY B 345 44.38 34.42 -101.49
C GLY B 345 43.01 34.44 -100.82
N PHE B 346 42.91 34.92 -99.58
CA PHE B 346 41.62 35.22 -98.93
C PHE B 346 41.27 36.69 -99.22
N THR B 347 41.24 37.05 -100.50
CA THR B 347 41.28 38.46 -100.92
C THR B 347 40.08 39.27 -100.39
N ASN B 348 38.89 38.66 -100.42
CA ASN B 348 37.67 39.31 -99.90
C ASN B 348 37.57 39.27 -98.38
N SER B 349 38.04 38.18 -97.76
CA SER B 349 38.10 38.08 -96.30
C SER B 349 39.10 39.09 -95.72
N LEU B 350 40.23 39.25 -96.40
CA LEU B 350 41.26 40.24 -96.04
C LEU B 350 40.74 41.67 -96.10
N ARG B 351 40.11 42.00 -97.23
CA ARG B 351 39.48 43.32 -97.46
C ARG B 351 38.56 43.74 -96.30
N MET B 352 37.79 42.78 -95.79
CA MET B 352 36.86 43.02 -94.68
C MET B 352 37.57 43.31 -93.35
N LEU B 353 38.65 42.58 -93.06
CA LEU B 353 39.42 42.79 -91.82
C LEU B 353 40.16 44.14 -91.84
N GLN B 354 40.64 44.52 -93.02
CA GLN B 354 41.22 45.86 -93.24
C GLN B 354 40.17 46.97 -93.11
N GLN B 355 38.95 46.69 -93.54
CA GLN B 355 37.80 47.61 -93.37
C GLN B 355 37.14 47.58 -91.98
N LYS B 356 37.66 46.75 -91.06
CA LYS B 356 37.08 46.54 -89.72
C LYS B 356 35.65 45.94 -89.75
N ARG B 357 35.36 45.15 -90.79
CA ARG B 357 34.11 44.42 -90.92
C ARG B 357 34.33 42.97 -90.48
N TRP B 358 34.22 42.73 -89.18
CA TRP B 358 34.64 41.44 -88.59
C TRP B 358 33.62 40.33 -88.76
N ASP B 359 32.34 40.66 -88.55
CA ASP B 359 31.23 39.70 -88.71
C ASP B 359 31.02 39.25 -90.16
N GLU B 360 31.46 40.07 -91.12
CA GLU B 360 31.29 39.77 -92.54
C GLU B 360 32.47 38.91 -92.99
N ALA B 361 33.69 39.30 -92.59
CA ALA B 361 34.89 38.46 -92.69
C ALA B 361 34.69 37.05 -92.14
N ALA B 362 34.13 36.98 -90.94
CA ALA B 362 33.89 35.71 -90.25
C ALA B 362 33.01 34.74 -91.03
N VAL B 363 31.93 35.26 -91.62
CA VAL B 363 31.03 34.46 -92.46
C VAL B 363 31.70 34.14 -93.81
N ASN B 364 32.55 35.04 -94.30
CA ASN B 364 33.33 34.80 -95.52
C ASN B 364 34.42 33.73 -95.33
N LEU B 365 35.09 33.75 -94.17
CA LEU B 365 36.16 32.79 -93.85
C LEU B 365 35.61 31.38 -93.64
N ALA B 366 34.44 31.28 -93.01
CA ALA B 366 33.75 30.00 -92.80
C ALA B 366 33.26 29.35 -94.10
N LYS B 367 32.97 30.16 -95.12
CA LYS B 367 32.55 29.66 -96.43
C LYS B 367 33.67 28.97 -97.24
N SER B 368 34.92 29.28 -96.93
CA SER B 368 36.06 28.71 -97.67
C SER B 368 36.30 27.24 -97.33
N ARG B 369 37.17 26.60 -98.13
CA ARG B 369 37.60 25.22 -97.89
C ARG B 369 38.80 25.10 -96.91
N TRP B 370 39.03 26.16 -96.13
CA TRP B 370 39.90 26.10 -94.94
C TRP B 370 39.10 25.66 -93.73
N TYR B 371 37.95 26.30 -93.51
CA TYR B 371 37.05 25.96 -92.41
C TYR B 371 36.45 24.55 -92.54
N ASN B 372 36.32 24.04 -93.77
CA ASN B 372 35.93 22.65 -94.00
C ASN B 372 37.05 21.67 -93.59
N GLN B 373 38.28 21.96 -94.01
CA GLN B 373 39.42 21.08 -93.71
C GLN B 373 39.85 21.05 -92.24
N THR B 374 39.57 22.12 -91.51
CA THR B 374 39.85 22.21 -90.07
C THR B 374 38.78 23.08 -89.41
N PRO B 375 37.62 22.49 -89.09
CA PRO B 375 36.53 23.28 -88.48
C PRO B 375 36.81 23.76 -87.05
N ASN B 376 37.77 23.15 -86.36
CA ASN B 376 38.07 23.49 -84.98
C ASN B 376 39.04 24.66 -84.85
N ARG B 377 40.16 24.59 -85.57
CA ARG B 377 41.19 25.63 -85.53
C ARG B 377 40.70 26.92 -86.20
N ALA B 378 40.14 26.78 -87.39
CA ALA B 378 39.53 27.90 -88.11
C ALA B 378 38.42 28.60 -87.32
N LYS B 379 37.70 27.85 -86.48
CA LYS B 379 36.64 28.44 -85.63
C LYS B 379 37.19 29.33 -84.53
N ARG B 380 38.30 28.91 -83.90
CA ARG B 380 38.94 29.72 -82.84
C ARG B 380 39.66 30.94 -83.43
N VAL B 381 40.29 30.75 -84.60
CA VAL B 381 40.92 31.87 -85.33
C VAL B 381 39.88 32.90 -85.78
N ILE B 382 38.79 32.44 -86.37
CA ILE B 382 37.71 33.34 -86.84
C ILE B 382 37.11 34.12 -85.67
N THR B 383 36.92 33.45 -84.54
CA THR B 383 36.43 34.12 -83.32
C THR B 383 37.38 35.25 -82.94
N THR B 384 38.68 34.94 -82.87
CA THR B 384 39.73 35.95 -82.59
C THR B 384 39.61 37.18 -83.50
N PHE B 385 39.29 36.98 -84.77
CA PHE B 385 38.99 38.10 -85.68
C PHE B 385 37.62 38.73 -85.35
N ARG B 386 36.61 37.88 -85.16
CA ARG B 386 35.25 38.32 -84.80
C ARG B 386 35.24 39.31 -83.63
N THR B 387 35.83 38.88 -82.52
CA THR B 387 35.76 39.63 -81.26
C THR B 387 37.03 40.47 -80.98
N GLY B 388 38.21 39.91 -81.23
CA GLY B 388 39.48 40.60 -80.97
C GLY B 388 40.14 40.32 -79.63
N THR B 389 39.60 39.34 -78.88
CA THR B 389 40.20 38.84 -77.64
C THR B 389 40.60 37.37 -77.79
N TRP B 390 41.29 36.85 -76.77
CA TRP B 390 41.78 35.47 -76.76
C TRP B 390 40.72 34.50 -76.23
N ASP B 391 39.46 34.80 -76.49
CA ASP B 391 38.33 34.16 -75.83
C ASP B 391 38.13 32.72 -76.23
N ALA B 392 38.31 32.41 -77.52
CA ALA B 392 38.15 31.05 -78.04
C ALA B 392 39.11 30.04 -77.40
N TYR B 393 40.30 30.53 -77.02
CA TYR B 393 41.38 29.71 -76.49
C TYR B 393 41.31 29.58 -74.97
N GLU B 394 40.84 30.64 -74.31
CA GLU B 394 40.53 30.64 -72.89
C GLU B 394 39.41 29.64 -72.66
N ARG B 395 38.37 29.75 -73.46
CA ARG B 395 37.16 28.97 -73.31
C ARG B 395 37.47 27.47 -73.32
N SER B 396 38.23 27.03 -74.32
CA SER B 396 38.37 25.59 -74.59
C SER B 396 39.12 24.82 -73.51
N PHE B 397 40.29 25.34 -73.13
CA PHE B 397 41.16 24.69 -72.14
C PHE B 397 40.59 24.88 -70.73
N PHE B 398 40.05 26.07 -70.46
CA PHE B 398 39.56 26.39 -69.14
C PHE B 398 38.36 25.53 -68.74
N SER B 399 37.43 25.30 -69.67
CA SER B 399 36.23 24.50 -69.34
C SER B 399 36.59 23.07 -68.89
N LEU B 400 37.70 22.53 -69.43
CA LEU B 400 38.28 21.28 -68.90
C LEU B 400 38.76 21.46 -67.46
N TYR B 401 39.55 22.51 -67.23
CA TYR B 401 40.10 22.79 -65.87
C TYR B 401 39.09 23.39 -64.89
N LEU B 402 37.94 23.82 -65.41
CA LEU B 402 36.79 24.30 -64.64
C LEU B 402 35.84 23.19 -64.21
N GLY B 403 36.08 21.93 -64.61
CA GLY B 403 35.56 20.76 -63.88
C GLY B 403 36.16 20.58 -62.48
N ILE B 404 37.16 21.39 -62.14
CA ILE B 404 37.58 21.59 -60.75
C ILE B 404 36.68 22.59 -60.02
N GLY B 405 35.52 22.95 -60.57
CA GLY B 405 34.51 23.78 -59.91
C GLY B 405 33.32 22.99 -59.38
N TRP B 406 32.84 22.01 -60.15
CA TRP B 406 31.68 21.18 -59.80
C TRP B 406 32.05 19.78 -59.32
N GLY B 407 32.90 19.09 -60.07
CA GLY B 407 33.27 17.70 -59.80
C GLY B 407 34.18 17.48 -58.62
N ALA B 408 35.08 18.42 -58.35
CA ALA B 408 36.02 18.32 -57.22
C ALA B 408 35.31 18.39 -55.85
N PRO B 409 34.32 19.30 -55.69
CA PRO B 409 33.45 19.23 -54.50
C PRO B 409 32.68 17.91 -54.39
N MET B 410 32.09 17.46 -55.50
CA MET B 410 31.35 16.19 -55.55
C MET B 410 32.20 14.96 -55.22
N LEU B 411 33.50 15.03 -55.50
CA LEU B 411 34.44 13.95 -55.14
C LEU B 411 34.56 13.78 -53.62
N PHE B 412 34.53 14.89 -52.88
CA PHE B 412 34.63 14.89 -51.41
C PHE B 412 33.28 14.69 -50.70
N VAL B 413 32.29 15.49 -51.10
CA VAL B 413 31.04 15.62 -50.34
C VAL B 413 30.07 14.44 -50.55
N VAL B 414 29.89 13.98 -51.79
CA VAL B 414 28.93 12.88 -52.08
C VAL B 414 29.29 11.61 -51.32
N PRO B 415 30.57 11.20 -51.33
CA PRO B 415 30.94 10.06 -50.50
C PRO B 415 30.76 10.37 -49.02
N TRP B 416 31.42 11.40 -48.53
CA TRP B 416 31.74 11.47 -47.12
C TRP B 416 30.59 12.02 -46.30
N ALA B 417 29.77 12.90 -46.88
CA ALA B 417 28.59 13.43 -46.20
C ALA B 417 27.50 12.35 -46.10
N VAL B 418 27.38 11.54 -47.15
CA VAL B 418 26.49 10.37 -47.18
C VAL B 418 26.97 9.30 -46.20
N VAL B 419 28.28 9.05 -46.17
CA VAL B 419 28.90 8.09 -45.24
C VAL B 419 28.62 8.45 -43.79
N LYS B 420 28.88 9.71 -43.43
CA LYS B 420 28.66 10.20 -42.06
C LYS B 420 27.21 9.99 -41.64
N CYS B 421 26.28 10.53 -42.43
CA CYS B 421 24.83 10.33 -42.23
C CYS B 421 24.44 8.92 -41.81
N LEU B 422 24.86 7.94 -42.59
CA LEU B 422 24.39 6.57 -42.46
C LEU B 422 24.95 5.85 -41.23
N PHE B 423 26.17 6.21 -40.84
CA PHE B 423 26.76 5.69 -39.59
C PHE B 423 26.56 6.69 -38.45
N GLU B 424 26.88 7.97 -38.67
CA GLU B 424 26.53 9.08 -37.76
C GLU B 424 25.34 9.90 -38.30
N ASN B 425 24.14 9.70 -37.74
CA ASN B 425 22.91 10.37 -38.24
C ASN B 425 22.34 11.38 -37.26
N VAL B 426 21.78 12.45 -37.82
CA VAL B 426 21.09 13.51 -37.09
C VAL B 426 19.90 13.99 -37.95
N GLN B 427 18.94 14.65 -37.31
CA GLN B 427 17.81 15.28 -38.02
C GLN B 427 18.16 16.20 -39.22
N CYS B 428 18.90 17.29 -38.97
CA CYS B 428 19.35 18.23 -40.00
C CYS B 428 20.81 18.53 -39.65
N TRP B 429 21.73 18.17 -40.53
CA TRP B 429 23.13 17.97 -40.12
C TRP B 429 23.97 19.24 -40.05
N THR B 430 24.20 19.72 -38.83
CA THR B 430 25.19 20.74 -38.55
C THR B 430 26.00 20.27 -37.33
N SER B 431 26.57 19.06 -37.47
CA SER B 431 27.22 18.35 -36.36
C SER B 431 28.65 18.85 -36.13
N ASN B 432 29.07 18.84 -34.87
CA ASN B 432 30.41 19.34 -34.46
C ASN B 432 31.49 18.26 -34.31
N ASP B 433 31.25 17.08 -34.88
CA ASP B 433 32.15 15.94 -34.73
C ASP B 433 33.41 16.24 -35.53
N ASN B 434 34.57 16.27 -34.87
CA ASN B 434 35.82 16.67 -35.54
C ASN B 434 36.48 15.59 -36.42
N MET B 435 35.87 14.41 -36.51
CA MET B 435 36.39 13.32 -37.35
C MET B 435 36.10 13.55 -38.83
N GLY B 436 34.95 14.17 -39.13
CA GLY B 436 34.49 14.41 -40.51
C GLY B 436 34.12 15.84 -40.87
N PHE B 437 33.87 16.69 -39.86
CA PHE B 437 33.69 18.12 -40.09
C PHE B 437 35.03 18.85 -40.28
N TRP B 438 36.15 18.12 -40.12
CA TRP B 438 37.49 18.61 -40.43
C TRP B 438 38.03 18.02 -41.74
N TRP B 439 38.14 16.69 -41.80
CA TRP B 439 38.79 15.99 -42.91
C TRP B 439 37.98 16.00 -44.21
N ILE B 440 36.67 15.81 -44.13
CA ILE B 440 35.84 15.68 -45.33
C ILE B 440 35.53 17.02 -45.99
N LEU B 441 34.84 17.89 -45.25
CA LEU B 441 34.28 19.14 -45.80
C LEU B 441 35.18 20.37 -45.65
N ARG B 442 36.07 20.38 -44.66
CA ARG B 442 36.96 21.52 -44.41
C ARG B 442 38.34 21.41 -45.09
N PHE B 443 38.81 20.18 -45.33
CA PHE B 443 40.10 19.95 -46.01
C PHE B 443 40.15 20.52 -47.44
N PRO B 444 39.10 20.28 -48.25
CA PRO B 444 39.09 20.81 -49.62
C PRO B 444 38.99 22.34 -49.70
N VAL B 445 38.33 22.96 -48.72
CA VAL B 445 38.26 24.42 -48.63
C VAL B 445 39.60 24.99 -48.12
N PHE B 446 40.31 24.24 -47.28
CA PHE B 446 41.70 24.60 -46.86
C PHE B 446 42.68 24.44 -48.01
N LEU B 447 42.60 23.31 -48.70
CA LEU B 447 43.48 23.00 -49.84
C LEU B 447 43.27 23.97 -51.00
N ALA B 448 42.03 24.42 -51.18
CA ALA B 448 41.70 25.45 -52.18
C ALA B 448 42.30 26.81 -51.81
N ILE B 449 42.08 27.24 -50.56
CA ILE B 449 42.63 28.52 -50.05
C ILE B 449 44.17 28.51 -50.10
N LEU B 450 44.76 27.35 -49.79
CA LEU B 450 46.22 27.14 -49.88
C LEU B 450 46.75 27.45 -51.28
N ILE B 451 46.09 26.90 -52.30
CA ILE B 451 46.45 27.15 -53.70
C ILE B 451 46.08 28.57 -54.14
N ASN B 452 44.93 29.08 -53.67
CA ASN B 452 44.56 30.49 -53.89
C ASN B 452 45.54 31.53 -53.30
N PHE B 453 46.35 31.13 -52.30
CA PHE B 453 47.36 32.03 -51.69
C PHE B 453 48.73 31.94 -52.41
N PHE B 454 49.10 30.75 -52.89
CA PHE B 454 50.28 30.58 -53.76
C PHE B 454 50.10 31.33 -55.08
N ILE B 455 48.86 31.35 -55.58
CA ILE B 455 48.48 32.13 -56.78
C ILE B 455 48.48 33.63 -56.49
N PHE B 456 47.77 34.05 -55.44
CA PHE B 456 47.63 35.48 -55.07
C PHE B 456 48.93 36.29 -55.20
N VAL B 457 50.03 35.72 -54.69
CA VAL B 457 51.37 36.33 -54.80
C VAL B 457 51.89 36.27 -56.24
N ARG B 458 51.68 35.14 -56.90
CA ARG B 458 52.04 34.96 -58.33
C ARG B 458 51.26 35.87 -59.29
N ILE B 459 50.10 36.39 -58.84
CA ILE B 459 49.34 37.40 -59.60
C ILE B 459 49.95 38.80 -59.44
N VAL B 460 50.44 39.13 -58.25
CA VAL B 460 51.03 40.46 -57.97
C VAL B 460 52.37 40.65 -58.71
N GLN B 461 53.20 39.60 -58.75
CA GLN B 461 54.42 39.60 -59.59
C GLN B 461 54.10 39.62 -61.10
N LEU B 462 52.94 39.06 -61.46
CA LEU B 462 52.42 39.05 -62.84
C LEU B 462 51.79 40.39 -63.25
N LEU B 463 51.28 41.14 -62.26
CA LEU B 463 50.62 42.44 -62.51
C LEU B 463 51.59 43.63 -62.47
N VAL B 464 52.65 43.54 -61.65
CA VAL B 464 53.73 44.54 -61.71
C VAL B 464 54.42 44.50 -63.09
N ALA B 465 54.74 43.28 -63.56
CA ALA B 465 55.37 43.07 -64.87
C ALA B 465 54.49 43.55 -66.04
N LYS B 466 53.18 43.37 -65.90
CA LYS B 466 52.20 43.85 -66.89
C LYS B 466 52.03 45.36 -66.91
N LEU B 467 51.92 45.95 -65.72
CA LEU B 467 51.62 47.38 -65.57
C LEU B 467 52.76 48.31 -66.01
N ARG B 468 54.01 47.82 -65.91
CA ARG B 468 55.19 48.56 -66.33
C ARG B 468 55.78 47.90 -67.58
N ALA B 469 54.95 47.89 -68.62
CA ALA B 469 55.34 47.49 -69.96
C ALA B 469 54.33 48.08 -70.95
N ARG B 470 54.42 47.71 -72.23
CA ARG B 470 53.45 48.13 -73.26
C ARG B 470 52.18 47.23 -73.36
N GLN B 471 51.81 46.58 -72.24
CA GLN B 471 50.68 45.66 -72.17
C GLN B 471 49.62 46.09 -71.12
N MET B 472 49.62 47.35 -70.66
CA MET B 472 48.56 47.85 -69.73
C MET B 472 48.33 49.37 -69.71
N HIS B 473 47.11 49.71 -69.33
CA HIS B 473 46.72 51.03 -68.81
C HIS B 473 45.70 50.74 -67.71
N HIS B 474 45.34 51.77 -66.96
CA HIS B 474 44.65 51.61 -65.66
C HIS B 474 43.16 51.31 -65.84
N THR B 475 42.57 51.91 -66.87
CA THR B 475 41.18 51.64 -67.28
C THR B 475 41.05 50.37 -68.14
N ASP B 476 42.11 49.58 -68.29
CA ASP B 476 42.07 48.30 -69.01
C ASP B 476 41.35 47.23 -68.17
N TYR B 477 40.30 46.64 -68.76
CA TYR B 477 39.49 45.55 -68.18
C TYR B 477 40.25 44.44 -67.44
N LYS B 478 41.46 44.11 -67.93
CA LYS B 478 42.34 43.14 -67.28
C LYS B 478 42.72 43.54 -65.84
N PHE B 479 43.03 44.82 -65.67
CA PHE B 479 43.28 45.39 -64.34
C PHE B 479 41.99 45.55 -63.54
N ARG B 480 40.94 46.02 -64.22
CA ARG B 480 39.59 46.18 -63.63
C ARG B 480 39.09 44.89 -62.97
N LEU B 481 39.21 43.76 -63.67
CA LEU B 481 38.76 42.46 -63.17
C LEU B 481 39.55 41.97 -61.96
N ALA B 482 40.83 42.36 -61.86
CA ALA B 482 41.66 42.04 -60.68
C ALA B 482 41.21 42.77 -59.42
N LYS B 483 40.51 43.90 -59.56
CA LYS B 483 39.93 44.61 -58.41
C LYS B 483 38.82 43.80 -57.72
N SER B 484 38.14 42.93 -58.47
CA SER B 484 37.13 42.04 -57.90
C SER B 484 37.76 40.78 -57.29
N THR B 485 38.47 40.01 -58.11
CA THR B 485 39.09 38.74 -57.68
C THR B 485 40.07 38.89 -56.52
N LEU B 486 40.94 39.90 -56.59
CA LEU B 486 41.99 40.12 -55.58
C LEU B 486 41.45 40.59 -54.22
N THR B 487 40.19 41.04 -54.17
CA THR B 487 39.55 41.38 -52.90
C THR B 487 38.91 40.17 -52.23
N LEU B 488 38.29 39.29 -53.02
CA LEU B 488 37.54 38.15 -52.48
C LEU B 488 38.43 37.10 -51.83
N ILE B 489 39.59 36.80 -52.42
CA ILE B 489 40.49 35.74 -51.93
C ILE B 489 41.07 36.06 -50.54
N PRO B 490 41.43 37.33 -50.26
CA PRO B 490 41.72 37.77 -48.87
C PRO B 490 40.51 37.92 -47.95
N LEU B 491 39.35 38.32 -48.48
CA LEU B 491 38.12 38.48 -47.67
C LEU B 491 37.56 37.13 -47.23
N LEU B 492 37.41 36.22 -48.19
CA LEU B 492 36.87 34.87 -47.93
C LEU B 492 37.91 33.93 -47.31
N GLY B 493 39.15 34.03 -47.75
CA GLY B 493 40.25 33.21 -47.22
C GLY B 493 40.55 33.41 -45.75
N VAL B 494 40.42 34.65 -45.27
CA VAL B 494 40.54 34.97 -43.85
C VAL B 494 39.29 34.49 -43.10
N HIS B 495 38.13 34.98 -43.54
CA HIS B 495 36.84 34.76 -42.87
C HIS B 495 36.43 33.30 -42.63
N GLU B 496 36.90 32.38 -43.47
CA GLU B 496 36.58 30.93 -43.33
C GLU B 496 37.70 30.05 -42.74
N VAL B 497 38.92 30.58 -42.59
CA VAL B 497 39.98 29.90 -41.83
C VAL B 497 40.00 30.36 -40.37
N VAL B 498 39.75 31.65 -40.12
CA VAL B 498 39.70 32.17 -38.73
C VAL B 498 38.45 31.63 -38.01
N PHE B 499 37.37 31.45 -38.77
CA PHE B 499 36.16 30.78 -38.29
C PHE B 499 36.46 29.35 -37.83
N ALA B 500 36.97 28.52 -38.73
CA ALA B 500 37.18 27.09 -38.46
C ALA B 500 38.34 26.76 -37.50
N PHE B 501 39.46 27.47 -37.66
CA PHE B 501 40.72 27.16 -36.94
C PHE B 501 40.67 27.36 -35.42
N VAL B 502 40.62 28.61 -34.96
CA VAL B 502 40.66 28.95 -33.53
C VAL B 502 39.39 29.71 -33.14
N THR B 503 38.26 29.13 -33.51
CA THR B 503 36.94 29.67 -33.14
C THR B 503 35.94 28.58 -32.73
N ASP B 504 36.43 27.35 -32.48
CA ASP B 504 35.55 26.19 -32.32
C ASP B 504 35.16 25.92 -30.86
N GLU B 505 35.14 26.95 -30.00
CA GLU B 505 34.68 26.80 -28.61
C GLU B 505 33.14 26.98 -28.52
N HIS B 506 32.43 25.86 -28.60
CA HIS B 506 30.97 25.81 -28.41
C HIS B 506 30.57 25.44 -26.97
N ALA B 507 31.56 25.15 -26.13
CA ALA B 507 31.35 25.11 -24.68
C ALA B 507 30.98 26.50 -24.13
N GLN B 508 31.34 27.56 -24.85
CA GLN B 508 30.92 28.93 -24.52
C GLN B 508 29.51 29.22 -25.01
N GLY B 509 28.90 30.25 -24.43
CA GLY B 509 27.44 30.48 -24.48
C GLY B 509 26.99 31.85 -24.97
N THR B 510 27.51 32.88 -24.30
CA THR B 510 27.14 34.28 -24.54
C THR B 510 28.08 35.02 -25.48
N LEU B 511 29.37 34.67 -25.46
CA LEU B 511 30.37 35.22 -26.39
C LEU B 511 30.47 34.37 -27.67
N ARG B 512 30.28 33.06 -27.53
CA ARG B 512 30.27 32.14 -28.67
C ARG B 512 29.06 32.32 -29.60
N SER B 513 27.90 32.65 -29.00
CA SER B 513 26.68 32.93 -29.75
C SER B 513 26.72 34.37 -30.30
N ALA B 514 27.45 35.25 -29.61
CA ALA B 514 27.77 36.59 -30.11
C ALA B 514 28.76 36.55 -31.28
N LYS B 515 29.71 35.60 -31.23
CA LYS B 515 30.65 35.38 -32.35
C LYS B 515 29.91 34.85 -33.59
N LEU B 516 29.08 33.81 -33.36
CA LEU B 516 28.15 33.24 -34.38
C LEU B 516 27.45 34.29 -35.26
N PHE B 517 26.81 35.26 -34.62
CA PHE B 517 25.97 36.26 -35.33
C PHE B 517 26.77 37.33 -36.09
N PHE B 518 27.94 37.73 -35.57
CA PHE B 518 28.84 38.65 -36.27
C PHE B 518 29.46 38.03 -37.54
N ASP B 519 29.63 36.70 -37.54
CA ASP B 519 30.18 35.97 -38.68
C ASP B 519 29.11 35.61 -39.72
N LEU B 520 28.02 34.99 -39.28
CA LEU B 520 26.95 34.55 -40.19
C LEU B 520 26.18 35.69 -40.88
N PHE B 521 26.19 36.88 -40.28
CA PHE B 521 25.64 38.08 -40.92
C PHE B 521 26.54 38.59 -42.05
N LEU B 522 27.86 38.50 -41.88
CA LEU B 522 28.81 38.76 -42.97
C LEU B 522 28.71 37.69 -44.06
N SER B 523 28.53 36.43 -43.66
CA SER B 523 28.38 35.30 -44.59
C SER B 523 27.08 35.34 -45.41
N SER B 524 26.04 35.99 -44.87
CA SER B 524 24.75 36.13 -45.57
C SER B 524 24.82 37.13 -46.74
N PHE B 525 25.54 38.22 -46.53
CA PHE B 525 25.77 39.24 -47.58
C PHE B 525 26.90 38.88 -48.56
N GLN B 526 27.64 37.82 -48.24
CA GLN B 526 28.71 37.24 -49.08
C GLN B 526 28.30 36.98 -50.54
N GLY B 527 27.08 36.48 -50.74
CA GLY B 527 26.54 36.23 -52.08
C GLY B 527 26.09 37.44 -52.90
N LEU B 528 25.95 38.60 -52.25
CA LEU B 528 25.66 39.87 -52.93
C LEU B 528 26.94 40.65 -53.23
N LEU B 529 27.89 40.63 -52.29
CA LEU B 529 29.23 41.22 -52.48
C LEU B 529 29.84 40.74 -53.80
N VAL B 530 29.85 39.41 -53.99
CA VAL B 530 30.30 38.77 -55.22
C VAL B 530 29.49 39.21 -56.44
N ALA B 531 28.16 39.17 -56.31
CA ALA B 531 27.26 39.66 -57.37
C ALA B 531 27.56 41.11 -57.76
N VAL B 532 27.84 41.96 -56.76
CA VAL B 532 28.12 43.39 -57.00
C VAL B 532 29.45 43.63 -57.72
N LEU B 533 30.56 43.21 -57.12
CA LEU B 533 31.89 43.54 -57.64
C LEU B 533 32.20 42.95 -59.02
N TYR B 534 31.71 41.74 -59.28
CA TYR B 534 31.88 41.12 -60.60
C TYR B 534 30.86 41.67 -61.59
N CYS B 535 29.58 41.33 -61.42
CA CYS B 535 28.54 41.71 -62.39
C CYS B 535 28.17 43.20 -62.39
N PHE B 536 27.64 43.69 -61.26
CA PHE B 536 27.06 45.04 -61.20
C PHE B 536 28.04 46.22 -61.27
N LEU B 537 29.30 46.00 -60.88
CA LEU B 537 30.33 47.06 -60.93
C LEU B 537 31.24 47.02 -62.18
N ASN B 538 31.01 46.05 -63.06
CA ASN B 538 31.80 45.91 -64.31
C ASN B 538 31.48 47.09 -65.24
N LYS B 539 32.51 47.74 -65.78
CA LYS B 539 32.34 48.79 -66.79
C LYS B 539 31.56 48.27 -68.00
N GLU B 540 32.12 47.26 -68.66
CA GLU B 540 31.50 46.61 -69.84
C GLU B 540 30.02 46.29 -69.71
N VAL B 541 29.63 45.75 -68.55
CA VAL B 541 28.23 45.39 -68.28
C VAL B 541 27.40 46.66 -68.03
N GLN B 542 27.96 47.63 -67.32
CA GLN B 542 27.32 48.94 -67.12
C GLN B 542 27.04 49.68 -68.44
N SER B 543 27.97 49.57 -69.39
CA SER B 543 27.78 50.16 -70.73
C SER B 543 26.70 49.47 -71.56
N GLU B 544 26.62 48.14 -71.46
CA GLU B 544 25.59 47.34 -72.16
C GLU B 544 24.18 47.61 -71.64
N LEU B 545 24.06 47.97 -70.37
CA LEU B 545 22.80 48.55 -69.85
C LEU B 545 22.52 49.92 -70.46
N ARG B 546 23.56 50.74 -70.60
CA ARG B 546 23.44 52.03 -71.32
C ARG B 546 23.22 51.90 -72.84
N ARG B 547 23.36 50.69 -73.38
CA ARG B 547 23.02 50.39 -74.79
C ARG B 547 21.61 49.83 -74.92
N ARG B 548 21.27 48.86 -74.06
CA ARG B 548 19.91 48.30 -74.01
C ARG B 548 18.88 49.35 -73.58
N TRP B 549 19.30 50.19 -72.62
CA TRP B 549 18.62 51.43 -72.25
C TRP B 549 19.48 52.62 -72.73
N HIS B 550 19.40 52.91 -74.03
CA HIS B 550 20.15 53.99 -74.68
C HIS B 550 19.32 55.23 -75.05
N ARG B 551 18.07 55.01 -75.44
CA ARG B 551 17.13 56.10 -75.69
C ARG B 551 15.68 55.58 -75.79
N TRP B 552 14.98 55.62 -74.65
CA TRP B 552 13.56 55.26 -74.60
C TRP B 552 12.70 56.42 -75.09
N ARG B 553 13.02 57.63 -74.61
CA ARG B 553 12.36 58.86 -75.06
C ARG B 553 13.39 59.89 -75.49
N GLN C 1 13.75 -29.45 18.23
CA GLN C 1 14.72 -30.29 17.44
C GLN C 1 14.21 -30.87 16.09
N VAL C 2 12.91 -30.87 15.85
CA VAL C 2 12.35 -31.15 14.51
C VAL C 2 12.90 -30.18 13.45
N GLN C 3 13.83 -30.65 12.62
CA GLN C 3 14.37 -29.83 11.53
C GLN C 3 14.92 -30.62 10.34
N LEU C 4 14.99 -29.92 9.21
CA LEU C 4 15.35 -30.47 7.90
C LEU C 4 16.50 -29.66 7.31
N VAL C 5 17.65 -30.30 7.04
CA VAL C 5 18.82 -29.63 6.47
C VAL C 5 19.05 -30.06 5.01
N GLU C 6 18.99 -29.13 4.06
CA GLU C 6 19.39 -29.43 2.67
C GLU C 6 20.85 -29.18 2.40
N SER C 7 21.33 -29.84 1.36
CA SER C 7 22.68 -29.68 0.85
C SER C 7 22.68 -30.21 -0.59
N GLY C 8 23.83 -30.15 -1.24
CA GLY C 8 23.95 -30.62 -2.63
C GLY C 8 23.94 -29.49 -3.64
N GLY C 9 23.55 -28.29 -3.21
CA GLY C 9 23.37 -27.18 -4.13
C GLY C 9 24.70 -26.61 -4.55
N GLY C 10 24.69 -25.95 -5.70
CA GLY C 10 25.87 -25.32 -6.23
C GLY C 10 25.72 -25.07 -7.71
N VAL C 11 26.81 -24.63 -8.33
CA VAL C 11 26.80 -24.17 -9.70
C VAL C 11 27.05 -25.36 -10.62
N VAL C 12 26.23 -25.45 -11.67
CA VAL C 12 26.13 -26.63 -12.55
C VAL C 12 25.75 -26.08 -13.93
N GLN C 13 26.04 -26.83 -14.99
CA GLN C 13 25.91 -26.31 -16.37
C GLN C 13 24.68 -26.88 -17.05
N PRO C 14 24.09 -26.12 -18.00
CA PRO C 14 22.94 -26.62 -18.76
C PRO C 14 23.23 -28.00 -19.36
N GLY C 15 22.33 -28.95 -19.13
CA GLY C 15 22.49 -30.31 -19.63
C GLY C 15 23.04 -31.29 -18.61
N ARG C 16 23.87 -30.82 -17.68
CA ARG C 16 24.46 -31.68 -16.66
C ARG C 16 23.45 -31.93 -15.52
N SER C 17 23.88 -32.50 -14.39
CA SER C 17 22.95 -33.03 -13.38
C SER C 17 23.36 -32.73 -11.94
N LEU C 18 22.42 -32.91 -11.02
CA LEU C 18 22.63 -32.66 -9.60
C LEU C 18 21.67 -33.43 -8.70
N ARG C 19 22.21 -34.00 -7.64
CA ARG C 19 21.42 -34.69 -6.65
C ARG C 19 21.42 -33.84 -5.39
N LEU C 20 20.35 -33.06 -5.21
CA LEU C 20 20.09 -32.38 -3.96
C LEU C 20 19.69 -33.42 -2.92
N SER C 21 20.01 -33.15 -1.67
CA SER C 21 19.71 -34.02 -0.55
C SER C 21 19.03 -33.19 0.55
N CYS C 22 18.14 -33.82 1.32
CA CYS C 22 17.38 -33.17 2.39
C CYS C 22 17.32 -34.13 3.58
N ALA C 23 17.88 -33.72 4.71
CA ALA C 23 18.21 -34.62 5.81
C ALA C 23 17.36 -34.32 7.04
N ALA C 24 16.46 -35.24 7.36
CA ALA C 24 15.51 -35.03 8.44
C ALA C 24 16.09 -35.49 9.76
N SER C 25 15.84 -34.69 10.79
CA SER C 25 16.17 -35.04 12.17
C SER C 25 15.12 -34.43 13.08
N GLY C 26 14.95 -35.02 14.25
CA GLY C 26 13.95 -34.57 15.23
C GLY C 26 12.58 -35.22 15.12
N PHE C 27 12.40 -36.14 14.16
CA PHE C 27 11.12 -36.82 13.98
C PHE C 27 11.22 -38.15 13.22
N THR C 28 10.12 -38.89 13.28
CA THR C 28 10.00 -40.15 12.60
C THR C 28 9.79 -39.92 11.09
N PHE C 29 10.90 -39.79 10.37
CA PHE C 29 10.93 -39.59 8.89
C PHE C 29 9.99 -40.51 8.09
N SER C 30 9.94 -41.78 8.48
CA SER C 30 9.17 -42.81 7.76
C SER C 30 7.67 -42.52 7.65
N SER C 31 7.11 -41.87 8.66
CA SER C 31 5.68 -41.64 8.72
C SER C 31 5.20 -40.37 8.00
N TYR C 32 6.13 -39.47 7.65
CA TYR C 32 5.77 -38.21 6.98
C TYR C 32 5.99 -38.30 5.48
N GLY C 33 5.05 -37.73 4.72
CA GLY C 33 5.25 -37.45 3.30
C GLY C 33 6.26 -36.32 3.19
N MET C 34 6.88 -36.18 2.03
CA MET C 34 7.91 -35.18 1.83
C MET C 34 7.83 -34.57 0.44
N HIS C 35 8.30 -33.32 0.35
CA HIS C 35 8.03 -32.44 -0.76
C HIS C 35 9.29 -31.63 -1.09
N TRP C 36 9.53 -31.36 -2.37
CA TRP C 36 10.46 -30.28 -2.75
C TRP C 36 9.66 -29.11 -3.32
N VAL C 37 10.15 -27.90 -3.04
CA VAL C 37 9.57 -26.66 -3.53
C VAL C 37 10.73 -25.80 -3.97
N ARG C 38 10.60 -25.14 -5.12
CA ARG C 38 11.63 -24.20 -5.56
C ARG C 38 11.10 -22.78 -5.62
N GLN C 39 12.04 -21.83 -5.54
CA GLN C 39 11.73 -20.41 -5.65
C GLN C 39 12.83 -19.78 -6.49
N ALA C 40 12.50 -19.39 -7.71
CA ALA C 40 13.46 -18.74 -8.60
C ALA C 40 13.78 -17.32 -8.07
N PRO C 41 14.95 -16.75 -8.45
CA PRO C 41 15.46 -15.50 -7.85
C PRO C 41 14.46 -14.35 -7.67
N GLY C 42 13.89 -13.85 -8.76
CA GLY C 42 12.91 -12.77 -8.68
C GLY C 42 11.59 -13.26 -8.15
N LYS C 43 11.23 -14.49 -8.54
CA LYS C 43 9.84 -14.96 -8.54
C LYS C 43 9.41 -15.57 -7.20
N GLY C 44 8.23 -16.20 -7.20
CA GLY C 44 7.62 -16.77 -6.01
C GLY C 44 7.80 -18.26 -5.89
N LEU C 45 7.09 -18.84 -4.93
CA LEU C 45 7.17 -20.26 -4.62
C LEU C 45 6.52 -21.11 -5.71
N GLU C 46 7.13 -22.25 -5.98
CA GLU C 46 6.65 -23.21 -6.97
C GLU C 46 6.92 -24.61 -6.42
N TRP C 47 5.85 -25.39 -6.24
CA TRP C 47 5.96 -26.79 -5.85
C TRP C 47 6.57 -27.53 -7.01
N VAL C 48 7.39 -28.55 -6.72
CA VAL C 48 8.08 -29.28 -7.79
C VAL C 48 7.90 -30.80 -7.73
N ALA C 49 7.93 -31.40 -6.54
CA ALA C 49 7.64 -32.85 -6.41
C ALA C 49 7.25 -33.25 -5.00
N VAL C 50 6.59 -34.41 -4.91
CA VAL C 50 6.24 -35.01 -3.62
C VAL C 50 6.55 -36.49 -3.70
N MET C 51 6.80 -37.06 -2.52
CA MET C 51 6.99 -38.49 -2.41
C MET C 51 6.45 -38.92 -1.06
N TYR C 52 5.73 -40.04 -1.08
CA TYR C 52 5.19 -40.63 0.13
C TYR C 52 5.93 -41.92 0.43
N TYR C 53 5.76 -42.41 1.65
CA TYR C 53 6.56 -43.52 2.18
C TYR C 53 6.59 -44.79 1.31
N ASP C 54 5.44 -45.12 0.72
CA ASP C 54 5.24 -46.39 -0.01
C ASP C 54 6.43 -47.02 -0.83
N GLY C 55 6.99 -46.38 -1.86
CA GLY C 55 6.61 -45.10 -2.45
C GLY C 55 6.16 -45.26 -3.89
N SER C 56 5.08 -46.03 -4.07
CA SER C 56 4.30 -46.07 -5.32
C SER C 56 3.76 -44.70 -5.72
N ASN C 57 3.22 -44.00 -4.71
CA ASN C 57 2.74 -42.64 -4.85
C ASN C 57 3.91 -41.66 -4.93
N LYS C 58 4.04 -41.05 -6.11
CA LYS C 58 5.05 -40.05 -6.41
C LYS C 58 4.48 -39.12 -7.45
N ASP C 59 4.88 -37.87 -7.42
CA ASP C 59 4.39 -36.90 -8.40
C ASP C 59 5.35 -35.74 -8.60
N TYR C 60 5.18 -35.07 -9.73
CA TYR C 60 6.04 -33.96 -10.11
C TYR C 60 5.22 -32.90 -10.83
N VAL C 61 5.75 -31.68 -10.86
CA VAL C 61 5.16 -30.61 -11.66
C VAL C 61 5.54 -30.89 -13.11
N ASP C 62 4.73 -30.44 -14.07
CA ASP C 62 4.89 -30.81 -15.49
C ASP C 62 6.28 -30.50 -16.03
N SER C 63 6.77 -29.29 -15.76
CA SER C 63 8.07 -28.85 -16.29
C SER C 63 9.28 -29.70 -15.84
N VAL C 64 9.15 -30.48 -14.76
CA VAL C 64 10.24 -31.38 -14.33
C VAL C 64 9.99 -32.89 -14.55
N LYS C 65 8.78 -33.28 -14.97
CA LYS C 65 8.44 -34.71 -15.23
C LYS C 65 9.41 -35.39 -16.20
N GLY C 66 9.94 -36.54 -15.82
CA GLY C 66 10.90 -37.30 -16.65
C GLY C 66 12.33 -36.81 -16.51
N ARG C 67 12.48 -35.50 -16.40
CA ARG C 67 13.74 -34.81 -16.16
C ARG C 67 14.25 -34.95 -14.72
N PHE C 68 13.34 -34.91 -13.73
CA PHE C 68 13.67 -34.92 -12.28
C PHE C 68 13.13 -36.19 -11.62
N THR C 69 13.77 -36.60 -10.53
CA THR C 69 13.40 -37.82 -9.81
C THR C 69 13.65 -37.67 -8.32
N ILE C 70 12.65 -38.07 -7.52
CA ILE C 70 12.66 -37.96 -6.07
C ILE C 70 12.82 -39.35 -5.48
N SER C 71 13.50 -39.43 -4.34
CA SER C 71 13.77 -40.69 -3.68
C SER C 71 14.06 -40.39 -2.24
N ARG C 72 13.98 -41.43 -1.41
CA ARG C 72 14.24 -41.28 0.00
C ARG C 72 14.89 -42.54 0.53
N ASP C 73 15.89 -42.36 1.39
CA ASP C 73 16.54 -43.43 2.10
C ASP C 73 16.05 -43.32 3.54
N ASN C 74 15.08 -44.15 3.88
CA ASN C 74 14.47 -44.13 5.22
C ASN C 74 15.44 -44.45 6.34
N SER C 75 16.45 -45.28 6.04
CA SER C 75 17.50 -45.64 7.00
C SER C 75 18.38 -44.45 7.36
N LYS C 76 18.68 -43.60 6.38
CA LYS C 76 19.49 -42.39 6.61
C LYS C 76 18.66 -41.13 6.86
N ASN C 77 17.33 -41.26 6.89
CA ASN C 77 16.42 -40.13 7.06
C ASN C 77 16.75 -39.00 6.09
N THR C 78 16.93 -39.37 4.83
CA THR C 78 17.32 -38.45 3.78
C THR C 78 16.30 -38.53 2.65
N LEU C 79 16.05 -37.37 2.04
CA LEU C 79 15.23 -37.25 0.85
C LEU C 79 16.17 -36.74 -0.22
N TYR C 80 15.95 -37.12 -1.47
CA TYR C 80 16.82 -36.69 -2.56
C TYR C 80 16.03 -36.16 -3.72
N LEU C 81 16.69 -35.32 -4.53
CA LEU C 81 16.12 -34.88 -5.79
C LEU C 81 17.19 -34.97 -6.88
N GLN C 82 17.12 -36.03 -7.68
CA GLN C 82 18.02 -36.22 -8.80
C GLN C 82 17.53 -35.34 -9.94
N MET C 83 18.25 -34.25 -10.19
CA MET C 83 17.91 -33.31 -11.26
C MET C 83 18.82 -33.60 -12.44
N ASN C 84 18.25 -33.98 -13.57
CA ASN C 84 18.99 -34.26 -14.80
C ASN C 84 18.56 -33.31 -15.89
N ARG C 85 19.40 -33.16 -16.92
CA ARG C 85 19.12 -32.30 -18.07
C ARG C 85 18.69 -30.89 -17.64
N LEU C 86 19.44 -30.33 -16.69
CA LEU C 86 19.18 -29.01 -16.14
C LEU C 86 19.08 -27.91 -17.21
N ARG C 87 18.09 -27.04 -17.07
CA ARG C 87 17.98 -25.83 -17.87
C ARG C 87 18.14 -24.62 -16.98
N ALA C 88 18.44 -23.48 -17.59
CA ALA C 88 18.41 -22.15 -16.95
C ALA C 88 17.23 -21.95 -15.98
N GLU C 89 16.04 -22.40 -16.37
CA GLU C 89 14.81 -22.18 -15.57
C GLU C 89 14.76 -22.97 -14.25
N ASP C 90 15.73 -23.86 -14.02
CA ASP C 90 15.83 -24.60 -12.77
C ASP C 90 16.66 -23.86 -11.72
N THR C 91 17.34 -22.79 -12.15
CA THR C 91 17.96 -21.83 -11.24
C THR C 91 16.91 -21.43 -10.23
N ALA C 92 17.19 -21.76 -8.96
CA ALA C 92 16.24 -21.53 -7.88
C ALA C 92 16.82 -21.99 -6.55
N VAL C 93 16.13 -21.61 -5.50
CA VAL C 93 16.45 -21.98 -4.14
C VAL C 93 15.51 -23.14 -3.84
N TYR C 94 16.07 -24.28 -3.41
CA TYR C 94 15.29 -25.51 -3.27
C TYR C 94 15.03 -25.87 -1.82
N TYR C 95 13.82 -25.55 -1.36
CA TYR C 95 13.39 -25.94 -0.01
C TYR C 95 12.85 -27.37 -0.05
N CYS C 96 12.93 -28.06 1.08
CA CYS C 96 12.27 -29.35 1.26
C CYS C 96 11.31 -29.22 2.43
N ALA C 97 10.10 -29.75 2.27
CA ALA C 97 9.09 -29.66 3.31
C ALA C 97 8.51 -31.04 3.56
N ARG C 98 7.93 -31.22 4.74
CA ARG C 98 7.25 -32.46 5.08
C ARG C 98 5.75 -32.21 5.12
N GLU C 99 4.98 -33.26 4.87
CA GLU C 99 3.53 -33.22 5.04
C GLU C 99 3.11 -34.41 5.89
N LYS C 100 2.23 -34.19 6.86
CA LYS C 100 1.64 -35.26 7.68
C LYS C 100 0.31 -35.65 7.03
N ASP C 101 0.12 -36.95 6.84
CA ASP C 101 -1.17 -37.48 6.35
C ASP C 101 -1.75 -38.45 7.38
N HIS C 102 -2.96 -38.91 7.14
CA HIS C 102 -3.61 -39.88 8.03
C HIS C 102 -4.57 -40.75 7.24
N TYR C 103 -4.39 -42.07 7.36
CA TYR C 103 -5.25 -43.06 6.71
C TYR C 103 -6.34 -43.51 7.70
N ASP C 104 -7.59 -43.46 7.26
CA ASP C 104 -8.71 -43.97 8.04
C ASP C 104 -9.03 -45.41 7.60
N ILE C 105 -8.59 -46.38 8.41
CA ILE C 105 -8.75 -47.82 8.11
C ILE C 105 -10.21 -48.22 7.89
N LEU C 106 -11.09 -47.66 8.71
CA LEU C 106 -12.53 -47.94 8.65
C LEU C 106 -13.20 -47.52 7.35
N THR C 107 -12.66 -46.51 6.68
CA THR C 107 -13.23 -46.01 5.41
C THR C 107 -12.32 -46.18 4.18
N GLY C 108 -11.03 -46.43 4.39
CA GLY C 108 -10.05 -46.35 3.31
C GLY C 108 -9.82 -44.97 2.70
N TYR C 109 -10.09 -43.90 3.46
CA TYR C 109 -9.87 -42.54 2.98
C TYR C 109 -8.69 -41.90 3.69
N ASN C 110 -8.07 -40.95 2.99
CA ASN C 110 -6.82 -40.37 3.38
C ASN C 110 -7.02 -38.87 3.63
N TYR C 111 -6.34 -38.33 4.64
CA TYR C 111 -6.45 -36.91 4.99
C TYR C 111 -5.06 -36.31 4.95
N TYR C 112 -4.98 -35.03 4.56
CA TYR C 112 -3.72 -34.39 4.28
C TYR C 112 -3.65 -33.04 4.98
N TYR C 113 -2.54 -32.80 5.69
CA TYR C 113 -2.41 -31.63 6.54
C TYR C 113 -1.40 -30.56 6.04
N GLY C 114 -0.85 -30.71 4.84
CA GLY C 114 0.03 -29.67 4.27
C GLY C 114 1.45 -29.55 4.81
N LEU C 115 2.19 -28.56 4.29
CA LEU C 115 3.63 -28.46 4.49
C LEU C 115 3.93 -27.59 5.73
N ASP C 116 4.08 -28.24 6.89
CA ASP C 116 4.23 -27.56 8.18
C ASP C 116 5.65 -27.10 8.47
N VAL C 117 6.63 -27.97 8.17
CA VAL C 117 8.04 -27.76 8.49
C VAL C 117 8.90 -27.82 7.23
N TRP C 118 9.76 -26.82 7.07
CA TRP C 118 10.54 -26.61 5.85
C TRP C 118 12.03 -26.62 6.17
N GLY C 119 12.84 -26.89 5.16
CA GLY C 119 14.28 -26.79 5.26
C GLY C 119 14.72 -25.35 5.15
N GLN C 120 16.03 -25.13 5.28
CA GLN C 120 16.60 -23.78 5.16
C GLN C 120 16.80 -23.32 3.71
N GLY C 121 17.00 -24.27 2.80
CA GLY C 121 17.18 -23.96 1.37
C GLY C 121 18.61 -24.19 0.91
N THR C 122 18.75 -24.58 -0.35
CA THR C 122 20.04 -24.81 -0.97
C THR C 122 19.98 -24.21 -2.36
N THR C 123 20.87 -23.27 -2.65
CA THR C 123 20.81 -22.55 -3.93
C THR C 123 21.35 -23.45 -5.04
N VAL C 124 20.60 -23.49 -6.14
CA VAL C 124 20.99 -24.16 -7.37
C VAL C 124 21.02 -23.08 -8.46
N THR C 125 22.08 -23.09 -9.26
CA THR C 125 22.39 -22.03 -10.23
C THR C 125 22.91 -22.69 -11.50
N VAL C 126 22.20 -22.53 -12.60
CA VAL C 126 22.53 -23.22 -13.84
C VAL C 126 22.99 -22.18 -14.87
N SER C 127 24.29 -22.21 -15.12
CA SER C 127 24.96 -21.27 -15.99
C SER C 127 26.11 -21.98 -16.66
N SER C 128 26.36 -21.60 -17.90
CA SER C 128 27.56 -22.00 -18.62
C SER C 128 28.77 -21.13 -18.24
N ALA C 129 28.54 -20.04 -17.52
CA ALA C 129 29.58 -19.11 -17.07
C ALA C 129 30.57 -19.74 -16.09
N SER C 130 31.81 -19.24 -16.13
CA SER C 130 32.89 -19.67 -15.23
C SER C 130 33.10 -18.61 -14.16
N THR C 131 33.58 -19.02 -12.99
CA THR C 131 33.95 -18.08 -11.93
C THR C 131 34.79 -16.93 -12.50
N LYS C 132 34.49 -15.72 -12.06
CA LYS C 132 35.20 -14.53 -12.55
C LYS C 132 35.06 -13.39 -11.55
N GLY C 133 36.19 -12.83 -11.12
CA GLY C 133 36.21 -11.61 -10.35
C GLY C 133 35.60 -10.41 -11.07
N PRO C 134 34.93 -9.50 -10.32
CA PRO C 134 34.37 -8.28 -10.90
C PRO C 134 35.43 -7.30 -11.31
N SER C 135 35.26 -6.65 -12.46
CA SER C 135 35.97 -5.41 -12.71
C SER C 135 35.13 -4.29 -12.07
N VAL C 136 35.78 -3.48 -11.23
CA VAL C 136 35.15 -2.42 -10.46
C VAL C 136 35.49 -1.07 -11.11
N PHE C 137 34.48 -0.34 -11.59
CA PHE C 137 34.69 0.98 -12.18
C PHE C 137 34.08 2.06 -11.30
N PRO C 138 34.69 3.27 -11.27
CA PRO C 138 34.10 4.34 -10.48
C PRO C 138 32.87 4.93 -11.15
N LEU C 139 31.95 5.41 -10.33
CA LEU C 139 30.89 6.28 -10.78
C LEU C 139 31.28 7.62 -10.19
N ALA C 140 32.02 8.40 -10.97
CA ALA C 140 32.65 9.60 -10.47
C ALA C 140 31.63 10.71 -10.24
N PRO C 141 31.72 11.41 -9.09
CA PRO C 141 30.85 12.54 -8.85
C PRO C 141 31.27 13.74 -9.72
N SER C 142 30.27 14.46 -10.23
CA SER C 142 30.49 15.61 -11.13
C SER C 142 29.40 16.65 -10.90
N SER C 143 29.40 17.71 -11.70
CA SER C 143 28.30 18.69 -11.70
C SER C 143 26.95 18.06 -12.06
N LYS C 144 26.96 17.03 -12.92
CA LYS C 144 25.74 16.28 -13.27
C LYS C 144 25.38 15.14 -12.28
N SER C 145 25.97 15.13 -11.09
CA SER C 145 25.59 14.19 -10.02
C SER C 145 25.56 14.92 -8.66
N THR C 146 25.15 16.20 -8.69
CA THR C 146 25.00 17.02 -7.49
C THR C 146 23.65 17.75 -7.50
N SER C 147 22.82 17.47 -6.49
CA SER C 147 21.54 18.15 -6.28
C SER C 147 21.64 19.05 -5.05
N GLY C 148 21.84 20.35 -5.26
CA GLY C 148 22.02 21.30 -4.16
C GLY C 148 23.35 21.10 -3.45
N GLY C 149 23.30 20.94 -2.12
CA GLY C 149 24.50 20.77 -1.30
C GLY C 149 24.86 19.32 -1.05
N THR C 150 24.50 18.43 -1.99
CA THR C 150 24.74 16.99 -1.85
C THR C 150 25.15 16.35 -3.17
N ALA C 151 26.22 15.56 -3.09
CA ALA C 151 26.74 14.80 -4.20
C ALA C 151 26.26 13.37 -4.04
N ALA C 152 26.42 12.60 -5.10
CA ALA C 152 26.26 11.16 -5.08
C ALA C 152 27.47 10.60 -5.80
N LEU C 153 27.95 9.45 -5.36
CA LEU C 153 28.97 8.73 -6.10
C LEU C 153 28.81 7.25 -5.84
N GLY C 154 29.59 6.45 -6.54
CA GLY C 154 29.48 5.01 -6.40
C GLY C 154 30.52 4.21 -7.14
N CYS C 155 30.31 2.90 -7.17
CA CYS C 155 31.23 1.98 -7.84
C CYS C 155 30.45 0.97 -8.65
N LEU C 156 30.83 0.81 -9.91
CA LEU C 156 30.22 -0.18 -10.78
C LEU C 156 30.88 -1.57 -10.71
N VAL C 157 30.27 -2.46 -9.92
CA VAL C 157 30.77 -3.84 -9.76
C VAL C 157 30.26 -4.68 -10.93
N LYS C 158 31.09 -4.82 -11.97
CA LYS C 158 30.62 -5.36 -13.26
C LYS C 158 31.35 -6.63 -13.71
N ASP C 159 30.60 -7.50 -14.38
CA ASP C 159 31.12 -8.71 -15.04
C ASP C 159 31.79 -9.66 -14.07
N TYR C 160 31.01 -10.11 -13.09
CA TYR C 160 31.47 -11.10 -12.13
C TYR C 160 30.53 -12.28 -12.08
N PHE C 161 31.06 -13.43 -11.68
CA PHE C 161 30.27 -14.63 -11.51
C PHE C 161 30.95 -15.57 -10.50
N PRO C 162 30.19 -16.27 -9.65
CA PRO C 162 28.75 -16.08 -9.46
C PRO C 162 28.51 -15.13 -8.30
N GLU C 163 27.26 -14.99 -7.90
CA GLU C 163 26.92 -14.22 -6.71
C GLU C 163 27.55 -14.88 -5.46
N PRO C 164 27.89 -14.10 -4.42
CA PRO C 164 27.65 -12.66 -4.37
C PRO C 164 28.94 -11.86 -4.23
N VAL C 165 28.78 -10.55 -4.18
CA VAL C 165 29.84 -9.63 -3.82
C VAL C 165 29.38 -8.86 -2.60
N THR C 166 30.32 -8.51 -1.75
CA THR C 166 30.05 -7.59 -0.66
C THR C 166 30.71 -6.30 -1.06
N VAL C 167 30.00 -5.18 -0.86
CA VAL C 167 30.58 -3.88 -1.12
C VAL C 167 30.54 -3.12 0.20
N SER C 168 31.62 -2.39 0.44
CA SER C 168 31.82 -1.62 1.65
C SER C 168 32.46 -0.30 1.23
N TRP C 169 32.25 0.74 2.03
CA TRP C 169 32.80 2.05 1.75
C TRP C 169 33.73 2.49 2.87
N ASN C 170 34.95 2.91 2.49
CA ASN C 170 35.98 3.35 3.42
C ASN C 170 36.28 2.31 4.50
N SER C 171 36.31 1.04 4.07
CA SER C 171 36.63 -0.12 4.92
C SER C 171 35.69 -0.33 6.12
N GLY C 172 34.46 0.21 6.03
CA GLY C 172 33.46 0.10 7.10
C GLY C 172 33.05 1.42 7.74
N ALA C 173 33.83 2.47 7.53
CA ALA C 173 33.62 3.75 8.22
C ALA C 173 32.37 4.45 7.73
N LEU C 174 32.26 4.58 6.40
CA LEU C 174 31.07 5.13 5.74
C LEU C 174 30.04 4.03 5.53
N THR C 175 28.92 4.12 6.25
CA THR C 175 27.72 3.31 5.94
C THR C 175 26.41 4.14 5.89
N SER C 176 26.51 5.47 5.96
CA SER C 176 25.34 6.35 5.95
C SER C 176 25.20 6.97 4.56
N GLY C 177 24.03 6.81 3.97
CA GLY C 177 23.77 7.24 2.59
C GLY C 177 24.04 6.18 1.55
N VAL C 178 24.51 5.00 1.96
CA VAL C 178 24.95 3.95 1.04
C VAL C 178 23.80 3.04 0.56
N HIS C 179 23.77 2.82 -0.74
CA HIS C 179 22.75 1.99 -1.40
C HIS C 179 23.43 0.97 -2.31
N THR C 180 23.42 -0.29 -1.91
CA THR C 180 23.95 -1.38 -2.74
C THR C 180 22.78 -2.09 -3.43
N PHE C 181 22.72 -1.94 -4.74
CA PHE C 181 21.58 -2.46 -5.50
C PHE C 181 21.72 -3.96 -5.69
N PRO C 182 20.59 -4.69 -5.72
CA PRO C 182 20.73 -6.10 -6.01
C PRO C 182 21.33 -6.29 -7.39
N ALA C 183 22.05 -7.41 -7.56
CA ALA C 183 22.72 -7.72 -8.81
C ALA C 183 21.69 -7.99 -9.90
N VAL C 184 22.09 -7.74 -11.14
CA VAL C 184 21.29 -8.10 -12.30
C VAL C 184 22.14 -8.98 -13.20
N LEU C 185 21.60 -10.17 -13.51
CA LEU C 185 22.16 -11.04 -14.52
C LEU C 185 22.05 -10.38 -15.89
N GLN C 186 23.15 -10.33 -16.63
CA GLN C 186 23.17 -9.73 -17.97
C GLN C 186 22.90 -10.78 -19.05
N SER C 187 22.78 -10.33 -20.30
CA SER C 187 22.68 -11.24 -21.45
C SER C 187 23.96 -12.08 -21.61
N SER C 188 25.09 -11.54 -21.14
CA SER C 188 26.37 -12.25 -21.14
C SER C 188 26.43 -13.44 -20.19
N GLY C 189 25.48 -13.54 -19.26
CA GLY C 189 25.47 -14.61 -18.25
C GLY C 189 26.16 -14.23 -16.95
N LEU C 190 26.77 -13.04 -16.92
CA LEU C 190 27.52 -12.56 -15.76
C LEU C 190 26.68 -11.54 -15.02
N TYR C 191 27.03 -11.30 -13.76
CA TYR C 191 26.32 -10.35 -12.91
C TYR C 191 26.96 -8.98 -12.96
N SER C 192 26.16 -7.99 -12.58
CA SER C 192 26.62 -6.62 -12.44
C SER C 192 25.75 -5.95 -11.40
N LEU C 193 26.37 -5.18 -10.50
CA LEU C 193 25.63 -4.34 -9.56
C LEU C 193 26.35 -3.03 -9.37
N SER C 194 25.72 -2.12 -8.63
CA SER C 194 26.36 -0.85 -8.26
C SER C 194 26.08 -0.55 -6.80
N SER C 195 27.12 -0.08 -6.10
CA SER C 195 26.92 0.52 -4.79
C SER C 195 27.14 2.00 -4.94
N VAL C 196 26.28 2.76 -4.28
CA VAL C 196 26.16 4.20 -4.43
C VAL C 196 26.07 4.79 -3.04
N VAL C 197 26.58 6.01 -2.86
CA VAL C 197 26.50 6.72 -1.58
C VAL C 197 26.24 8.19 -1.85
N THR C 198 25.48 8.83 -0.97
CA THR C 198 25.13 10.27 -1.09
C THR C 198 25.85 11.03 0.00
N VAL C 199 26.74 11.94 -0.39
CA VAL C 199 27.58 12.67 0.56
C VAL C 199 27.49 14.18 0.32
N PRO C 200 27.85 15.00 1.33
CA PRO C 200 27.74 16.46 1.16
C PRO C 200 28.71 16.99 0.11
N SER C 201 28.22 17.88 -0.74
CA SER C 201 28.99 18.39 -1.89
C SER C 201 30.28 19.07 -1.43
N SER C 202 30.20 19.83 -0.34
CA SER C 202 31.37 20.45 0.31
C SER C 202 32.47 19.43 0.67
N SER C 203 32.07 18.27 1.18
CA SER C 203 33.00 17.23 1.64
C SER C 203 33.86 16.57 0.55
N LEU C 204 33.52 16.76 -0.73
CA LEU C 204 34.41 16.39 -1.84
C LEU C 204 35.69 17.22 -1.80
N GLY C 205 36.82 16.61 -2.16
CA GLY C 205 38.14 17.25 -2.04
C GLY C 205 38.74 17.08 -0.65
N THR C 206 37.93 17.35 0.38
CA THR C 206 38.29 17.09 1.78
C THR C 206 38.48 15.58 2.04
N GLN C 207 37.37 14.84 2.11
CA GLN C 207 37.41 13.40 2.43
C GLN C 207 37.78 12.60 1.17
N THR C 208 38.36 11.40 1.37
CA THR C 208 38.54 10.43 0.29
C THR C 208 37.48 9.34 0.40
N TYR C 209 36.96 8.90 -0.75
CA TYR C 209 35.93 7.87 -0.82
C TYR C 209 36.46 6.66 -1.60
N ILE C 210 36.58 5.53 -0.90
CA ILE C 210 37.10 4.29 -1.49
C ILE C 210 36.06 3.18 -1.28
N CYS C 211 35.69 2.49 -2.36
CA CYS C 211 34.76 1.35 -2.29
C CYS C 211 35.57 0.06 -2.23
N ASN C 212 35.03 -0.91 -1.51
CA ASN C 212 35.72 -2.16 -1.19
C ASN C 212 34.92 -3.38 -1.65
N VAL C 213 35.15 -3.77 -2.90
CA VAL C 213 34.52 -4.95 -3.48
C VAL C 213 35.28 -6.18 -2.99
N ASN C 214 34.58 -7.12 -2.35
CA ASN C 214 35.12 -8.45 -2.05
C ASN C 214 34.26 -9.50 -2.75
N HIS C 215 34.91 -10.30 -3.60
CA HIS C 215 34.25 -11.40 -4.28
C HIS C 215 34.91 -12.73 -3.85
N LYS C 216 34.36 -13.35 -2.81
CA LYS C 216 34.91 -14.59 -2.23
C LYS C 216 35.04 -15.75 -3.22
N PRO C 217 33.99 -16.03 -4.03
CA PRO C 217 34.08 -17.13 -5.01
C PRO C 217 35.34 -17.18 -5.88
N SER C 218 35.91 -16.03 -6.22
CA SER C 218 37.11 -15.96 -7.05
C SER C 218 38.38 -15.46 -6.32
N ASN C 219 38.32 -15.34 -4.99
CA ASN C 219 39.42 -14.76 -4.19
C ASN C 219 39.90 -13.44 -4.78
N THR C 220 39.01 -12.45 -4.66
CA THR C 220 39.21 -11.15 -5.24
C THR C 220 38.77 -10.12 -4.21
N LYS C 221 39.58 -9.08 -4.09
CA LYS C 221 39.36 -7.99 -3.17
C LYS C 221 39.91 -6.80 -3.93
N VAL C 222 39.03 -5.89 -4.33
CA VAL C 222 39.44 -4.71 -5.07
C VAL C 222 39.00 -3.50 -4.28
N ASP C 223 39.85 -2.48 -4.26
CA ASP C 223 39.56 -1.22 -3.60
C ASP C 223 39.80 -0.09 -4.60
N LYS C 224 38.72 0.35 -5.25
CA LYS C 224 38.81 1.50 -6.17
C LYS C 224 38.66 2.79 -5.40
N LYS C 225 39.38 3.82 -5.83
CA LYS C 225 39.26 5.16 -5.28
C LYS C 225 38.41 5.96 -6.23
N VAL C 226 37.53 6.79 -5.68
CA VAL C 226 36.55 7.52 -6.47
C VAL C 226 36.95 9.01 -6.53
N GLU C 227 37.40 9.44 -7.71
CA GLU C 227 37.96 10.78 -7.94
C GLU C 227 36.99 11.69 -8.70
N PRO C 228 36.56 12.82 -8.08
CA PRO C 228 35.72 13.82 -8.74
C PRO C 228 36.17 14.30 -10.14
N LYS C 229 35.24 14.22 -11.11
CA LYS C 229 35.44 14.78 -12.45
C LYS C 229 35.23 16.30 -12.43
N SER C 230 35.90 17.02 -13.35
CA SER C 230 36.02 18.49 -13.28
C SER C 230 35.87 19.29 -14.59
N CYS C 231 36.66 18.93 -15.60
CA CYS C 231 36.99 19.81 -16.76
C CYS C 231 37.72 21.07 -16.30
N ASP D 1 -5.39 -28.68 -12.96
CA ASP D 1 -4.53 -27.74 -12.16
C ASP D 1 -5.40 -26.67 -11.49
N ILE D 2 -5.28 -26.53 -10.17
CA ILE D 2 -5.99 -25.50 -9.44
C ILE D 2 -5.18 -24.20 -9.42
N GLN D 3 -5.66 -23.20 -10.16
CA GLN D 3 -5.05 -21.86 -10.17
C GLN D 3 -5.42 -21.08 -8.91
N MET D 4 -4.42 -20.56 -8.19
CA MET D 4 -4.65 -19.71 -7.02
C MET D 4 -4.30 -18.27 -7.36
N THR D 5 -5.30 -17.39 -7.30
CA THR D 5 -5.15 -15.98 -7.63
C THR D 5 -5.00 -15.25 -6.30
N GLN D 6 -3.86 -14.60 -6.09
CA GLN D 6 -3.64 -13.86 -4.85
C GLN D 6 -3.80 -12.37 -5.09
N SER D 7 -4.65 -11.74 -4.28
CA SER D 7 -4.95 -10.33 -4.41
C SER D 7 -4.77 -9.65 -3.06
N PRO D 8 -4.07 -8.51 -3.01
CA PRO D 8 -3.32 -7.92 -4.11
C PRO D 8 -1.88 -8.45 -4.13
N SER D 9 -1.10 -8.03 -5.12
CA SER D 9 0.31 -8.44 -5.25
C SER D 9 1.15 -7.66 -4.25
N SER D 10 0.96 -6.34 -4.25
CA SER D 10 1.62 -5.46 -3.29
C SER D 10 0.55 -4.60 -2.62
N LEU D 11 0.72 -4.33 -1.34
CA LEU D 11 -0.18 -3.43 -0.63
C LEU D 11 0.57 -2.59 0.36
N SER D 12 -0.01 -1.42 0.63
CA SER D 12 0.63 -0.36 1.36
C SER D 12 -0.16 -0.12 2.63
N ALA D 13 0.49 -0.34 3.77
CA ALA D 13 -0.13 -0.12 5.06
C ALA D 13 0.84 0.58 5.99
N SER D 14 0.32 1.02 7.12
CA SER D 14 1.09 1.61 8.21
C SER D 14 0.92 0.71 9.42
N VAL D 15 1.95 0.61 10.26
CA VAL D 15 1.83 -0.10 11.54
C VAL D 15 0.53 0.32 12.23
N GLY D 16 -0.26 -0.67 12.66
CA GLY D 16 -1.61 -0.43 13.20
C GLY D 16 -2.72 -0.87 12.26
N ASP D 17 -2.58 -0.60 10.96
CA ASP D 17 -3.64 -0.88 9.97
C ASP D 17 -4.10 -2.34 9.92
N ARG D 18 -5.40 -2.54 9.74
CA ARG D 18 -5.97 -3.85 9.40
C ARG D 18 -5.60 -4.13 7.95
N VAL D 19 -5.00 -5.29 7.72
CA VAL D 19 -4.56 -5.71 6.39
C VAL D 19 -5.26 -7.01 6.06
N THR D 20 -5.77 -7.12 4.83
CA THR D 20 -6.48 -8.29 4.36
C THR D 20 -5.92 -8.70 2.99
N ILE D 21 -5.02 -9.68 3.01
CA ILE D 21 -4.60 -10.41 1.81
C ILE D 21 -5.73 -11.40 1.60
N THR D 22 -6.34 -11.41 0.42
CA THR D 22 -7.25 -12.51 0.05
C THR D 22 -6.53 -13.39 -0.96
N CYS D 23 -7.12 -14.54 -1.23
CA CYS D 23 -6.54 -15.53 -2.12
C CYS D 23 -7.66 -16.49 -2.60
N ARG D 24 -7.98 -16.41 -3.89
CA ARG D 24 -9.10 -17.14 -4.49
C ARG D 24 -8.62 -18.39 -5.21
N ALA D 25 -9.50 -19.39 -5.31
CA ALA D 25 -9.18 -20.68 -5.97
C ALA D 25 -10.13 -20.94 -7.12
N SER D 26 -9.62 -21.56 -8.19
CA SER D 26 -10.40 -21.81 -9.41
C SER D 26 -11.37 -23.00 -9.31
N GLN D 27 -11.25 -23.79 -8.25
CA GLN D 27 -12.18 -24.90 -7.96
C GLN D 27 -12.41 -24.98 -6.46
N GLY D 28 -13.25 -25.92 -6.03
CA GLY D 28 -13.48 -26.19 -4.61
C GLY D 28 -12.33 -26.97 -4.00
N ILE D 29 -11.45 -26.25 -3.30
CA ILE D 29 -10.36 -26.87 -2.53
C ILE D 29 -10.74 -27.03 -1.06
N ARG D 30 -12.02 -26.83 -0.76
CA ARG D 30 -12.59 -27.25 0.51
C ARG D 30 -12.06 -26.32 1.62
N ASN D 31 -11.41 -26.85 2.64
CA ASN D 31 -10.76 -26.07 3.69
C ASN D 31 -9.25 -26.30 3.68
N ASP D 32 -8.76 -26.99 2.64
CA ASP D 32 -7.37 -27.41 2.53
C ASP D 32 -6.53 -26.24 2.00
N LEU D 33 -6.33 -25.23 2.85
CA LEU D 33 -5.52 -24.07 2.51
C LEU D 33 -4.68 -23.66 3.70
N GLY D 34 -3.47 -23.15 3.42
CA GLY D 34 -2.57 -22.68 4.45
C GLY D 34 -1.81 -21.45 4.00
N TRP D 35 -1.57 -20.57 4.96
CA TRP D 35 -0.95 -19.28 4.74
C TRP D 35 0.45 -19.33 5.28
N TYR D 36 1.42 -18.93 4.45
CA TYR D 36 2.80 -18.84 4.85
C TYR D 36 3.27 -17.40 4.83
N GLN D 37 4.25 -17.11 5.67
CA GLN D 37 4.98 -15.85 5.68
C GLN D 37 6.40 -16.19 5.27
N GLN D 38 6.95 -15.45 4.31
CA GLN D 38 8.36 -15.57 3.96
C GLN D 38 9.05 -14.24 4.26
N LYS D 39 10.04 -14.30 5.14
CA LYS D 39 10.90 -13.15 5.43
C LYS D 39 12.04 -13.13 4.41
N PRO D 40 12.50 -11.93 4.01
CA PRO D 40 13.53 -11.83 2.96
C PRO D 40 14.74 -12.69 3.28
N GLY D 41 15.13 -13.54 2.32
CA GLY D 41 16.26 -14.47 2.47
C GLY D 41 16.02 -15.74 3.27
N LYS D 42 14.89 -15.84 3.96
CA LYS D 42 14.61 -16.90 4.93
C LYS D 42 13.56 -17.85 4.30
N ALA D 43 13.48 -19.07 4.80
CA ALA D 43 12.53 -20.07 4.25
C ALA D 43 11.13 -19.80 4.79
N PRO D 44 10.09 -20.05 3.97
CA PRO D 44 8.77 -19.63 4.41
C PRO D 44 8.30 -20.38 5.64
N LYS D 45 7.53 -19.69 6.47
CA LYS D 45 7.03 -20.19 7.72
C LYS D 45 5.52 -20.16 7.64
N ARG D 46 4.88 -21.22 8.09
CA ARG D 46 3.43 -21.37 7.97
C ARG D 46 2.71 -20.78 9.18
N LEU D 47 1.68 -19.96 8.90
CA LEU D 47 0.95 -19.20 9.92
C LEU D 47 -0.42 -19.78 10.26
N ILE D 48 -1.24 -19.98 9.22
CA ILE D 48 -2.58 -20.53 9.31
C ILE D 48 -2.54 -21.87 8.59
N TYR D 49 -3.27 -22.84 9.11
CA TYR D 49 -3.45 -24.11 8.42
C TYR D 49 -4.90 -24.54 8.48
N ALA D 50 -5.29 -25.41 7.57
CA ALA D 50 -6.70 -25.78 7.41
C ALA D 50 -7.60 -24.53 7.35
N ALA D 51 -7.15 -23.54 6.57
CA ALA D 51 -7.88 -22.30 6.26
C ALA D 51 -7.94 -21.27 7.39
N SER D 52 -8.31 -21.69 8.60
CA SER D 52 -8.49 -20.78 9.74
C SER D 52 -7.71 -21.14 11.02
N SER D 53 -7.07 -22.30 11.07
CA SER D 53 -6.50 -22.78 12.33
C SER D 53 -5.07 -22.26 12.48
N LEU D 54 -4.96 -21.19 13.26
CA LEU D 54 -3.69 -20.62 13.72
C LEU D 54 -2.63 -21.63 14.21
N GLU D 55 -1.42 -21.52 13.67
CA GLU D 55 -0.26 -22.34 14.05
C GLU D 55 0.22 -21.99 15.47
N SER D 56 0.98 -22.89 16.09
CA SER D 56 1.48 -22.68 17.47
C SER D 56 2.55 -21.59 17.55
N GLY D 57 2.35 -20.64 18.46
CA GLY D 57 3.30 -19.54 18.64
C GLY D 57 3.29 -18.49 17.53
N VAL D 58 2.13 -18.31 16.90
CA VAL D 58 1.91 -17.25 15.91
C VAL D 58 1.02 -16.22 16.60
N PRO D 59 1.40 -14.92 16.58
CA PRO D 59 0.56 -13.90 17.20
C PRO D 59 -0.91 -13.95 16.76
N SER D 60 -1.79 -13.61 17.69
CA SER D 60 -3.24 -13.61 17.44
C SER D 60 -3.73 -12.48 16.52
N ARG D 61 -2.86 -11.57 16.07
CA ARG D 61 -3.25 -10.60 15.04
C ARG D 61 -3.66 -11.35 13.77
N PHE D 62 -2.83 -12.33 13.40
CA PHE D 62 -3.09 -13.19 12.24
C PHE D 62 -4.37 -14.00 12.46
N SER D 63 -5.19 -14.10 11.41
CA SER D 63 -6.40 -14.92 11.46
C SER D 63 -6.77 -15.32 10.04
N GLY D 64 -7.34 -16.52 9.93
CA GLY D 64 -7.71 -17.10 8.65
C GLY D 64 -9.21 -17.32 8.59
N SER D 65 -9.77 -17.15 7.40
CA SER D 65 -11.19 -17.40 7.18
C SER D 65 -11.45 -17.60 5.71
N GLY D 66 -12.50 -18.36 5.40
CA GLY D 66 -12.80 -18.76 4.04
C GLY D 66 -13.10 -20.24 3.94
N SER D 67 -13.75 -20.63 2.85
CA SER D 67 -14.07 -22.03 2.59
C SER D 67 -14.43 -22.25 1.12
N GLY D 68 -14.06 -23.42 0.61
CA GLY D 68 -14.36 -23.81 -0.75
C GLY D 68 -13.52 -23.09 -1.78
N THR D 69 -13.82 -21.81 -1.99
CA THR D 69 -13.18 -21.02 -3.07
C THR D 69 -12.60 -19.64 -2.69
N GLU D 70 -13.18 -18.98 -1.67
CA GLU D 70 -12.69 -17.69 -1.16
C GLU D 70 -11.93 -17.91 0.14
N PHE D 71 -10.68 -17.42 0.21
CA PHE D 71 -9.84 -17.53 1.41
C PHE D 71 -9.18 -16.18 1.72
N THR D 72 -9.10 -15.86 3.01
CA THR D 72 -8.71 -14.54 3.50
C THR D 72 -7.75 -14.66 4.70
N LEU D 73 -6.55 -14.10 4.56
CA LEU D 73 -5.65 -13.84 5.70
C LEU D 73 -5.85 -12.40 6.15
N THR D 74 -5.75 -12.19 7.47
CA THR D 74 -6.08 -10.91 8.07
C THR D 74 -5.15 -10.65 9.25
N ILE D 75 -4.37 -9.59 9.16
CA ILE D 75 -3.59 -9.10 10.28
C ILE D 75 -4.41 -7.94 10.83
N SER D 76 -4.74 -7.96 12.11
CA SER D 76 -5.54 -6.91 12.74
C SER D 76 -4.71 -5.64 12.99
N SER D 77 -3.48 -5.83 13.45
CA SER D 77 -2.58 -4.73 13.77
C SER D 77 -1.17 -5.00 13.25
N VAL D 78 -0.92 -4.68 11.98
CA VAL D 78 0.40 -4.90 11.37
C VAL D 78 1.52 -4.26 12.17
N GLN D 79 2.47 -5.06 12.65
CA GLN D 79 3.66 -4.55 13.29
C GLN D 79 4.82 -4.50 12.27
N PRO D 80 5.93 -3.78 12.58
CA PRO D 80 7.12 -3.73 11.71
C PRO D 80 7.62 -5.08 11.16
N GLU D 81 7.53 -6.13 11.96
CA GLU D 81 7.94 -7.48 11.53
C GLU D 81 7.07 -8.10 10.42
N ASP D 82 5.85 -7.58 10.24
CA ASP D 82 4.89 -8.14 9.27
C ASP D 82 5.02 -7.60 7.85
N PHE D 83 5.82 -6.55 7.63
CA PHE D 83 5.99 -5.97 6.29
C PHE D 83 6.93 -6.82 5.43
N VAL D 84 6.40 -7.97 5.00
CA VAL D 84 7.14 -8.99 4.26
C VAL D 84 6.18 -9.62 3.25
N THR D 85 6.59 -10.72 2.61
CA THR D 85 5.75 -11.41 1.60
C THR D 85 4.96 -12.59 2.20
N TYR D 86 3.74 -12.81 1.68
CA TYR D 86 2.84 -13.86 2.17
C TYR D 86 2.26 -14.64 1.01
N TYR D 87 2.22 -15.97 1.14
CA TYR D 87 1.61 -16.85 0.13
C TYR D 87 0.53 -17.74 0.75
N CYS D 88 -0.54 -17.95 0.00
CA CYS D 88 -1.43 -19.09 0.21
C CYS D 88 -0.89 -20.27 -0.53
N LEU D 89 -1.10 -21.45 0.04
CA LEU D 89 -0.82 -22.72 -0.61
C LEU D 89 -2.08 -23.54 -0.51
N GLN D 90 -2.37 -24.26 -1.59
CA GLN D 90 -3.46 -25.23 -1.62
C GLN D 90 -2.86 -26.64 -1.61
N HIS D 91 -3.41 -27.54 -0.80
CA HIS D 91 -3.00 -28.96 -0.77
C HIS D 91 -4.15 -29.95 -0.98
N ASN D 92 -5.08 -29.56 -1.84
CA ASN D 92 -6.26 -30.35 -2.14
C ASN D 92 -6.03 -31.27 -3.34
N SER D 93 -5.21 -30.84 -4.29
CA SER D 93 -4.84 -31.67 -5.44
C SER D 93 -3.42 -31.40 -5.93
N ASN D 94 -2.81 -32.46 -6.45
CA ASN D 94 -1.59 -32.33 -7.20
C ASN D 94 -1.97 -31.73 -8.55
N PRO D 95 -1.17 -30.80 -9.09
CA PRO D 95 0.03 -30.26 -8.44
C PRO D 95 -0.33 -29.23 -7.38
N LEU D 96 0.33 -29.27 -6.21
CA LEU D 96 0.11 -28.24 -5.19
C LEU D 96 0.50 -26.90 -5.81
N THR D 97 -0.34 -25.89 -5.60
CA THR D 97 -0.16 -24.59 -6.27
C THR D 97 -0.25 -23.46 -5.27
N PHE D 98 0.60 -22.47 -5.47
CA PHE D 98 0.64 -21.29 -4.61
C PHE D 98 -0.08 -20.15 -5.28
N GLY D 99 -0.45 -19.15 -4.50
CA GLY D 99 -0.80 -17.85 -5.03
C GLY D 99 0.47 -17.13 -5.42
N GLY D 100 0.34 -16.11 -6.27
CA GLY D 100 1.48 -15.34 -6.75
C GLY D 100 2.30 -14.61 -5.69
N GLY D 101 1.69 -14.35 -4.53
CA GLY D 101 2.40 -13.80 -3.37
C GLY D 101 1.99 -12.35 -3.16
N THR D 102 1.98 -11.91 -1.91
CA THR D 102 1.60 -10.53 -1.57
C THR D 102 2.66 -9.82 -0.74
N LYS D 103 3.33 -8.83 -1.33
CA LYS D 103 4.28 -8.00 -0.59
C LYS D 103 3.54 -6.91 0.18
N VAL D 104 3.79 -6.83 1.48
CA VAL D 104 3.23 -5.80 2.34
C VAL D 104 4.30 -4.73 2.55
N GLU D 105 4.23 -3.63 1.80
CA GLU D 105 5.21 -2.53 1.94
C GLU D 105 4.72 -1.49 2.97
N ILE D 106 5.64 -0.72 3.54
CA ILE D 106 5.31 0.24 4.62
C ILE D 106 5.00 1.63 4.02
N LYS D 107 3.72 2.04 4.13
CA LYS D 107 3.19 3.27 3.54
C LYS D 107 3.83 4.53 4.09
N ARG D 108 3.87 5.57 3.25
CA ARG D 108 4.40 6.87 3.61
C ARG D 108 3.99 7.92 2.56
N THR D 109 4.36 9.18 2.79
CA THR D 109 4.06 10.26 1.84
C THR D 109 4.83 10.13 0.52
N VAL D 110 4.33 10.83 -0.48
CA VAL D 110 4.93 10.83 -1.80
C VAL D 110 6.21 11.67 -1.76
N ALA D 111 7.29 11.12 -2.30
CA ALA D 111 8.58 11.79 -2.32
C ALA D 111 9.22 11.57 -3.68
N ALA D 112 9.52 12.65 -4.40
CA ALA D 112 10.08 12.56 -5.74
C ALA D 112 11.53 12.12 -5.68
N PRO D 113 12.01 11.39 -6.71
CA PRO D 113 13.40 10.96 -6.68
C PRO D 113 14.28 12.16 -6.93
N SER D 114 15.43 12.20 -6.25
CA SER D 114 16.48 13.12 -6.63
C SER D 114 17.30 12.34 -7.65
N VAL D 115 17.42 12.91 -8.85
CA VAL D 115 18.01 12.23 -10.01
C VAL D 115 19.49 12.56 -10.15
N PHE D 116 20.28 11.56 -10.58
CA PHE D 116 21.74 11.70 -10.75
C PHE D 116 22.20 10.89 -11.96
N ILE D 117 23.20 11.40 -12.67
CA ILE D 117 23.75 10.70 -13.85
C ILE D 117 25.28 10.61 -13.72
N PHE D 118 25.85 9.53 -14.26
CA PHE D 118 27.26 9.22 -14.12
C PHE D 118 27.83 8.78 -15.47
N PRO D 119 28.80 9.55 -16.05
CA PRO D 119 29.36 9.09 -17.32
C PRO D 119 30.30 7.90 -17.12
N PRO D 120 30.58 7.14 -18.19
CA PRO D 120 31.38 5.92 -18.05
C PRO D 120 32.85 6.23 -17.77
N SER D 121 33.42 5.54 -16.78
CA SER D 121 34.82 5.78 -16.39
C SER D 121 35.79 5.53 -17.55
N ASP D 122 36.93 6.20 -17.52
CA ASP D 122 37.98 6.06 -18.55
C ASP D 122 38.46 4.62 -18.66
N GLU D 123 38.76 3.99 -17.53
CA GLU D 123 39.21 2.59 -17.50
C GLU D 123 38.17 1.58 -18.01
N GLN D 124 36.87 1.93 -17.96
CA GLN D 124 35.86 1.09 -18.63
C GLN D 124 35.94 1.23 -20.15
N LEU D 125 36.09 2.45 -20.65
CA LEU D 125 36.19 2.70 -22.10
C LEU D 125 37.37 1.96 -22.73
N LYS D 126 38.54 2.01 -22.08
CA LYS D 126 39.70 1.15 -22.40
C LYS D 126 39.30 -0.29 -22.78
N SER D 127 38.49 -0.91 -21.94
CA SER D 127 38.11 -2.32 -22.10
C SER D 127 37.17 -2.61 -23.29
N GLY D 128 36.47 -1.58 -23.78
CA GLY D 128 35.67 -1.69 -25.01
C GLY D 128 34.16 -1.67 -24.84
N THR D 129 33.67 -1.22 -23.68
CA THR D 129 32.25 -0.98 -23.44
C THR D 129 32.04 0.27 -22.57
N ALA D 130 30.87 0.90 -22.71
CA ALA D 130 30.51 2.09 -21.94
C ALA D 130 29.18 1.90 -21.21
N SER D 131 29.24 1.84 -19.87
CA SER D 131 28.05 1.76 -19.03
C SER D 131 27.78 3.15 -18.50
N VAL D 132 26.57 3.65 -18.74
CA VAL D 132 26.12 4.92 -18.18
C VAL D 132 25.00 4.61 -17.21
N VAL D 133 25.12 5.06 -15.97
CA VAL D 133 24.05 4.83 -14.98
C VAL D 133 23.33 6.12 -14.60
N CYS D 134 22.03 5.97 -14.38
CA CYS D 134 21.16 7.00 -13.93
C CYS D 134 20.59 6.52 -12.61
N LEU D 135 20.56 7.39 -11.60
CA LEU D 135 20.18 7.01 -10.24
C LEU D 135 19.02 7.86 -9.72
N LEU D 136 17.87 7.21 -9.57
CA LEU D 136 16.70 7.80 -8.95
C LEU D 136 16.82 7.48 -7.47
N ASN D 137 16.91 8.52 -6.63
CA ASN D 137 17.29 8.32 -5.24
C ASN D 137 16.23 8.75 -4.22
N ASN D 138 15.95 7.87 -3.26
CA ASN D 138 15.05 8.14 -2.14
C ASN D 138 13.69 8.65 -2.58
N PHE D 139 12.93 7.80 -3.27
CA PHE D 139 11.58 8.14 -3.71
C PHE D 139 10.51 7.21 -3.15
N TYR D 140 9.26 7.64 -3.26
CA TYR D 140 8.09 6.84 -2.92
C TYR D 140 6.87 7.43 -3.62
N PRO D 141 5.98 6.62 -4.21
CA PRO D 141 6.04 5.15 -4.25
C PRO D 141 7.08 4.60 -5.23
N ARG D 142 7.28 3.30 -5.16
CA ARG D 142 8.28 2.57 -5.97
C ARG D 142 8.13 2.74 -7.48
N GLU D 143 6.90 2.85 -7.98
CA GLU D 143 6.72 2.88 -9.45
C GLU D 143 7.18 4.22 -10.02
N ALA D 144 8.34 4.17 -10.69
CA ALA D 144 8.95 5.30 -11.40
C ALA D 144 9.26 4.85 -12.82
N LYS D 145 9.71 5.77 -13.67
CA LYS D 145 9.92 5.50 -15.10
C LYS D 145 11.17 6.18 -15.66
N VAL D 146 12.16 5.38 -16.05
CA VAL D 146 13.40 5.88 -16.60
C VAL D 146 13.39 5.71 -18.12
N GLN D 147 13.55 6.81 -18.85
CA GLN D 147 13.57 6.79 -20.31
C GLN D 147 14.87 7.39 -20.82
N TRP D 148 15.82 6.51 -21.17
CA TRP D 148 17.09 6.92 -21.79
C TRP D 148 16.88 7.61 -23.13
N LYS D 149 17.53 8.76 -23.30
CA LYS D 149 17.53 9.51 -24.54
C LYS D 149 18.97 9.83 -24.92
N VAL D 150 19.33 9.51 -26.15
CA VAL D 150 20.67 9.78 -26.66
C VAL D 150 20.52 10.48 -28.00
N ASP D 151 21.16 11.64 -28.14
CA ASP D 151 20.95 12.54 -29.29
C ASP D 151 19.46 12.80 -29.53
N ASN D 152 18.75 13.11 -28.43
CA ASN D 152 17.30 13.35 -28.44
C ASN D 152 16.48 12.20 -29.05
N ALA D 153 17.01 10.97 -28.98
CA ALA D 153 16.38 9.80 -29.60
C ALA D 153 16.08 8.79 -28.50
N LEU D 154 14.87 8.25 -28.53
CA LEU D 154 14.41 7.31 -27.52
C LEU D 154 15.24 6.02 -27.60
N GLN D 155 15.53 5.44 -26.44
CA GLN D 155 16.32 4.23 -26.33
C GLN D 155 15.51 3.11 -25.73
N SER D 156 15.66 1.91 -26.31
CA SER D 156 14.89 0.77 -25.88
C SER D 156 15.63 -0.54 -26.13
N GLY D 157 15.37 -1.52 -25.26
CA GLY D 157 15.97 -2.84 -25.35
C GLY D 157 17.43 -2.93 -24.93
N ASN D 158 18.02 -1.82 -24.49
CA ASN D 158 19.47 -1.69 -24.33
C ASN D 158 19.97 -1.31 -22.92
N SER D 159 19.04 -1.23 -21.97
CA SER D 159 19.32 -0.79 -20.60
C SER D 159 18.69 -1.78 -19.62
N GLN D 160 19.11 -1.67 -18.36
CA GLN D 160 18.66 -2.57 -17.29
C GLN D 160 18.48 -1.81 -16.01
N GLU D 161 17.39 -2.12 -15.30
CA GLU D 161 17.03 -1.44 -14.06
C GLU D 161 17.21 -2.38 -12.88
N SER D 162 17.38 -1.78 -11.72
CA SER D 162 17.53 -2.49 -10.45
C SER D 162 17.01 -1.59 -9.32
N VAL D 163 16.34 -2.19 -8.32
CA VAL D 163 15.62 -1.46 -7.27
C VAL D 163 16.00 -2.01 -5.89
N THR D 164 16.15 -1.12 -4.91
CA THR D 164 16.49 -1.53 -3.55
C THR D 164 15.24 -2.00 -2.84
N GLU D 165 15.41 -2.79 -1.78
CA GLU D 165 14.30 -3.09 -0.86
C GLU D 165 13.93 -1.79 -0.16
N GLN D 166 12.73 -1.72 0.38
CA GLN D 166 12.27 -0.48 1.02
C GLN D 166 13.19 -0.16 2.19
N ASP D 167 13.70 1.07 2.20
CA ASP D 167 14.70 1.52 3.17
C ASP D 167 14.09 1.46 4.57
N SER D 168 14.84 0.93 5.52
CA SER D 168 14.33 0.73 6.89
C SER D 168 14.27 2.04 7.68
N LYS D 169 15.21 2.97 7.43
CA LYS D 169 15.19 4.27 8.11
C LYS D 169 13.99 5.11 7.69
N ASP D 170 13.84 5.34 6.38
CA ASP D 170 12.88 6.33 5.86
C ASP D 170 11.83 5.80 4.87
N SER D 171 11.79 4.48 4.66
CA SER D 171 10.73 3.84 3.87
C SER D 171 10.68 4.21 2.39
N THR D 172 11.75 4.82 1.87
CA THR D 172 11.84 5.16 0.44
C THR D 172 12.46 4.00 -0.31
N TYR D 173 12.41 4.10 -1.64
CA TYR D 173 13.09 3.20 -2.55
C TYR D 173 14.08 4.01 -3.37
N SER D 174 15.08 3.34 -3.92
CA SER D 174 15.96 3.91 -4.92
C SER D 174 16.12 2.93 -6.07
N LEU D 175 16.23 3.43 -7.30
CA LEU D 175 16.46 2.58 -8.48
C LEU D 175 17.61 3.12 -9.31
N SER D 176 18.28 2.20 -10.01
CA SER D 176 19.34 2.55 -10.93
C SER D 176 19.05 1.90 -12.28
N SER D 177 19.27 2.65 -13.34
CA SER D 177 19.03 2.21 -14.69
C SER D 177 20.36 2.36 -15.42
N THR D 178 21.01 1.24 -15.74
CA THR D 178 22.34 1.23 -16.33
C THR D 178 22.20 1.01 -17.83
N LEU D 179 22.64 1.98 -18.64
CA LEU D 179 22.59 1.88 -20.10
C LEU D 179 23.94 1.43 -20.58
N THR D 180 24.00 0.27 -21.21
CA THR D 180 25.26 -0.29 -21.67
C THR D 180 25.27 -0.38 -23.19
N LEU D 181 26.32 0.19 -23.77
CA LEU D 181 26.59 0.11 -25.20
C LEU D 181 28.08 -0.08 -25.36
N SER D 182 28.49 -0.60 -26.52
CA SER D 182 29.90 -0.73 -26.83
C SER D 182 30.52 0.66 -26.91
N LYS D 183 31.82 0.74 -26.69
CA LYS D 183 32.57 1.98 -26.88
C LYS D 183 32.28 2.52 -28.29
N ALA D 184 32.34 1.63 -29.28
CA ALA D 184 32.04 1.95 -30.67
C ALA D 184 30.68 2.63 -30.83
N ASP D 185 29.62 1.99 -30.34
CA ASP D 185 28.27 2.59 -30.29
C ASP D 185 28.28 3.89 -29.50
N TYR D 186 28.93 3.86 -28.34
CA TYR D 186 29.00 5.00 -27.43
C TYR D 186 29.66 6.25 -28.04
N GLU D 187 30.74 6.05 -28.80
CA GLU D 187 31.48 7.17 -29.40
C GLU D 187 30.77 7.82 -30.59
N LYS D 188 29.72 7.19 -31.12
CA LYS D 188 28.90 7.78 -32.17
C LYS D 188 28.03 8.98 -31.73
N HIS D 189 27.46 8.92 -30.53
CA HIS D 189 26.43 9.89 -30.09
C HIS D 189 26.93 10.83 -29.04
N LYS D 190 26.60 12.11 -29.16
CA LYS D 190 27.19 13.13 -28.30
C LYS D 190 26.49 13.22 -26.95
N VAL D 191 25.17 13.45 -26.98
CA VAL D 191 24.39 13.79 -25.78
C VAL D 191 23.63 12.56 -25.24
N TYR D 192 23.81 12.30 -23.95
CA TYR D 192 23.14 11.19 -23.24
C TYR D 192 22.31 11.79 -22.14
N ALA D 193 21.00 11.59 -22.22
CA ALA D 193 20.05 12.12 -21.24
C ALA D 193 19.34 10.98 -20.56
N CYS D 194 18.84 11.25 -19.36
CA CYS D 194 18.07 10.30 -18.58
C CYS D 194 16.81 10.98 -18.09
N GLU D 195 15.69 10.70 -18.77
CA GLU D 195 14.39 11.25 -18.40
C GLU D 195 13.71 10.41 -17.34
N VAL D 196 13.39 11.01 -16.19
CA VAL D 196 12.68 10.33 -15.09
C VAL D 196 11.29 10.92 -14.91
N THR D 197 10.31 10.03 -14.70
CA THR D 197 8.90 10.36 -14.54
C THR D 197 8.37 9.64 -13.29
N HIS D 198 7.73 10.38 -12.38
CA HIS D 198 7.28 9.85 -11.08
C HIS D 198 6.14 10.72 -10.55
N GLN D 199 5.35 10.15 -9.64
CA GLN D 199 4.08 10.74 -9.18
C GLN D 199 4.25 12.01 -8.33
N GLY D 200 5.38 12.13 -7.66
CA GLY D 200 5.85 13.38 -7.04
C GLY D 200 6.47 14.41 -7.98
N LEU D 201 6.33 14.22 -9.28
CA LEU D 201 6.92 15.08 -10.31
C LEU D 201 5.83 15.57 -11.26
N SER D 202 5.43 16.83 -11.10
CA SER D 202 4.55 17.51 -12.06
C SER D 202 5.16 17.51 -13.48
N SER D 203 6.48 17.61 -13.56
CA SER D 203 7.23 17.69 -14.80
C SER D 203 8.42 16.71 -14.74
N PRO D 204 8.76 16.04 -15.85
CA PRO D 204 9.79 15.01 -15.69
C PRO D 204 11.16 15.63 -15.46
N VAL D 205 12.01 14.93 -14.71
CA VAL D 205 13.36 15.40 -14.41
C VAL D 205 14.33 14.73 -15.37
N THR D 206 15.10 15.55 -16.07
CA THR D 206 16.04 15.09 -17.06
C THR D 206 17.43 15.51 -16.62
N LYS D 207 18.31 14.51 -16.44
CA LYS D 207 19.73 14.74 -16.23
C LYS D 207 20.44 14.27 -17.48
N SER D 208 21.32 15.11 -18.01
CA SER D 208 22.03 14.77 -19.24
C SER D 208 23.46 15.31 -19.24
N PHE D 209 24.32 14.60 -19.95
CA PHE D 209 25.68 15.04 -20.22
C PHE D 209 25.96 14.73 -21.68
N ASN D 210 26.96 15.38 -22.26
CA ASN D 210 27.28 15.14 -23.66
C ASN D 210 28.78 14.94 -23.93
N ARG D 211 29.30 13.82 -23.44
CA ARG D 211 30.72 13.47 -23.53
C ARG D 211 31.75 14.57 -23.17
N GLY D 212 31.37 15.43 -22.22
CA GLY D 212 32.30 16.30 -21.52
C GLY D 212 32.69 15.55 -20.25
N GLU D 213 33.98 15.30 -20.09
CA GLU D 213 34.50 14.53 -18.94
C GLU D 213 34.49 15.40 -17.67
N CYS D 214 33.27 15.72 -17.23
CA CYS D 214 33.02 16.77 -16.24
C CYS D 214 31.54 16.81 -15.83
N GLN E 1 -2.68 47.96 -14.33
CA GLN E 1 -4.14 47.67 -14.05
C GLN E 1 -4.49 46.25 -13.57
N VAL E 2 -3.58 45.27 -13.72
CA VAL E 2 -3.73 43.95 -13.07
C VAL E 2 -3.84 44.07 -11.54
N GLN E 3 -5.05 43.90 -11.01
CA GLN E 3 -5.25 43.93 -9.56
C GLN E 3 -6.47 43.16 -9.05
N LEU E 4 -6.41 42.79 -7.77
CA LEU E 4 -7.37 41.94 -7.08
C LEU E 4 -7.88 42.67 -5.84
N VAL E 5 -9.19 42.90 -5.76
CA VAL E 5 -9.81 43.59 -4.60
C VAL E 5 -10.65 42.62 -3.78
N GLU E 6 -10.29 42.41 -2.50
CA GLU E 6 -11.16 41.63 -1.59
C GLU E 6 -12.17 42.50 -0.87
N SER E 7 -13.22 41.83 -0.42
CA SER E 7 -14.26 42.43 0.40
C SER E 7 -14.99 41.27 1.09
N GLY E 8 -15.99 41.59 1.91
CA GLY E 8 -16.76 40.57 2.64
C GLY E 8 -16.34 40.44 4.09
N GLY E 9 -15.20 41.01 4.44
CA GLY E 9 -14.64 40.83 5.77
C GLY E 9 -15.38 41.66 6.79
N GLY E 10 -15.30 41.22 8.03
CA GLY E 10 -15.93 41.93 9.13
C GLY E 10 -16.08 41.03 10.32
N VAL E 11 -16.78 41.53 11.33
CA VAL E 11 -16.87 40.86 12.62
C VAL E 11 -18.06 39.89 12.58
N VAL E 12 -17.81 38.68 13.06
CA VAL E 12 -18.71 37.53 12.91
C VAL E 12 -18.50 36.66 14.15
N GLN E 13 -19.47 35.83 14.50
CA GLN E 13 -19.45 35.12 15.79
C GLN E 13 -19.07 33.66 15.59
N PRO E 14 -18.44 33.04 16.61
CA PRO E 14 -18.14 31.61 16.54
C PRO E 14 -19.36 30.79 16.16
N GLY E 15 -19.22 29.93 15.15
CA GLY E 15 -20.32 29.08 14.69
C GLY E 15 -21.04 29.61 13.47
N ARG E 16 -21.08 30.94 13.30
CA ARG E 16 -21.75 31.57 12.17
C ARG E 16 -20.84 31.53 10.94
N SER E 17 -21.18 32.25 9.86
CA SER E 17 -20.55 32.06 8.56
C SER E 17 -20.26 33.36 7.82
N LEU E 18 -19.41 33.27 6.79
CA LEU E 18 -19.01 34.42 6.00
C LEU E 18 -18.52 34.02 4.62
N ARG E 19 -18.97 34.77 3.61
CA ARG E 19 -18.53 34.59 2.25
C ARG E 19 -17.64 35.78 1.90
N LEU E 20 -16.33 35.58 2.00
CA LEU E 20 -15.37 36.53 1.46
C LEU E 20 -15.42 36.44 -0.05
N SER E 21 -15.12 37.57 -0.69
CA SER E 21 -15.12 37.70 -2.15
C SER E 21 -13.82 38.35 -2.58
N CYS E 22 -13.34 37.99 -3.78
CA CYS E 22 -12.07 38.49 -4.32
C CYS E 22 -12.29 38.76 -5.81
N ALA E 23 -12.13 40.02 -6.21
CA ALA E 23 -12.61 40.51 -7.50
C ALA E 23 -11.46 40.89 -8.42
N ALA E 24 -11.27 40.10 -9.47
CA ALA E 24 -10.14 40.29 -10.36
C ALA E 24 -10.48 41.27 -11.47
N SER E 25 -9.51 42.13 -11.77
CA SER E 25 -9.58 43.06 -12.90
C SER E 25 -8.18 43.25 -13.44
N GLY E 26 -8.08 43.61 -14.71
CA GLY E 26 -6.81 43.82 -15.39
C GLY E 26 -6.23 42.60 -16.08
N PHE E 27 -6.93 41.46 -16.02
CA PHE E 27 -6.45 40.23 -16.66
C PHE E 27 -7.54 39.22 -16.94
N THR E 28 -7.18 38.22 -17.74
CA THR E 28 -8.06 37.12 -18.10
C THR E 28 -8.20 36.15 -16.92
N PHE E 29 -9.14 36.44 -16.03
CA PHE E 29 -9.44 35.62 -14.81
C PHE E 29 -9.54 34.12 -15.08
N SER E 30 -10.17 33.75 -16.19
CA SER E 30 -10.44 32.33 -16.52
C SER E 30 -9.19 31.46 -16.65
N SER E 31 -8.09 32.05 -17.10
CA SER E 31 -6.86 31.31 -17.37
C SER E 31 -5.94 31.13 -16.15
N TYR E 32 -6.18 31.89 -15.08
CA TYR E 32 -5.33 31.83 -13.89
C TYR E 32 -5.97 30.98 -12.81
N GLY E 33 -5.14 30.17 -12.14
CA GLY E 33 -5.51 29.52 -10.89
C GLY E 33 -5.59 30.60 -9.82
N MET E 34 -6.29 30.31 -8.73
CA MET E 34 -6.49 31.29 -7.67
C MET E 34 -6.45 30.63 -6.29
N HIS E 35 -6.06 31.44 -5.31
CA HIS E 35 -5.62 30.97 -4.01
C HIS E 35 -6.14 31.90 -2.93
N TRP E 36 -6.52 31.38 -1.77
CA TRP E 36 -6.64 32.22 -0.56
C TRP E 36 -5.50 31.89 0.41
N VAL E 37 -5.04 32.92 1.10
CA VAL E 37 -4.00 32.81 2.09
C VAL E 37 -4.44 33.65 3.28
N ARG E 38 -4.27 33.14 4.48
CA ARG E 38 -4.58 33.93 5.68
C ARG E 38 -3.33 34.22 6.50
N GLN E 39 -3.40 35.28 7.29
CA GLN E 39 -2.35 35.66 8.22
C GLN E 39 -3.01 36.09 9.50
N ALA E 40 -2.88 35.28 10.54
CA ALA E 40 -3.43 35.61 11.86
C ALA E 40 -2.61 36.74 12.50
N PRO E 41 -3.22 37.49 13.46
CA PRO E 41 -2.63 38.74 13.99
C PRO E 41 -1.13 38.72 14.35
N GLY E 42 -0.74 37.88 15.30
CA GLY E 42 0.67 37.77 15.68
C GLY E 42 1.48 37.07 14.60
N LYS E 43 0.87 36.07 13.97
CA LYS E 43 1.58 35.01 13.29
C LYS E 43 1.91 35.34 11.82
N GLY E 44 2.40 34.34 11.09
CA GLY E 44 2.84 34.49 9.72
C GLY E 44 1.82 34.01 8.72
N LEU E 45 2.27 33.91 7.47
CA LEU E 45 1.41 33.52 6.37
C LEU E 45 1.06 32.04 6.43
N GLU E 46 -0.18 31.74 6.06
CA GLU E 46 -0.69 30.37 6.04
C GLU E 46 -1.59 30.26 4.81
N TRP E 47 -1.24 29.35 3.90
CA TRP E 47 -2.07 29.03 2.74
C TRP E 47 -3.30 28.33 3.26
N VAL E 48 -4.45 28.58 2.63
CA VAL E 48 -5.72 28.00 3.10
C VAL E 48 -6.50 27.23 2.05
N ALA E 49 -6.55 27.72 0.81
CA ALA E 49 -7.17 26.97 -0.30
C ALA E 49 -6.73 27.42 -1.68
N VAL E 50 -6.93 26.55 -2.66
CA VAL E 50 -6.69 26.86 -4.08
C VAL E 50 -7.85 26.34 -4.89
N MET E 51 -8.05 26.96 -6.04
CA MET E 51 -9.04 26.52 -6.99
C MET E 51 -8.55 26.84 -8.39
N TYR E 52 -8.72 25.87 -9.28
CA TYR E 52 -8.35 26.02 -10.67
C TYR E 52 -9.61 26.08 -11.51
N TYR E 53 -9.44 26.52 -12.75
CA TYR E 53 -10.57 26.85 -13.63
C TYR E 53 -11.61 25.74 -13.82
N ASP E 54 -11.14 24.49 -13.90
CA ASP E 54 -11.99 23.33 -14.23
C ASP E 54 -13.47 23.27 -13.73
N GLY E 55 -13.79 23.27 -12.42
CA GLY E 55 -12.89 23.25 -11.29
C GLY E 55 -13.07 21.97 -10.47
N SER E 56 -12.81 20.83 -11.10
CA SER E 56 -12.64 19.53 -10.42
C SER E 56 -11.46 19.56 -9.42
N ASN E 57 -10.36 20.18 -9.85
CA ASN E 57 -9.19 20.43 -9.00
C ASN E 57 -9.46 21.56 -8.00
N LYS E 58 -9.50 21.17 -6.73
CA LYS E 58 -9.71 22.07 -5.61
C LYS E 58 -9.01 21.47 -4.40
N ASP E 59 -8.53 22.33 -3.51
CA ASP E 59 -7.85 21.83 -2.32
C ASP E 59 -7.90 22.83 -1.18
N TYR E 60 -7.68 22.32 0.03
CA TYR E 60 -7.73 23.11 1.25
C TYR E 60 -6.69 22.64 2.23
N VAL E 61 -6.34 23.50 3.17
CA VAL E 61 -5.47 23.12 4.28
C VAL E 61 -6.33 22.31 5.25
N ASP E 62 -5.72 21.41 6.02
CA ASP E 62 -6.48 20.45 6.86
C ASP E 62 -7.46 21.11 7.80
N SER E 63 -7.01 22.14 8.52
CA SER E 63 -7.84 22.83 9.51
C SER E 63 -9.13 23.48 8.95
N VAL E 64 -9.20 23.72 7.65
CA VAL E 64 -10.43 24.25 7.05
C VAL E 64 -11.24 23.27 6.17
N LYS E 65 -10.71 22.06 5.91
CA LYS E 65 -11.41 21.04 5.08
C LYS E 65 -12.81 20.72 5.60
N GLY E 66 -13.80 20.76 4.72
CA GLY E 66 -15.20 20.50 5.08
C GLY E 66 -15.92 21.71 5.66
N ARG E 67 -15.18 22.46 6.46
CA ARG E 67 -15.64 23.72 7.06
C ARG E 67 -15.68 24.89 6.06
N PHE E 68 -14.71 24.97 5.15
CA PHE E 68 -14.55 26.08 4.17
C PHE E 68 -14.74 25.58 2.74
N THR E 69 -15.16 26.48 1.85
CA THR E 69 -15.45 26.15 0.46
C THR E 69 -15.11 27.32 -0.46
N ILE E 70 -14.40 27.00 -1.55
CA ILE E 70 -13.93 27.99 -2.52
C ILE E 70 -14.75 27.83 -3.79
N SER E 71 -14.97 28.94 -4.48
CA SER E 71 -15.75 28.96 -5.70
C SER E 71 -15.38 30.18 -6.48
N ARG E 72 -15.72 30.17 -7.76
CA ARG E 72 -15.42 31.30 -8.62
C ARG E 72 -16.54 31.46 -9.65
N ASP E 73 -16.91 32.72 -9.88
CA ASP E 73 -17.86 33.09 -10.92
C ASP E 73 -17.02 33.74 -12.01
N ASN E 74 -16.72 32.97 -13.06
CA ASN E 74 -15.89 33.45 -14.15
C ASN E 74 -16.50 34.62 -14.92
N SER E 75 -17.82 34.68 -14.98
CA SER E 75 -18.54 35.79 -15.61
C SER E 75 -18.34 37.11 -14.87
N LYS E 76 -18.32 37.07 -13.54
CA LYS E 76 -18.11 38.27 -12.73
C LYS E 76 -16.64 38.47 -12.32
N ASN E 77 -15.74 37.60 -12.77
CA ASN E 77 -14.32 37.66 -12.41
C ASN E 77 -14.15 37.76 -10.90
N THR E 78 -14.87 36.91 -10.18
CA THR E 78 -14.87 36.91 -8.73
C THR E 78 -14.49 35.51 -8.23
N LEU E 79 -13.77 35.49 -7.12
CA LEU E 79 -13.43 34.29 -6.40
C LEU E 79 -14.12 34.44 -5.06
N TYR E 80 -14.55 33.33 -4.45
CA TYR E 80 -15.24 33.39 -3.17
C TYR E 80 -14.65 32.40 -2.19
N LEU E 81 -14.83 32.68 -0.90
CA LEU E 81 -14.50 31.73 0.15
C LEU E 81 -15.65 31.68 1.15
N GLN E 82 -16.48 30.64 1.02
CA GLN E 82 -17.58 30.41 1.94
C GLN E 82 -16.98 29.78 3.20
N MET E 83 -16.92 30.57 4.27
CA MET E 83 -16.40 30.11 5.55
C MET E 83 -17.59 29.81 6.45
N ASN E 84 -17.73 28.55 6.87
CA ASN E 84 -18.79 28.11 7.77
C ASN E 84 -18.19 27.59 9.06
N ARG E 85 -19.02 27.54 10.11
CA ARG E 85 -18.60 27.03 11.42
C ARG E 85 -17.30 27.69 11.91
N LEU E 86 -17.25 29.01 11.78
CA LEU E 86 -16.08 29.80 12.16
C LEU E 86 -15.65 29.57 13.61
N ARG E 87 -14.34 29.43 13.82
CA ARG E 87 -13.75 29.41 15.16
C ARG E 87 -12.86 30.62 15.33
N ALA E 88 -12.56 30.95 16.59
CA ALA E 88 -11.54 31.94 16.97
C ALA E 88 -10.28 31.90 16.10
N GLU E 89 -9.78 30.70 15.77
CA GLU E 89 -8.52 30.55 15.02
C GLU E 89 -8.59 31.00 13.55
N ASP E 90 -9.78 31.34 13.07
CA ASP E 90 -9.96 31.84 11.70
C ASP E 90 -9.83 33.36 11.64
N THR E 91 -9.80 34.00 12.81
CA THR E 91 -9.38 35.40 12.93
C THR E 91 -8.08 35.57 12.19
N ALA E 92 -8.13 36.38 11.14
CA ALA E 92 -6.99 36.57 10.25
C ALA E 92 -7.31 37.55 9.16
N VAL E 93 -6.26 37.96 8.47
CA VAL E 93 -6.35 38.85 7.34
C VAL E 93 -6.29 37.93 6.14
N TYR E 94 -7.27 38.05 5.23
CA TYR E 94 -7.43 37.08 4.15
C TYR E 94 -7.04 37.67 2.80
N TYR E 95 -5.83 37.34 2.36
CA TYR E 95 -5.37 37.74 1.04
C TYR E 95 -5.86 36.74 -0.01
N CYS E 96 -6.01 37.19 -1.25
CA CYS E 96 -6.29 36.30 -2.38
C CYS E 96 -5.16 36.52 -3.38
N ALA E 97 -4.65 35.41 -3.93
CA ALA E 97 -3.55 35.49 -4.88
C ALA E 97 -3.90 34.65 -6.09
N ARG E 98 -3.25 34.96 -7.22
CA ARG E 98 -3.42 34.18 -8.44
C ARG E 98 -2.16 33.39 -8.68
N GLU E 99 -2.30 32.27 -9.38
CA GLU E 99 -1.16 31.50 -9.86
C GLU E 99 -1.35 31.25 -11.35
N LYS E 100 -0.28 31.43 -12.12
CA LYS E 100 -0.26 31.11 -13.55
C LYS E 100 0.30 29.70 -13.70
N ASP E 101 -0.40 28.86 -14.46
CA ASP E 101 0.09 27.53 -14.80
C ASP E 101 0.22 27.42 -16.31
N HIS E 102 0.80 26.33 -16.77
CA HIS E 102 0.96 26.12 -18.21
C HIS E 102 0.90 24.64 -18.50
N TYR E 103 0.01 24.26 -19.40
CA TYR E 103 -0.14 22.88 -19.84
C TYR E 103 0.68 22.71 -21.12
N ASP E 104 1.53 21.68 -21.14
CA ASP E 104 2.30 21.33 -22.33
C ASP E 104 1.54 20.24 -23.10
N ILE E 105 0.86 20.64 -24.19
CA ILE E 105 0.03 19.73 -25.01
C ILE E 105 0.83 18.54 -25.55
N LEU E 106 2.07 18.80 -25.97
CA LEU E 106 2.96 17.80 -26.54
C LEU E 106 3.33 16.68 -25.57
N THR E 107 3.34 16.98 -24.26
CA THR E 107 3.69 15.99 -23.23
C THR E 107 2.56 15.61 -22.27
N GLY E 108 1.50 16.43 -22.20
CA GLY E 108 0.52 16.31 -21.13
C GLY E 108 1.01 16.61 -19.71
N TYR E 109 2.05 17.43 -19.57
CA TYR E 109 2.56 17.82 -18.25
C TYR E 109 2.28 19.28 -17.96
N ASN E 110 2.19 19.60 -16.67
CA ASN E 110 1.72 20.89 -16.19
C ASN E 110 2.84 21.58 -15.40
N TYR E 111 2.95 22.90 -15.55
CA TYR E 111 3.99 23.69 -14.88
C TYR E 111 3.31 24.79 -14.09
N TYR E 112 3.91 25.14 -12.96
CA TYR E 112 3.27 26.02 -11.99
C TYR E 112 4.24 27.13 -11.58
N TYR E 113 3.76 28.37 -11.65
CA TYR E 113 4.62 29.54 -11.44
C TYR E 113 4.38 30.33 -10.14
N GLY E 114 3.54 29.83 -9.24
CA GLY E 114 3.38 30.46 -7.93
C GLY E 114 2.56 31.74 -7.88
N LEU E 115 2.48 32.31 -6.68
CA LEU E 115 1.54 33.39 -6.38
C LEU E 115 2.19 34.77 -6.63
N ASP E 116 2.00 35.29 -7.84
CA ASP E 116 2.69 36.52 -8.30
C ASP E 116 2.00 37.80 -7.85
N VAL E 117 0.67 37.83 -7.94
CA VAL E 117 -0.15 39.00 -7.65
C VAL E 117 -1.17 38.70 -6.57
N TRP E 118 -1.23 39.58 -5.57
CA TRP E 118 -2.02 39.40 -4.36
C TRP E 118 -3.03 40.53 -4.20
N GLY E 119 -4.08 40.26 -3.45
CA GLY E 119 -5.06 41.27 -3.09
C GLY E 119 -4.54 42.14 -1.97
N GLN E 120 -5.32 43.14 -1.57
CA GLN E 120 -4.94 44.04 -0.48
C GLN E 120 -5.20 43.44 0.91
N GLY E 121 -6.20 42.57 1.02
CA GLY E 121 -6.54 41.91 2.28
C GLY E 121 -7.86 42.41 2.86
N THR E 122 -8.57 41.52 3.55
CA THR E 122 -9.84 41.84 4.17
C THR E 122 -9.83 41.19 5.54
N THR E 123 -9.98 42.00 6.59
CA THR E 123 -9.85 41.48 7.94
C THR E 123 -11.11 40.70 8.32
N VAL E 124 -10.90 39.51 8.88
CA VAL E 124 -11.95 38.68 9.44
C VAL E 124 -11.62 38.50 10.92
N THR E 125 -12.63 38.66 11.77
CA THR E 125 -12.47 38.73 13.22
C THR E 125 -13.62 37.96 13.85
N VAL E 126 -13.31 36.88 14.57
CA VAL E 126 -14.34 36.00 15.09
C VAL E 126 -14.33 36.12 16.62
N SER E 127 -15.38 36.77 17.12
CA SER E 127 -15.54 37.06 18.53
C SER E 127 -17.01 37.03 18.86
N SER E 128 -17.32 36.58 20.07
CA SER E 128 -18.66 36.68 20.63
C SER E 128 -18.90 38.08 21.22
N ALA E 129 -17.84 38.87 21.36
CA ALA E 129 -17.91 40.22 21.93
C ALA E 129 -18.74 41.21 21.08
N SER E 130 -19.36 42.16 21.77
CA SER E 130 -20.16 43.21 21.14
C SER E 130 -19.35 44.49 21.12
N THR E 131 -19.62 45.37 20.13
CA THR E 131 -19.02 46.69 20.08
C THR E 131 -19.08 47.36 21.45
N LYS E 132 -18.00 48.00 21.85
CA LYS E 132 -17.92 48.66 23.15
C LYS E 132 -16.83 49.73 23.13
N GLY E 133 -17.20 50.96 23.50
CA GLY E 133 -16.23 52.02 23.74
C GLY E 133 -15.25 51.72 24.86
N PRO E 134 -13.99 52.19 24.74
CA PRO E 134 -12.99 52.01 25.80
C PRO E 134 -13.28 52.85 27.02
N SER E 135 -13.08 52.30 28.22
CA SER E 135 -12.88 53.16 29.39
C SER E 135 -11.41 53.53 29.43
N VAL E 136 -11.14 54.83 29.54
CA VAL E 136 -9.80 55.41 29.49
C VAL E 136 -9.40 55.81 30.92
N PHE E 137 -8.34 55.20 31.45
CA PHE E 137 -7.83 55.55 32.78
C PHE E 137 -6.47 56.22 32.68
N PRO E 138 -6.16 57.16 33.59
CA PRO E 138 -4.84 57.78 33.57
C PRO E 138 -3.76 56.84 34.09
N LEU E 139 -2.56 57.01 33.56
CA LEU E 139 -1.36 56.45 34.15
C LEU E 139 -0.64 57.68 34.69
N ALA E 140 -0.92 57.98 35.94
CA ALA E 140 -0.49 59.24 36.54
C ALA E 140 1.01 59.24 36.81
N PRO E 141 1.70 60.35 36.46
CA PRO E 141 3.12 60.47 36.77
C PRO E 141 3.31 60.71 38.26
N SER E 142 4.35 60.09 38.82
CA SER E 142 4.65 60.17 40.26
C SER E 142 6.17 60.12 40.46
N SER E 143 6.60 60.10 41.73
CA SER E 143 8.01 59.88 42.05
C SER E 143 8.53 58.52 41.54
N LYS E 144 7.65 57.50 41.51
CA LYS E 144 7.99 56.18 40.96
C LYS E 144 7.84 56.05 39.43
N SER E 145 7.74 57.19 38.75
CA SER E 145 7.65 57.26 37.31
C SER E 145 8.51 58.41 36.74
N THR E 146 9.60 58.73 37.45
CA THR E 146 10.56 59.77 37.02
C THR E 146 12.00 59.26 37.15
N SER E 147 12.71 59.21 36.02
CA SER E 147 14.13 58.88 35.99
C SER E 147 14.91 60.16 35.71
N GLY E 148 15.58 60.71 36.72
CA GLY E 148 16.38 61.92 36.55
C GLY E 148 15.50 63.12 36.30
N GLY E 149 15.78 63.86 35.21
CA GLY E 149 14.99 65.03 34.84
C GLY E 149 13.89 64.75 33.83
N THR E 150 13.33 63.54 33.85
CA THR E 150 12.29 63.14 32.89
C THR E 150 11.22 62.26 33.55
N ALA E 151 9.97 62.62 33.28
CA ALA E 151 8.79 61.90 33.73
C ALA E 151 8.31 61.07 32.58
N ALA E 152 7.40 60.16 32.91
CA ALA E 152 6.64 59.43 31.92
C ALA E 152 5.20 59.45 32.41
N LEU E 153 4.27 59.52 31.49
CA LEU E 153 2.86 59.36 31.84
C LEU E 153 2.13 58.76 30.66
N GLY E 154 0.86 58.43 30.86
CA GLY E 154 0.09 57.80 29.81
C GLY E 154 -1.36 57.62 30.11
N CYS E 155 -2.03 56.88 29.23
CA CYS E 155 -3.47 56.62 29.38
C CYS E 155 -3.76 55.16 29.09
N LEU E 156 -4.49 54.52 30.00
CA LEU E 156 -4.89 53.14 29.82
C LEU E 156 -6.21 52.97 29.05
N VAL E 157 -6.10 52.70 27.75
CA VAL E 157 -7.28 52.50 26.89
C VAL E 157 -7.76 51.06 27.04
N LYS E 158 -8.74 50.85 27.91
CA LYS E 158 -9.10 49.50 28.37
C LYS E 158 -10.54 49.09 28.06
N ASP E 159 -10.72 47.80 27.77
CA ASP E 159 -12.03 47.17 27.61
C ASP E 159 -12.84 47.77 26.48
N TYR E 160 -12.27 47.71 25.28
CA TYR E 160 -12.95 48.16 24.07
C TYR E 160 -12.98 47.06 23.04
N PHE E 161 -13.96 47.14 22.16
CA PHE E 161 -14.08 46.21 21.02
C PHE E 161 -14.87 46.85 19.88
N PRO E 162 -14.49 46.61 18.61
CA PRO E 162 -13.27 45.91 18.22
C PRO E 162 -12.18 46.93 17.94
N GLU E 163 -11.05 46.46 17.42
CA GLU E 163 -9.99 47.37 16.96
C GLU E 163 -10.50 48.27 15.82
N PRO E 164 -10.00 49.50 15.67
CA PRO E 164 -8.91 50.03 16.50
C PRO E 164 -9.33 51.27 17.27
N VAL E 165 -8.39 51.80 18.03
CA VAL E 165 -8.51 53.11 18.66
C VAL E 165 -7.35 53.95 18.15
N THR E 166 -7.58 55.24 18.02
CA THR E 166 -6.51 56.18 17.76
C THR E 166 -6.31 56.92 19.06
N VAL E 167 -5.06 57.10 19.45
CA VAL E 167 -4.75 57.90 20.62
C VAL E 167 -3.89 59.06 20.16
N SER E 168 -4.17 60.22 20.75
CA SER E 168 -3.51 61.47 20.44
C SER E 168 -3.29 62.19 21.76
N TRP E 169 -2.25 63.04 21.80
CA TRP E 169 -1.93 63.80 23.00
C TRP E 169 -2.03 65.29 22.74
N ASN E 170 -2.76 65.99 23.61
CA ASN E 170 -2.99 67.43 23.53
C ASN E 170 -3.57 67.85 22.16
N SER E 171 -4.48 67.03 21.66
CA SER E 171 -5.21 67.27 20.41
C SER E 171 -4.31 67.37 19.15
N GLY E 172 -3.11 66.78 19.21
CA GLY E 172 -2.15 66.80 18.10
C GLY E 172 -0.85 67.53 18.38
N ALA E 173 -0.82 68.35 19.43
CA ALA E 173 0.32 69.24 19.70
C ALA E 173 1.53 68.44 20.16
N LEU E 174 1.32 67.57 21.15
CA LEU E 174 2.35 66.66 21.64
C LEU E 174 2.35 65.40 20.79
N THR E 175 3.43 65.20 20.02
CA THR E 175 3.71 63.89 19.40
C THR E 175 5.17 63.42 19.61
N SER E 176 5.94 64.12 20.44
CA SER E 176 7.35 63.79 20.69
C SER E 176 7.46 63.09 22.04
N GLY E 177 8.07 61.91 22.04
CA GLY E 177 8.14 61.06 23.23
C GLY E 177 7.01 60.07 23.36
N VAL E 178 6.04 60.10 22.43
CA VAL E 178 4.80 59.30 22.53
C VAL E 178 4.94 57.87 21.99
N HIS E 179 4.48 56.90 22.78
CA HIS E 179 4.54 55.48 22.45
C HIS E 179 3.16 54.85 22.63
N THR E 180 2.49 54.54 21.52
CA THR E 180 1.20 53.84 21.57
C THR E 180 1.42 52.35 21.29
N PHE E 181 1.20 51.53 22.31
CA PHE E 181 1.50 50.11 22.21
C PHE E 181 0.42 49.41 21.44
N PRO E 182 0.79 48.35 20.68
CA PRO E 182 -0.28 47.61 20.03
C PRO E 182 -1.21 47.01 21.06
N ALA E 183 -2.47 46.86 20.66
CA ALA E 183 -3.50 46.33 21.54
C ALA E 183 -3.23 44.88 21.88
N VAL E 184 -3.72 44.45 23.04
CA VAL E 184 -3.68 43.04 23.44
C VAL E 184 -5.10 42.60 23.74
N LEU E 185 -5.52 41.53 23.07
CA LEU E 185 -6.76 40.83 23.38
C LEU E 185 -6.65 40.20 24.76
N GLN E 186 -7.63 40.44 25.62
CA GLN E 186 -7.66 39.87 26.98
C GLN E 186 -8.43 38.55 27.00
N SER E 187 -8.42 37.90 28.16
CA SER E 187 -9.23 36.68 28.38
C SER E 187 -10.74 37.00 28.30
N SER E 188 -11.09 38.25 28.61
CA SER E 188 -12.48 38.73 28.47
C SER E 188 -12.99 38.84 27.03
N GLY E 189 -12.09 38.79 26.04
CA GLY E 189 -12.45 38.93 24.63
C GLY E 189 -12.34 40.36 24.11
N LEU E 190 -12.05 41.29 25.01
CA LEU E 190 -11.98 42.72 24.68
C LEU E 190 -10.52 43.13 24.61
N TYR E 191 -10.28 44.26 23.94
CA TYR E 191 -8.93 44.78 23.77
C TYR E 191 -8.57 45.77 24.85
N SER E 192 -7.26 45.96 25.00
CA SER E 192 -6.71 46.95 25.90
C SER E 192 -5.36 47.38 25.35
N LEU E 193 -5.09 48.68 25.36
CA LEU E 193 -3.76 49.19 25.02
C LEU E 193 -3.43 50.35 25.92
N SER E 194 -2.20 50.84 25.81
CA SER E 194 -1.76 52.04 26.53
C SER E 194 -0.98 52.94 25.59
N SER E 195 -1.25 54.24 25.68
CA SER E 195 -0.37 55.23 25.07
C SER E 195 0.35 55.94 26.19
N VAL E 196 1.63 56.16 25.96
CA VAL E 196 2.57 56.65 26.96
C VAL E 196 3.40 57.75 26.30
N VAL E 197 3.83 58.72 27.11
CA VAL E 197 4.67 59.82 26.63
C VAL E 197 5.71 60.13 27.70
N THR E 198 6.92 60.52 27.26
CA THR E 198 8.01 60.87 28.17
C THR E 198 8.28 62.36 28.08
N VAL E 199 8.07 63.07 29.19
CA VAL E 199 8.18 64.52 29.21
C VAL E 199 9.12 64.99 30.32
N PRO E 200 9.65 66.23 30.23
CA PRO E 200 10.59 66.70 31.25
C PRO E 200 9.92 66.86 32.61
N SER E 201 10.61 66.41 33.66
CA SER E 201 10.04 66.39 35.01
C SER E 201 9.66 67.79 35.49
N SER E 202 10.49 68.77 35.16
CA SER E 202 10.20 70.20 35.42
C SER E 202 8.86 70.66 34.83
N SER E 203 8.56 70.21 33.60
CA SER E 203 7.36 70.63 32.87
C SER E 203 6.01 70.17 33.47
N LEU E 204 6.03 69.22 34.41
CA LEU E 204 4.84 68.90 35.21
C LEU E 204 4.44 70.09 36.07
N GLY E 205 3.14 70.30 36.25
CA GLY E 205 2.62 71.48 36.94
C GLY E 205 2.44 72.67 36.01
N THR E 206 3.48 72.95 35.22
CA THR E 206 3.44 73.95 34.15
C THR E 206 2.44 73.57 33.05
N GLN E 207 2.79 72.58 32.22
CA GLN E 207 1.94 72.17 31.08
C GLN E 207 0.83 71.23 31.57
N THR E 208 -0.28 71.19 30.82
CA THR E 208 -1.32 70.17 31.02
C THR E 208 -1.20 69.10 29.93
N TYR E 209 -1.41 67.85 30.33
CA TYR E 209 -1.31 66.70 29.44
C TYR E 209 -2.66 65.99 29.37
N ILE E 210 -3.26 66.00 28.17
CA ILE E 210 -4.57 65.39 27.93
C ILE E 210 -4.44 64.38 26.79
N CYS E 211 -4.89 63.15 27.02
CA CYS E 211 -4.90 62.11 25.97
C CYS E 211 -6.28 62.07 25.31
N ASN E 212 -6.29 61.75 24.02
CA ASN E 212 -7.49 61.83 23.19
C ASN E 212 -7.77 60.49 22.51
N VAL E 213 -8.53 59.65 23.20
CA VAL E 213 -8.96 58.35 22.68
C VAL E 213 -10.14 58.58 21.75
N ASN E 214 -10.02 58.14 20.50
CA ASN E 214 -11.14 58.06 19.57
C ASN E 214 -11.36 56.61 19.17
N HIS E 215 -12.56 56.11 19.42
CA HIS E 215 -12.95 54.77 19.02
C HIS E 215 -14.13 54.86 18.04
N LYS E 216 -13.81 54.91 16.73
CA LYS E 216 -14.81 55.06 15.67
C LYS E 216 -15.90 53.98 15.64
N PRO E 217 -15.54 52.69 15.76
CA PRO E 217 -16.56 51.63 15.76
C PRO E 217 -17.77 51.83 16.69
N SER E 218 -17.57 52.50 17.84
CA SER E 218 -18.65 52.74 18.81
C SER E 218 -19.06 54.22 18.93
N ASN E 219 -18.57 55.09 18.05
CA ASN E 219 -18.79 56.54 18.14
C ASN E 219 -18.49 57.05 19.54
N THR E 220 -17.21 57.02 19.88
CA THR E 220 -16.72 57.37 21.20
C THR E 220 -15.46 58.20 21.01
N LYS E 221 -15.38 59.24 21.83
CA LYS E 221 -14.30 60.20 21.80
C LYS E 221 -14.18 60.57 23.26
N VAL E 222 -13.08 60.19 23.91
CA VAL E 222 -12.87 60.50 25.31
C VAL E 222 -11.57 61.28 25.40
N ASP E 223 -11.57 62.28 26.29
CA ASP E 223 -10.38 63.09 26.56
C ASP E 223 -10.14 63.10 28.07
N LYS E 224 -9.25 62.22 28.53
CA LYS E 224 -8.86 62.20 29.95
C LYS E 224 -7.73 63.18 30.19
N LYS E 225 -7.74 63.81 31.36
CA LYS E 225 -6.67 64.69 31.79
C LYS E 225 -5.80 63.90 32.76
N VAL E 226 -4.49 64.09 32.65
CA VAL E 226 -3.53 63.29 33.42
C VAL E 226 -2.92 64.16 34.53
N GLU E 227 -3.31 63.87 35.78
CA GLU E 227 -2.96 64.67 36.96
C GLU E 227 -1.88 63.99 37.81
N PRO E 228 -0.69 64.63 37.98
CA PRO E 228 0.37 64.14 38.87
C PRO E 228 -0.05 63.72 40.29
N LYS E 229 0.30 62.49 40.67
CA LYS E 229 0.14 62.00 42.05
C LYS E 229 1.25 62.56 42.95
N SER E 230 0.95 62.67 44.26
CA SER E 230 1.82 63.40 45.20
C SER E 230 2.09 62.73 46.56
N CYS E 231 1.02 62.35 47.27
CA CYS E 231 1.08 61.98 48.71
C CYS E 231 1.59 63.15 49.56
N ASP F 1 2.99 16.55 3.54
CA ASP F 1 3.17 18.02 3.80
C ASP F 1 4.65 18.38 3.80
N ILE F 2 5.02 19.37 2.98
CA ILE F 2 6.40 19.87 2.94
C ILE F 2 6.60 20.97 4.00
N GLN F 3 7.37 20.66 5.05
CA GLN F 3 7.71 21.63 6.09
C GLN F 3 8.84 22.55 5.60
N MET F 4 8.63 23.87 5.69
CA MET F 4 9.66 24.86 5.33
C MET F 4 10.18 25.51 6.60
N THR F 5 11.47 25.32 6.86
CA THR F 5 12.12 25.84 8.05
C THR F 5 12.85 27.09 7.61
N GLN F 6 12.48 28.23 8.19
CA GLN F 6 13.13 29.50 7.84
C GLN F 6 14.09 29.92 8.94
N SER F 7 15.34 30.17 8.54
CA SER F 7 16.40 30.55 9.47
C SER F 7 17.07 31.83 9.01
N PRO F 8 17.27 32.81 9.89
CA PRO F 8 16.77 32.84 11.26
C PRO F 8 15.38 33.50 11.30
N SER F 9 14.77 33.56 12.49
CA SER F 9 13.47 34.19 12.67
C SER F 9 13.62 35.70 12.70
N SER F 10 14.57 36.18 13.49
CA SER F 10 14.92 37.61 13.53
C SER F 10 16.42 37.75 13.34
N LEU F 11 16.84 38.80 12.65
CA LEU F 11 18.25 39.09 12.49
C LEU F 11 18.50 40.57 12.50
N SER F 12 19.72 40.91 12.92
CA SER F 12 20.12 42.27 13.23
C SER F 12 21.21 42.68 12.28
N ALA F 13 20.94 43.70 11.48
CA ALA F 13 21.90 44.21 10.53
C ALA F 13 21.89 45.72 10.55
N SER F 14 22.89 46.29 9.89
CA SER F 14 22.99 47.73 9.67
C SER F 14 22.92 47.96 8.18
N VAL F 15 22.36 49.09 7.77
CA VAL F 15 22.40 49.49 6.36
C VAL F 15 23.82 49.31 5.82
N GLY F 16 23.92 48.63 4.68
CA GLY F 16 25.21 48.21 4.12
C GLY F 16 25.49 46.71 4.23
N ASP F 17 25.17 46.11 5.38
CA ASP F 17 25.48 44.70 5.64
C ASP F 17 24.90 43.71 4.61
N ARG F 18 25.68 42.68 4.28
CA ARG F 18 25.17 41.52 3.54
C ARG F 18 24.30 40.72 4.49
N VAL F 19 23.08 40.42 4.06
CA VAL F 19 22.11 39.67 4.83
C VAL F 19 21.71 38.44 4.04
N THR F 20 21.67 37.31 4.73
CA THR F 20 21.32 36.02 4.12
C THR F 20 20.27 35.34 4.97
N ILE F 21 19.02 35.48 4.56
CA ILE F 21 17.91 34.67 5.05
C ILE F 21 18.05 33.38 4.28
N THR F 22 18.15 32.24 4.98
CA THR F 22 18.03 30.94 4.29
C THR F 22 16.68 30.36 4.62
N CYS F 23 16.31 29.30 3.90
CA CYS F 23 15.02 28.65 4.04
C CYS F 23 15.11 27.22 3.48
N ARG F 24 15.01 26.23 4.36
CA ARG F 24 15.22 24.82 4.02
C ARG F 24 13.90 24.09 3.85
N ALA F 25 13.90 23.03 3.03
CA ALA F 25 12.69 22.24 2.76
C ALA F 25 12.89 20.77 3.15
N SER F 26 11.83 20.16 3.66
CA SER F 26 11.90 18.78 4.16
C SER F 26 11.92 17.70 3.07
N GLN F 27 11.66 18.08 1.83
CA GLN F 27 11.73 17.19 0.67
C GLN F 27 12.28 17.97 -0.52
N GLY F 28 12.43 17.29 -1.65
CA GLY F 28 12.84 17.92 -2.90
C GLY F 28 11.70 18.69 -3.54
N ILE F 29 11.70 20.01 -3.35
CA ILE F 29 10.74 20.91 -4.01
C ILE F 29 11.36 21.53 -5.26
N ARG F 30 12.51 21.02 -5.68
CA ARG F 30 13.03 21.28 -7.00
C ARG F 30 13.53 22.73 -7.06
N ASN F 31 13.01 23.54 -7.97
CA ASN F 31 13.32 24.98 -8.04
C ASN F 31 12.08 25.81 -7.79
N ASP F 32 11.00 25.14 -7.36
CA ASP F 32 9.68 25.76 -7.20
C ASP F 32 9.64 26.46 -5.86
N LEU F 33 10.35 27.59 -5.76
CA LEU F 33 10.36 28.41 -4.55
C LEU F 33 10.33 29.88 -4.92
N GLY F 34 9.68 30.67 -4.09
CA GLY F 34 9.61 32.12 -4.27
C GLY F 34 9.67 32.86 -2.95
N TRP F 35 10.34 34.02 -2.99
CA TRP F 35 10.61 34.83 -1.83
C TRP F 35 9.72 36.05 -1.88
N TYR F 36 9.02 36.31 -0.78
CA TYR F 36 8.17 37.47 -0.65
C TYR F 36 8.70 38.39 0.43
N GLN F 37 8.41 39.67 0.27
CA GLN F 37 8.65 40.71 1.26
C GLN F 37 7.29 41.20 1.71
N GLN F 38 7.06 41.26 3.01
CA GLN F 38 5.86 41.89 3.54
C GLN F 38 6.26 43.11 4.36
N LYS F 39 5.76 44.27 3.96
CA LYS F 39 5.95 45.50 4.71
C LYS F 39 4.83 45.58 5.75
N PRO F 40 5.13 46.16 6.94
CA PRO F 40 4.13 46.22 8.02
C PRO F 40 2.79 46.80 7.54
N GLY F 41 1.70 46.06 7.77
CA GLY F 41 0.34 46.45 7.38
C GLY F 41 -0.04 46.24 5.92
N LYS F 42 0.94 45.90 5.07
CA LYS F 42 0.76 45.85 3.62
C LYS F 42 0.75 44.37 3.20
N ALA F 43 0.20 44.07 2.02
CA ALA F 43 0.13 42.68 1.54
C ALA F 43 1.47 42.26 0.96
N PRO F 44 1.84 40.96 1.11
CA PRO F 44 3.20 40.59 0.72
C PRO F 44 3.43 40.75 -0.76
N LYS F 45 4.66 41.11 -1.11
CA LYS F 45 5.08 41.36 -2.47
C LYS F 45 6.19 40.37 -2.78
N ARG F 46 6.12 39.77 -3.96
CA ARG F 46 7.05 38.73 -4.35
C ARG F 46 8.31 39.32 -5.00
N LEU F 47 9.49 38.85 -4.56
CA LEU F 47 10.79 39.37 -4.99
C LEU F 47 11.53 38.46 -5.96
N ILE F 48 11.70 37.21 -5.55
CA ILE F 48 12.36 36.16 -6.34
C ILE F 48 11.29 35.15 -6.68
N TYR F 49 11.36 34.57 -7.87
CA TYR F 49 10.51 33.45 -8.26
C TYR F 49 11.33 32.39 -8.96
N ALA F 50 10.82 31.17 -8.98
CA ALA F 50 11.58 30.01 -9.46
C ALA F 50 12.99 29.96 -8.85
N ALA F 51 13.05 30.19 -7.54
CA ALA F 51 14.27 30.10 -6.70
C ALA F 51 15.28 31.24 -6.86
N SER F 52 15.63 31.57 -8.10
CA SER F 52 16.65 32.60 -8.37
C SER F 52 16.23 33.74 -9.32
N SER F 53 15.05 33.65 -9.94
CA SER F 53 14.69 34.59 -10.99
C SER F 53 14.02 35.82 -10.39
N LEU F 54 14.83 36.86 -10.23
CA LEU F 54 14.40 38.22 -9.85
C LEU F 54 13.14 38.76 -10.57
N GLU F 55 12.17 39.22 -9.79
CA GLU F 55 10.93 39.84 -10.28
C GLU F 55 11.20 41.19 -10.94
N SER F 56 10.26 41.68 -11.77
CA SER F 56 10.43 42.96 -12.48
C SER F 56 10.36 44.16 -11.55
N GLY F 57 11.36 45.03 -11.64
CA GLY F 57 11.43 46.23 -10.81
C GLY F 57 11.76 45.99 -9.36
N VAL F 58 12.53 44.94 -9.09
CA VAL F 58 13.06 44.64 -7.76
C VAL F 58 14.56 44.95 -7.85
N PRO F 59 15.09 45.75 -6.90
CA PRO F 59 16.51 46.06 -6.92
C PRO F 59 17.42 44.84 -7.00
N SER F 60 18.55 45.01 -7.69
CA SER F 60 19.52 43.94 -7.88
C SER F 60 20.31 43.54 -6.61
N ARG F 61 20.12 44.23 -5.49
CA ARG F 61 20.71 43.74 -4.22
C ARG F 61 20.15 42.36 -3.89
N PHE F 62 18.83 42.22 -4.04
CA PHE F 62 18.15 40.95 -3.84
C PHE F 62 18.65 39.90 -4.85
N SER F 63 18.88 38.69 -4.38
CA SER F 63 19.26 37.59 -5.26
C SER F 63 18.86 36.28 -4.61
N GLY F 64 18.49 35.32 -5.45
CA GLY F 64 18.03 34.03 -5.00
C GLY F 64 18.98 32.96 -5.49
N SER F 65 19.16 31.93 -4.68
CA SER F 65 19.99 30.79 -5.05
C SER F 65 19.61 29.61 -4.20
N GLY F 66 19.83 28.42 -4.74
CA GLY F 66 19.41 27.19 -4.09
C GLY F 66 18.69 26.29 -5.06
N SER F 67 18.63 25.01 -4.69
CA SER F 67 17.92 24.02 -5.50
C SER F 67 17.62 22.76 -4.68
N GLY F 68 16.49 22.14 -4.99
CA GLY F 68 16.08 20.90 -4.34
C GLY F 68 15.61 21.08 -2.92
N THR F 69 16.55 21.34 -2.02
CA THR F 69 16.25 21.42 -0.58
C THR F 69 16.79 22.63 0.20
N GLU F 70 17.92 23.21 -0.23
CA GLU F 70 18.49 24.44 0.37
C GLU F 70 18.16 25.64 -0.52
N PHE F 71 17.56 26.67 0.07
CA PHE F 71 17.23 27.92 -0.64
C PHE F 71 17.66 29.14 0.17
N THR F 72 18.19 30.14 -0.51
CA THR F 72 18.86 31.29 0.10
C THR F 72 18.43 32.60 -0.58
N LEU F 73 17.87 33.52 0.20
CA LEU F 73 17.70 34.92 -0.23
C LEU F 73 18.86 35.72 0.33
N THR F 74 19.32 36.69 -0.46
CA THR F 74 20.52 37.45 -0.14
C THR F 74 20.35 38.89 -0.58
N ILE F 75 20.41 39.80 0.37
CA ILE F 75 20.48 41.22 0.08
C ILE F 75 21.95 41.57 0.25
N SER F 76 22.55 42.15 -0.78
CA SER F 76 23.97 42.51 -0.74
C SER F 76 24.23 43.76 0.10
N SER F 77 23.33 44.75 -0.03
CA SER F 77 23.45 46.03 0.68
C SER F 77 22.10 46.48 1.24
N VAL F 78 21.74 45.98 2.43
CA VAL F 78 20.45 46.33 3.04
C VAL F 78 20.27 47.83 3.16
N GLN F 79 19.23 48.36 2.53
CA GLN F 79 18.85 49.76 2.71
C GLN F 79 17.72 49.87 3.77
N PRO F 80 17.45 51.09 4.28
CA PRO F 80 16.36 51.33 5.24
C PRO F 80 15.00 50.69 4.90
N GLU F 81 14.66 50.65 3.61
CA GLU F 81 13.40 50.03 3.17
C GLU F 81 13.33 48.51 3.34
N ASP F 82 14.48 47.85 3.51
CA ASP F 82 14.57 46.37 3.60
C ASP F 82 14.38 45.80 5.01
N PHE F 83 14.38 46.65 6.03
CA PHE F 83 14.21 46.18 7.41
C PHE F 83 12.75 45.85 7.73
N VAL F 84 12.31 44.73 7.16
CA VAL F 84 10.92 44.26 7.22
C VAL F 84 10.94 42.72 7.30
N THR F 85 9.77 42.09 7.16
CA THR F 85 9.66 40.61 7.24
C THR F 85 9.67 39.95 5.85
N TYR F 86 10.28 38.77 5.76
CA TYR F 86 10.44 38.03 4.49
C TYR F 86 10.04 36.58 4.66
N TYR F 87 9.30 36.04 3.71
CA TYR F 87 8.91 34.62 3.70
C TYR F 87 9.32 33.93 2.41
N CYS F 88 9.75 32.68 2.53
CA CYS F 88 9.77 31.75 1.40
C CYS F 88 8.44 31.08 1.30
N LEU F 89 8.03 30.78 0.07
CA LEU F 89 6.86 29.97 -0.22
C LEU F 89 7.29 28.87 -1.14
N GLN F 90 6.75 27.69 -0.92
CA GLN F 90 6.95 26.55 -1.81
C GLN F 90 5.65 26.28 -2.57
N HIS F 91 5.73 26.05 -3.89
CA HIS F 91 4.56 25.71 -4.72
C HIS F 91 4.75 24.39 -5.51
N ASN F 92 5.43 23.43 -4.88
CA ASN F 92 5.72 22.15 -5.49
C ASN F 92 4.63 21.11 -5.17
N SER F 93 4.02 21.21 -3.99
CA SER F 93 2.90 20.35 -3.61
C SER F 93 1.88 21.05 -2.72
N ASN F 94 0.62 20.64 -2.88
CA ASN F 94 -0.42 20.96 -1.93
C ASN F 94 -0.16 20.14 -0.68
N PRO F 95 -0.33 20.70 0.51
CA PRO F 95 -0.67 22.11 0.72
C PRO F 95 0.54 23.03 0.52
N LEU F 96 0.37 24.17 -0.16
CA LEU F 96 1.45 25.15 -0.27
C LEU F 96 1.81 25.61 1.14
N THR F 97 3.10 25.69 1.44
CA THR F 97 3.57 25.95 2.79
C THR F 97 4.62 27.03 2.78
N PHE F 98 4.56 27.89 3.79
CA PHE F 98 5.50 28.99 3.94
C PHE F 98 6.53 28.63 4.98
N GLY F 99 7.65 29.34 4.96
CA GLY F 99 8.53 29.38 6.11
C GLY F 99 7.92 30.24 7.19
N GLY F 100 8.40 30.08 8.41
CA GLY F 100 7.90 30.85 9.56
C GLY F 100 8.06 32.37 9.49
N GLY F 101 9.01 32.84 8.69
CA GLY F 101 9.19 34.27 8.40
C GLY F 101 10.43 34.79 9.08
N THR F 102 11.08 35.78 8.47
CA THR F 102 12.30 36.38 9.03
C THR F 102 12.21 37.89 9.16
N LYS F 103 12.16 38.40 10.40
CA LYS F 103 12.20 39.84 10.64
C LYS F 103 13.63 40.35 10.59
N VAL F 104 13.87 41.37 9.77
CA VAL F 104 15.17 42.02 9.68
C VAL F 104 15.11 43.33 10.47
N GLU F 105 15.60 43.32 11.71
CA GLU F 105 15.60 44.54 12.54
C GLU F 105 16.89 45.35 12.35
N ILE F 106 16.85 46.65 12.66
CA ILE F 106 18.00 47.57 12.43
C ILE F 106 18.91 47.64 13.66
N LYS F 107 20.12 47.09 13.52
CA LYS F 107 21.10 46.96 14.60
C LYS F 107 21.59 48.30 15.13
N ARG F 108 21.94 48.32 16.40
CA ARG F 108 22.44 49.52 17.07
C ARG F 108 23.10 49.13 18.40
N THR F 109 23.66 50.12 19.11
CA THR F 109 24.30 49.86 20.39
C THR F 109 23.28 49.45 21.47
N VAL F 110 23.82 48.84 22.52
CA VAL F 110 23.01 48.35 23.63
C VAL F 110 22.59 49.56 24.47
N ALA F 111 21.31 49.62 24.80
CA ALA F 111 20.76 50.73 25.58
C ALA F 111 19.77 50.16 26.59
N ALA F 112 20.03 50.39 27.88
CA ALA F 112 19.20 49.82 28.94
C ALA F 112 17.87 50.55 29.01
N PRO F 113 16.80 49.83 29.40
CA PRO F 113 15.52 50.51 29.49
C PRO F 113 15.52 51.45 30.69
N SER F 114 14.87 52.60 30.54
CA SER F 114 14.56 53.43 31.69
C SER F 114 13.19 52.92 32.14
N VAL F 115 13.12 52.49 33.40
CA VAL F 115 11.97 51.77 33.96
C VAL F 115 11.01 52.74 34.67
N PHE F 116 9.71 52.49 34.55
CA PHE F 116 8.67 53.32 35.15
C PHE F 116 7.50 52.44 35.63
N ILE F 117 6.89 52.82 36.75
CA ILE F 117 5.74 52.08 37.29
C ILE F 117 4.58 53.05 37.56
N PHE F 118 3.36 52.56 37.40
CA PHE F 118 2.16 53.38 37.50
C PHE F 118 1.12 52.64 38.34
N PRO F 119 0.71 53.20 39.51
CA PRO F 119 -0.33 52.52 40.27
C PRO F 119 -1.70 52.68 39.62
N PRO F 120 -2.68 51.82 39.96
CA PRO F 120 -3.97 51.84 39.28
C PRO F 120 -4.78 53.07 39.67
N SER F 121 -5.36 53.76 38.69
CA SER F 121 -6.14 54.97 38.95
C SER F 121 -7.33 54.69 39.87
N ASP F 122 -7.76 55.73 40.59
CA ASP F 122 -8.89 55.63 41.51
C ASP F 122 -10.17 55.19 40.80
N GLU F 123 -10.46 55.84 39.66
CA GLU F 123 -11.65 55.51 38.86
C GLU F 123 -11.63 54.08 38.28
N GLN F 124 -10.45 53.48 38.11
CA GLN F 124 -10.39 52.05 37.77
C GLN F 124 -10.80 51.18 38.95
N LEU F 125 -10.29 51.49 40.15
CA LEU F 125 -10.62 50.72 41.36
C LEU F 125 -12.13 50.70 41.64
N LYS F 126 -12.77 51.86 41.53
CA LYS F 126 -14.25 51.98 41.52
C LYS F 126 -14.94 50.85 40.74
N SER F 127 -14.48 50.61 39.52
CA SER F 127 -15.10 49.64 38.60
C SER F 127 -14.91 48.16 39.00
N GLY F 128 -13.92 47.87 39.83
CA GLY F 128 -13.72 46.54 40.41
C GLY F 128 -12.54 45.73 39.89
N THR F 129 -11.59 46.40 39.22
CA THR F 129 -10.32 45.78 38.82
C THR F 129 -9.16 46.78 38.97
N ALA F 130 -7.95 46.25 39.16
CA ALA F 130 -6.73 47.07 39.29
C ALA F 130 -5.67 46.63 38.27
N SER F 131 -5.38 47.52 37.30
CA SER F 131 -4.31 47.30 36.33
C SER F 131 -3.11 48.11 36.79
N VAL F 132 -1.98 47.43 36.96
CA VAL F 132 -0.73 48.09 37.27
C VAL F 132 0.18 47.90 36.08
N VAL F 133 0.71 49.00 35.52
CA VAL F 133 1.62 48.88 34.39
C VAL F 133 3.05 49.27 34.75
N CYS F 134 3.98 48.54 34.13
CA CYS F 134 5.39 48.77 34.24
C CYS F 134 5.86 49.05 32.83
N LEU F 135 6.68 50.08 32.67
CA LEU F 135 7.09 50.56 31.35
C LEU F 135 8.61 50.56 31.21
N LEU F 136 9.11 49.66 30.37
CA LEU F 136 10.51 49.62 29.98
C LEU F 136 10.63 50.48 28.75
N ASN F 137 11.42 51.56 28.83
CA ASN F 137 11.39 52.59 27.81
C ASN F 137 12.72 52.79 27.07
N ASN F 138 12.64 52.82 25.73
CA ASN F 138 13.77 53.10 24.85
C ASN F 138 14.98 52.22 25.13
N PHE F 139 14.83 50.93 24.87
CA PHE F 139 15.92 49.98 25.04
C PHE F 139 16.27 49.23 23.77
N TYR F 140 17.45 48.59 23.80
CA TYR F 140 17.91 47.73 22.72
C TYR F 140 19.01 46.81 23.28
N PRO F 141 19.03 45.51 22.94
CA PRO F 141 18.04 44.83 22.08
C PRO F 141 16.67 44.60 22.70
N ARG F 142 15.75 44.15 21.87
CA ARG F 142 14.33 43.91 22.24
C ARG F 142 14.14 42.93 23.40
N GLU F 143 14.99 41.91 23.50
CA GLU F 143 14.76 40.88 24.51
C GLU F 143 15.08 41.44 25.91
N ALA F 144 14.01 41.69 26.66
CA ALA F 144 14.05 42.14 28.06
C ALA F 144 13.16 41.21 28.87
N LYS F 145 13.19 41.37 30.20
CA LYS F 145 12.48 40.45 31.10
C LYS F 145 11.83 41.18 32.25
N VAL F 146 10.50 41.17 32.27
CA VAL F 146 9.73 41.81 33.32
C VAL F 146 9.23 40.74 34.27
N GLN F 147 9.60 40.86 35.54
CA GLN F 147 9.18 39.91 36.56
C GLN F 147 8.44 40.63 37.66
N TRP F 148 7.11 40.59 37.59
CA TRP F 148 6.24 41.14 38.64
C TRP F 148 6.45 40.44 39.97
N LYS F 149 6.63 41.25 41.01
CA LYS F 149 6.75 40.78 42.39
C LYS F 149 5.76 41.55 43.25
N VAL F 150 4.95 40.81 44.00
CA VAL F 150 3.98 41.42 44.91
C VAL F 150 4.17 40.76 46.27
N ASP F 151 4.36 41.58 47.30
CA ASP F 151 4.73 41.10 48.64
C ASP F 151 5.95 40.16 48.57
N ASN F 152 6.96 40.58 47.81
CA ASN F 152 8.18 39.80 47.59
C ASN F 152 7.93 38.39 47.03
N ALA F 153 6.81 38.20 46.32
CA ALA F 153 6.40 36.90 45.82
C ALA F 153 6.32 36.98 44.31
N LEU F 154 6.89 35.98 43.65
CA LEU F 154 6.91 35.94 42.18
C LEU F 154 5.50 35.81 41.63
N GLN F 155 5.24 36.49 40.51
CA GLN F 155 3.93 36.49 39.87
C GLN F 155 4.00 35.90 38.48
N SER F 156 3.02 35.07 38.15
CA SER F 156 3.00 34.37 36.89
C SER F 156 1.58 34.07 36.42
N GLY F 157 1.40 34.02 35.11
CA GLY F 157 0.11 33.75 34.48
C GLY F 157 -0.93 34.86 34.54
N ASN F 158 -0.56 36.01 35.12
CA ASN F 158 -1.54 37.05 35.50
C ASN F 158 -1.28 38.43 34.88
N SER F 159 -0.28 38.53 34.01
CA SER F 159 0.15 39.78 33.40
C SER F 159 0.27 39.59 31.91
N GLN F 160 0.35 40.71 31.19
CA GLN F 160 0.42 40.71 29.73
C GLN F 160 1.38 41.77 29.27
N GLU F 161 2.19 41.41 28.28
CA GLU F 161 3.23 42.29 27.76
C GLU F 161 2.85 42.73 26.36
N SER F 162 3.40 43.88 25.98
CA SER F 162 3.17 44.46 24.66
C SER F 162 4.42 45.27 24.29
N VAL F 163 4.81 45.21 23.02
CA VAL F 163 6.09 45.76 22.54
C VAL F 163 5.83 46.62 21.30
N THR F 164 6.55 47.74 21.20
CA THR F 164 6.40 48.64 20.05
C THR F 164 7.23 48.10 18.91
N GLU F 165 6.91 48.51 17.69
CA GLU F 165 7.78 48.27 16.53
C GLU F 165 9.04 49.08 16.76
N GLN F 166 10.12 48.70 16.10
CA GLN F 166 11.39 49.40 16.30
C GLN F 166 11.22 50.86 15.91
N ASP F 167 11.62 51.74 16.83
CA ASP F 167 11.42 53.19 16.69
C ASP F 167 12.19 53.71 15.49
N SER F 168 11.54 54.56 14.69
CA SER F 168 12.14 55.06 13.44
C SER F 168 13.19 56.14 13.70
N LYS F 169 13.01 56.96 14.74
CA LYS F 169 14.02 57.98 15.09
C LYS F 169 15.33 57.33 15.56
N ASP F 170 15.24 56.48 16.58
CA ASP F 170 16.43 55.99 17.30
C ASP F 170 16.62 54.46 17.40
N SER F 171 15.78 53.69 16.69
CA SER F 171 15.95 52.23 16.58
C SER F 171 15.83 51.44 17.90
N THR F 172 15.27 52.06 18.94
CA THR F 172 15.02 51.37 20.21
C THR F 172 13.65 50.75 20.19
N TYR F 173 13.39 49.93 21.20
CA TYR F 173 12.09 49.34 21.47
C TYR F 173 11.63 49.81 22.83
N SER F 174 10.32 49.75 23.06
CA SER F 174 9.76 49.93 24.40
C SER F 174 8.74 48.84 24.62
N LEU F 175 8.63 48.35 25.86
CA LEU F 175 7.61 47.37 26.21
C LEU F 175 6.87 47.79 27.46
N SER F 176 5.63 47.34 27.57
CA SER F 176 4.81 47.56 28.74
C SER F 176 4.25 46.23 29.20
N SER F 177 4.27 46.02 30.51
CA SER F 177 3.82 44.79 31.11
C SER F 177 2.73 45.21 32.08
N THR F 178 1.48 44.88 31.75
CA THR F 178 0.31 45.32 32.53
C THR F 178 -0.13 44.16 33.41
N LEU F 179 -0.09 44.35 34.73
CA LEU F 179 -0.49 43.32 35.68
C LEU F 179 -1.90 43.65 36.09
N THR F 180 -2.83 42.74 35.80
CA THR F 180 -4.24 42.96 36.09
C THR F 180 -4.72 41.93 37.10
N LEU F 181 -5.30 42.45 38.18
CA LEU F 181 -5.94 41.65 39.22
C LEU F 181 -7.21 42.39 39.62
N SER F 182 -8.15 41.64 40.20
CA SER F 182 -9.37 42.24 40.73
C SER F 182 -9.00 43.17 41.87
N LYS F 183 -9.85 44.16 42.12
CA LYS F 183 -9.69 45.04 43.28
C LYS F 183 -9.54 44.18 44.53
N ALA F 184 -10.40 43.17 44.66
CA ALA F 184 -10.35 42.22 45.79
C ALA F 184 -8.98 41.57 45.96
N ASP F 185 -8.45 40.97 44.89
CA ASP F 185 -7.07 40.44 44.87
C ASP F 185 -6.05 41.55 45.16
N TYR F 186 -6.24 42.69 44.51
CA TYR F 186 -5.35 43.85 44.64
C TYR F 186 -5.25 44.42 46.06
N GLU F 187 -6.38 44.47 46.77
CA GLU F 187 -6.40 45.03 48.12
C GLU F 187 -5.81 44.10 49.19
N LYS F 188 -5.56 42.83 48.85
CA LYS F 188 -4.87 41.89 49.75
C LYS F 188 -3.37 42.19 49.98
N HIS F 189 -2.65 42.62 48.94
CA HIS F 189 -1.18 42.71 48.99
C HIS F 189 -0.69 44.13 49.00
N LYS F 190 0.30 44.43 49.84
CA LYS F 190 0.72 45.80 50.06
C LYS F 190 1.68 46.31 48.97
N VAL F 191 2.78 45.59 48.78
CA VAL F 191 3.91 46.05 47.93
C VAL F 191 3.87 45.38 46.55
N TYR F 192 3.93 46.22 45.51
CA TYR F 192 3.94 45.80 44.10
C TYR F 192 5.24 46.29 43.50
N ALA F 193 6.07 45.35 43.05
CA ALA F 193 7.36 45.66 42.45
C ALA F 193 7.38 45.14 41.03
N CYS F 194 8.25 45.75 40.22
CA CYS F 194 8.44 45.37 38.84
C CYS F 194 9.93 45.22 38.59
N GLU F 195 10.41 43.98 38.58
CA GLU F 195 11.82 43.68 38.34
C GLU F 195 12.07 43.58 36.84
N VAL F 196 12.99 44.41 36.32
CA VAL F 196 13.40 44.37 34.92
C VAL F 196 14.85 43.92 34.80
N THR F 197 15.09 43.04 33.82
CA THR F 197 16.38 42.43 33.53
C THR F 197 16.67 42.58 32.03
N HIS F 198 17.83 43.12 31.69
CA HIS F 198 18.19 43.43 30.30
C HIS F 198 19.71 43.48 30.16
N GLN F 199 20.21 43.30 28.94
CA GLN F 199 21.63 43.09 28.65
C GLN F 199 22.51 44.33 28.90
N GLY F 200 21.91 45.52 28.79
CA GLY F 200 22.51 46.77 29.26
C GLY F 200 22.42 47.03 30.75
N LEU F 201 22.06 46.01 31.54
CA LEU F 201 21.87 46.11 32.98
C LEU F 201 22.74 45.06 33.67
N SER F 202 23.86 45.48 34.25
CA SER F 202 24.64 44.62 35.14
C SER F 202 23.82 44.11 36.32
N SER F 203 22.88 44.93 36.79
CA SER F 203 22.06 44.63 37.96
C SER F 203 20.59 44.95 37.61
N PRO F 204 19.62 44.13 38.08
CA PRO F 204 18.27 44.38 37.58
C PRO F 204 17.67 45.66 38.18
N VAL F 205 16.82 46.33 37.42
CA VAL F 205 16.18 47.57 37.88
C VAL F 205 14.79 47.22 38.39
N THR F 206 14.53 47.61 39.64
CA THR F 206 13.29 47.32 40.32
C THR F 206 12.61 48.63 40.66
N LYS F 207 11.41 48.83 40.13
CA LYS F 207 10.54 49.93 40.51
C LYS F 207 9.39 49.32 41.29
N SER F 208 9.10 49.88 42.45
CA SER F 208 8.04 49.36 43.31
C SER F 208 7.30 50.47 44.06
N PHE F 209 6.04 50.20 44.34
CA PHE F 209 5.22 51.05 45.19
C PHE F 209 4.44 50.11 46.10
N ASN F 210 3.94 50.63 47.21
CA ASN F 210 3.16 49.81 48.14
C ASN F 210 1.86 50.45 48.61
N ARG F 211 0.91 50.58 47.68
CA ARG F 211 -0.39 51.22 47.92
C ARG F 211 -0.37 52.54 48.72
N GLY F 212 0.69 53.32 48.55
CA GLY F 212 0.65 54.71 48.97
C GLY F 212 -0.21 55.33 47.89
N GLU F 213 -1.12 56.23 48.24
CA GLU F 213 -1.94 56.92 47.24
C GLU F 213 -1.04 57.88 46.44
N CYS F 214 -0.08 57.29 45.72
CA CYS F 214 1.07 57.98 45.15
C CYS F 214 1.93 57.03 44.31
C1 NAG G . 5.28 -52.40 -12.96
C2 NAG G . 6.39 -51.41 -12.57
C3 NAG G . 7.65 -51.70 -13.40
C4 NAG G . 8.10 -53.12 -13.07
C5 NAG G . 7.01 -54.05 -13.59
C6 NAG G . 7.33 -55.53 -13.36
C7 NAG G . 6.55 -49.02 -12.04
C8 NAG G . 6.01 -47.65 -12.32
N2 NAG G . 5.98 -50.03 -12.72
O3 NAG G . 8.69 -50.74 -13.14
O4 NAG G . 9.39 -53.49 -13.62
O5 NAG G . 5.77 -53.76 -12.93
O6 NAG G . 6.23 -56.37 -13.76
O7 NAG G . 7.47 -49.20 -11.26
C1 NAG G . 10.55 -53.10 -12.83
C2 NAG G . 11.18 -54.28 -12.07
C3 NAG G . 12.45 -53.81 -11.34
C4 NAG G . 13.35 -52.89 -12.17
C5 NAG G . 12.58 -51.83 -12.96
C6 NAG G . 13.47 -51.03 -13.92
C7 NAG G . 10.14 -56.04 -10.54
C8 NAG G . 11.24 -57.05 -10.69
N2 NAG G . 10.18 -54.85 -11.16
O3 NAG G . 13.25 -54.95 -10.98
O4 NAG G . 14.29 -52.22 -11.32
O5 NAG G . 11.51 -52.46 -13.68
O6 NAG G . 14.85 -51.44 -13.88
O7 NAG G . 9.19 -56.31 -9.82
C1 NAG H . -8.69 -47.23 -23.37
C2 NAG H . -7.36 -47.35 -24.11
C3 NAG H . -6.88 -45.93 -24.39
C4 NAG H . -7.95 -45.23 -25.22
C5 NAG H . -9.30 -45.21 -24.50
C6 NAG H . -10.40 -44.58 -25.35
C7 NAG H . -5.44 -48.90 -23.99
C8 NAG H . -4.42 -49.55 -23.11
N2 NAG H . -6.31 -48.07 -23.38
O3 NAG H . -5.63 -46.00 -25.07
O4 NAG H . -7.58 -43.88 -25.53
O5 NAG H . -9.65 -46.55 -24.19
O6 NAG H . -10.46 -45.21 -26.65
O7 NAG H . -5.45 -49.15 -25.20
C1 NAG H . -6.96 -43.85 -26.83
C2 NAG H . -6.90 -42.45 -27.42
C3 NAG H . -6.37 -42.59 -28.84
C4 NAG H . -5.05 -43.38 -28.89
C5 NAG H . -5.14 -44.69 -28.10
C6 NAG H . -3.80 -45.39 -27.94
C7 NAG H . -8.74 -41.06 -26.43
C8 NAG H . -7.86 -40.61 -25.29
N2 NAG H . -8.25 -41.88 -27.37
O3 NAG H . -6.17 -41.30 -29.42
O4 NAG H . -4.74 -43.68 -30.25
O5 NAG H . -5.64 -44.39 -26.80
O6 NAG H . -3.97 -46.57 -27.13
O7 NAG H . -9.89 -40.65 -26.49
C1 NAG I . -15.67 -60.03 -10.27
C2 NAG I . -15.11 -61.34 -10.88
C3 NAG I . -16.07 -61.88 -11.94
C4 NAG I . -17.48 -62.04 -11.35
C5 NAG I . -17.91 -60.71 -10.74
C6 NAG I . -19.24 -60.69 -10.00
C7 NAG I . -12.84 -62.21 -11.35
C8 NAG I . -11.53 -61.98 -12.05
N2 NAG I . -13.78 -61.24 -11.49
O3 NAG I . -15.64 -63.14 -12.47
O4 NAG I . -18.42 -62.57 -12.30
O5 NAG I . -16.93 -60.43 -9.75
O6 NAG I . -19.70 -59.34 -9.98
O7 NAG I . -13.01 -63.23 -10.68
C1 NAG I . -18.83 -61.71 -13.38
C2 NAG I . -19.12 -62.60 -14.60
C3 NAG I . -19.76 -61.78 -15.71
C4 NAG I . -20.95 -60.99 -15.17
C5 NAG I . -20.46 -60.06 -14.06
C6 NAG I . -21.56 -59.12 -13.56
C7 NAG I . -17.45 -64.49 -14.74
C8 NAG I . -18.20 -65.37 -13.78
N2 NAG I . -17.91 -63.26 -15.08
O3 NAG I . -20.18 -62.63 -16.79
O4 NAG I . -21.60 -60.25 -16.21
O5 NAG I . -19.97 -60.90 -13.02
O6 NAG I . -21.40 -58.80 -12.17
O7 NAG I . -16.41 -64.90 -15.22
C1 NAG J . -15.36 10.44 -30.37
C2 NAG J . -14.28 9.47 -29.89
C3 NAG J . -13.49 8.98 -31.11
C4 NAG J . -14.41 8.36 -32.18
C5 NAG J . -15.69 9.22 -32.42
C6 NAG J . -16.90 8.55 -33.10
C7 NAG J . -12.72 11.17 -28.96
C8 NAG J . -11.97 11.57 -27.74
N2 NAG J . -13.44 10.04 -28.83
O3 NAG J . -12.49 8.04 -30.72
O4 NAG J . -13.56 8.27 -33.35
O5 NAG J . -16.25 9.68 -31.17
O6 NAG J . -16.88 7.12 -32.97
O7 NAG J . -12.67 11.86 -29.97
C1 NAG J . -14.12 7.55 -34.48
C2 NAG J . -13.32 7.88 -35.74
C3 NAG J . -13.89 7.13 -36.93
C4 NAG J . -14.05 5.64 -36.62
C5 NAG J . -14.87 5.46 -35.34
C6 NAG J . -15.07 4.00 -34.95
C7 NAG J . -12.42 10.22 -35.87
C8 NAG J . -11.04 9.78 -35.48
N2 NAG J . -13.41 9.32 -35.97
O3 NAG J . -13.03 7.30 -38.06
O4 NAG J . -14.68 5.02 -37.75
O5 NAG J . -14.20 6.14 -34.27
O6 NAG J . -16.01 3.95 -33.86
O7 NAG J . -12.64 11.40 -36.09
C1 NAG K . -5.98 -2.59 -21.43
C2 NAG K . -5.00 -3.29 -20.46
C3 NAG K . -5.31 -4.79 -20.36
C4 NAG K . -6.74 -5.07 -19.90
C5 NAG K . -7.63 -4.25 -20.87
C6 NAG K . -9.14 -4.21 -20.60
C7 NAG K . -2.96 -3.47 -21.88
C8 NAG K . -1.48 -3.21 -21.97
N2 NAG K . -3.57 -3.10 -20.74
O3 NAG K . -4.31 -5.40 -19.54
O4 NAG K . -6.86 -6.53 -19.93
O5 NAG K . -7.26 -2.86 -20.87
O6 NAG K . -9.42 -4.12 -19.20
O7 NAG K . -3.55 -3.98 -22.83
C1 NAG K . -8.02 -7.27 -19.43
C2 NAG K . -7.75 -8.04 -18.12
C3 NAG K . -9.01 -8.74 -17.59
C4 NAG K . -10.24 -7.85 -17.59
C5 NAG K . -10.40 -7.27 -19.00
C6 NAG K . -11.66 -6.41 -19.16
C7 NAG K . -5.40 -8.91 -18.00
C8 NAG K . -4.87 -7.66 -17.35
N2 NAG K . -6.70 -9.04 -18.31
O3 NAG K . -8.79 -9.22 -16.25
O4 NAG K . -11.41 -8.56 -17.17
O5 NAG K . -9.22 -6.50 -19.23
O6 NAG K . -11.83 -6.00 -20.52
O7 NAG K . -4.63 -9.84 -18.22
C1 NAG L . -4.44 -64.39 0.11
C2 NAG L . -5.62 -64.57 -0.85
C3 NAG L . -6.85 -65.07 -0.11
C4 NAG L . -6.54 -66.30 0.72
C5 NAG L . -5.25 -66.14 1.55
C6 NAG L . -4.81 -67.48 2.15
C7 NAG L . -6.24 -62.17 -1.16
C8 NAG L . -6.63 -61.19 -2.23
N2 NAG L . -6.00 -63.40 -1.64
O3 NAG L . -7.90 -65.37 -1.06
O4 NAG L . -7.65 -66.55 1.60
O5 NAG L . -4.18 -65.65 0.74
O6 NAG L . -4.00 -67.24 3.31
O7 NAG L . -6.16 -61.83 0.02
CAA 97V M . -35.07 -30.31 61.36
CAE 97V M . -36.11 -32.85 60.50
CAF 97V M . -37.30 -33.11 59.83
CAG 97V M . -37.30 -34.01 58.75
CAH 97V M . -36.11 -34.62 58.34
CAI 97V M . -34.92 -34.35 59.02
CAK 97V M . -33.16 -34.69 57.50
CAN 97V M . -30.96 -35.68 58.30
CAO 97V M . -31.17 -37.00 58.77
CAP 97V M . -31.20 -38.07 57.89
CAQ 97V M . -31.37 -39.37 58.34
CAR 97V M . -31.49 -39.64 59.70
CAS 97V M . -31.66 -40.95 60.12
CAV 97V M . -32.96 -42.86 59.94
NAJ 97V M . -33.70 -34.85 58.74
NAM 97V M . -31.88 -35.17 57.24
NAU 97V M . -32.74 -41.59 59.62
NAW 97V M . -33.36 -43.78 59.06
NAX 97V M . -33.50 -44.93 59.73
NAY 97V M . -33.19 -44.70 61.02
NAZ 97V M . -32.86 -43.41 61.14
OAC 97V M . -35.27 -32.43 63.01
OAD 97V M . -37.40 -31.31 62.31
OAL 97V M . -33.83 -34.19 56.59
OAT 97V M . -30.82 -41.47 60.88
SAB 97V M . -36.00 -31.74 61.85
CBA 97V M . -31.43 -38.57 60.61
CBB 97V M . -31.26 -37.26 60.14
CBC 97V M . -31.39 -34.92 56.01
CBD 97V M . -31.13 -35.89 55.04
CBE 97V M . -30.59 -35.52 53.79
CBF 97V M . -30.30 -34.19 53.48
CBG 97V M . -29.77 -33.90 52.18
CBH 97V M . -29.84 -32.38 51.80
CBI 97V M . -29.32 -32.20 50.36
CBJ 97V M . -27.85 -32.64 50.40
CBK 97V M . -27.76 -34.13 50.70
CBL 97V M . -28.32 -34.41 52.09
CBM 97V M . -30.56 -33.23 54.46
CBN 97V M . -31.09 -33.58 55.70
CBO 97V M . -34.94 -33.46 60.08
C1 NAG N . -19.26 11.85 -10.15
C2 NAG N . -20.61 11.12 -10.00
C3 NAG N . -21.56 12.02 -9.19
C4 NAG N . -20.95 12.18 -7.80
C5 NAG N . -19.58 12.85 -7.97
C6 NAG N . -18.84 13.07 -6.66
C7 NAG N . -21.81 11.37 -12.19
C8 NAG N . -22.24 10.58 -13.39
N2 NAG N . -21.15 10.63 -11.27
O3 NAG N . -22.88 11.49 -9.12
O4 NAG N . -21.81 12.96 -6.94
O5 NAG N . -18.76 12.03 -8.82
O6 NAG N . -17.63 13.81 -6.94
O7 NAG N . -22.04 12.56 -12.09
C1 NAG O . -8.35 -3.36 -4.48
C2 NAG O . -8.32 -4.07 -3.09
C3 NAG O . -7.76 -5.50 -3.23
C4 NAG O . -8.56 -6.28 -4.26
C5 NAG O . -8.75 -5.51 -5.57
C6 NAG O . -9.78 -6.27 -6.40
C7 NAG O . -6.74 -3.61 -1.13
C8 NAG O . -6.37 -2.51 -0.18
N2 NAG O . -7.69 -3.27 -2.02
O3 NAG O . -7.88 -6.24 -2.02
O4 NAG O . -7.85 -7.48 -4.53
O5 NAG O . -9.18 -4.15 -5.35
O6 NAG O . -9.84 -5.73 -7.73
O7 NAG O . -6.17 -4.68 -1.05
CAA 97V P . 43.93 49.53 -56.63
CAE 97V P . 43.13 46.80 -56.20
CAF 97V P . 43.63 45.59 -55.70
CAG 97V P . 42.78 44.79 -54.93
CAH 97V P . 41.47 45.18 -54.67
CAI 97V P . 40.96 46.41 -55.17
CAK 97V P . 38.85 46.60 -53.98
CAN 97V P . 37.10 48.21 -54.86
CAO 97V P . 36.75 47.78 -56.16
CAP 97V P . 36.04 46.59 -56.39
CAQ 97V P . 35.69 46.21 -57.68
CAR 97V P . 36.02 47.00 -58.78
CAS 97V P . 35.66 46.62 -60.06
CAV 97V P . 35.66 44.96 -61.67
NAJ 97V P . 39.70 46.92 -55.01
NAM 97V P . 37.61 47.17 -53.93
NAU 97V P . 36.03 45.37 -60.46
NAW 97V P . 35.27 43.72 -61.95
NAX 97V P . 35.01 43.67 -63.26
NAY 97V P . 35.25 44.89 -63.77
NAZ 97V P . 35.67 45.69 -62.78
OAC 97V P . 43.71 47.74 -58.64
OAD 97V P . 45.61 47.45 -57.04
OAL 97V P . 39.18 45.80 -53.10
OAT 97V P . 35.00 47.40 -60.76
SAB 97V P . 44.14 47.85 -57.17
CBA 97V P . 36.70 48.21 -58.56
CBB 97V P . 37.06 48.59 -57.26
CBC 97V P . 36.84 46.82 -52.88
CBD 97V P . 36.10 45.62 -52.86
CBE 97V P . 35.33 45.26 -51.76
CBF 97V P . 35.26 46.10 -50.64
CBG 97V P . 34.47 45.72 -49.52
CBH 97V P . 35.40 45.53 -48.27
CBI 97V P . 34.55 45.06 -47.08
CBJ 97V P . 33.55 46.19 -46.83
CBK 97V P . 32.58 46.32 -47.99
CBL 97V P . 33.35 46.74 -49.24
CBM 97V P . 36.00 47.30 -50.65
CBN 97V P . 36.78 47.65 -51.76
CBO 97V P . 41.82 47.19 -55.94
#